data_7JRO
#
_entry.id   7JRO
#
_cell.length_a   1.00
_cell.length_b   1.00
_cell.length_c   1.00
_cell.angle_alpha   90.00
_cell.angle_beta   90.00
_cell.angle_gamma   90.00
#
_symmetry.space_group_name_H-M   'P 1'
#
loop_
_entity.id
_entity.type
_entity.pdbx_description
1 polymer COX1
2 polymer 'Cytochrome c oxidase subunit 2'
3 polymer COX3
4 polymer COX4
5 polymer 'cytochrome c oxidase subunit 5b-2, mitochondrial'
6 polymer 'cytochrome c oxidase subunit 6a, mitochondrial'
7 polymer 'cytochrome c oxidase subunit 6b-1'
8 polymer 'Cytochrome c oxidase subunit 5C'
9 polymer COX7a
10 polymer COX7c
11 non-polymer HEME-A
12 non-polymer 'COPPER (II) ION'
13 non-polymer 'MAGNESIUM ION'
14 non-polymer 1,2-DIACYL-SN-GLYCERO-3-PHOSPHOCHOLINE
15 non-polymer 1,2-Distearoyl-sn-glycerophosphoethanolamine
16 non-polymer CARDIOLIPIN
17 non-polymer 'DINUCLEAR COPPER ION'
18 non-polymer 'ZINC ION'
19 non-polymer LYSINE
#
loop_
_entity_poly.entity_id
_entity_poly.type
_entity_poly.pdbx_seq_one_letter_code
_entity_poly.pdbx_strand_id
1 'polypeptide(L)'
;MTNPVRWLFSTNHKDIGTLYFIFGAIAGVMGTCFSVLIRMELARPGDQILGGNHQLYNVLITAHAFLMIFFMVMPAMIGG
FGNWFVPILIGAPDMAFPRLNNISFWLLPPSLLLLLSSALVEVGSGTGWTVYPPLSGITSHSGGAVDLAIFSLHLSGVSS
ILGSINFITTIFNMRGPGMTMHRSPLFVWSVLVTAFLLLLSLPVLAGAITMLLTDRNFNTTFFDPAGGGDPILYQHLFWF
FGHPEVYILILPGFGIISHIVSTFSGKPVFGYLGMVYAMISIGVLGFLVWAHHMFTVGLDVDTRAYFTAATMIIAVPTGI
KIFSWIATMWGGSIQYKTPMLFAVGFIFLFTIGGLTGIVLANSGLDIALHDTYYVVAHFHYVLSMGAVFALFAGFYYWVG
KIFGRTYPETLGQIHFWITFFGVNLTFFPMHFLGLSGMPRRIPDYPDAYAGWNALSSFGSYISVVGICCFFVVVTITSTS
GNNITRANIPWAVEQNSTTLEWLVQSPPAFHTFGELPAIKETKSYVK
;
a
2 'polypeptide(L)'
;MCGGFPAISFCDAPEPWQLGFQDAATPIMQGIMDLHHDIFFFLVQIAVFVLWVLSRALWCFRSKISPIPQRIVHGTTIEI
LWTIFPSIILMFIAIPSFTLLYSMDDVVVDPAITIKAIGHQWYWSYEYSDYNNSDEQSLAFDSYMVPEDDLELGQLRLLE
VDNRVVVPAKTHLRVLITSADVLHSWAVPSLGVKCDAVPGRLNQISTFIQREGVYYGQCSEICGTNHAFMPIVVEAVSTK
DYGSWVSNQIQ
;
b
3 'polypeptide(L)'
;MIESQRHSYHLVDPSPWPISGSLGALATTVGGVMYMHSFQGGATLLSLGLIFILYTMFVWWRDVLRESTLEGHHTKVVQL
GLRYGFILFIVSEVMFLFAFFWAFFHSSLAPTVEIGGIWPPLGIWVLDPWEIPFLNTLILLSSGAAVTWAHHAILAGKEK
RAVYALVATVLLALVFTGFQGMEYYQAPFTISDSIYGSTFFLATGFHGFHVIIGTLFLIICGIRQYLGHLTKEHHVGFEA
AAWYWHFVDVVWLFLFVSIYWWGGI
;
c
4 'polypeptide(L)' MSTKYIVSAILGSFGIAWVCDYYVSEKKIFGGSTPGTITNKEWGEETDKKFQAWPRTAGPPVVVNPITRQNFVVKSRSE d
5 'polypeptide(L)'
;MLRRFLSHSNLRSLHTALSPSRPRFAAPLLTRHVTAQSGASSVRKRVEDVVPIATGHEREEIQASLEGRDILEINHPEGP
FGTKEAPAIVKSYFDRRIVGCPGGEGEDEHDVVWFWLENGKPHECPVCSQYFELKVVGPGGDPYGHGDHH
;
e
6 'polypeptide(L)'
;MATSLVRSGFLRTALRGGARGSQVPKRNFSSAGHHDDAYETAKWEKITYLGIVSCTGLAIYNLSKGHPHTEEPPAYPYLH
IRNKEFPWGPDGLFETKKHH
;
f
7 'polypeptide(L)'
;MAETAANKSQSLAEEYHVSDKQEKTAVVEKPVEVKEVENPQEAGSVEAVVEKIVEETTPVAPAVAQESSEVSPPPAEESA
EESTEEQSSGNVEDNSGNEDAAEKTPEIKLETAPADFRFPTTNQTRHCFTRYIEYHRCVAAKGEGASECDKFAKYYRSLC
PGEWIDRWNEQRENGTFPGPL
;
g
8 'polypeptide(L)' MAGPRIAHATLKGPSVVKEIIIGITLGLAAGSVWKMHHWNEQRKIRTFYDLLEKGEIGVVVDEQ h
9 'polypeptide(L)' MSEPPFRPREKLIEKQKHFQSVHKHTYLKGPYDKITSVAIPLALAASSLYLIGRGIYNMSHGIGKKE i
10 'polypeptide(L)'
;MAFNNALRSAAKLIASSESSISTSVSRGFHSTPMKRMGGGHGHDEPYYIHAKHMYNLDRMKHRGLKMSLAVFSAFSIGVA
VPVYAVIFQQKKTASA
;
j
#
loop_
_chem_comp.id
_chem_comp.type
_chem_comp.name
_chem_comp.formula
3PE non-polymer 1,2-Distearoyl-sn-glycerophosphoethanolamine 'C41 H82 N O8 P'
CDL non-polymer CARDIOLIPIN 'C81 H156 O17 P2 -2'
CU non-polymer 'COPPER (II) ION' 'Cu 2'
CUA non-polymer 'DINUCLEAR COPPER ION' Cu2
HEA non-polymer HEME-A 'C49 H56 Fe N4 O6'
MG non-polymer 'MAGNESIUM ION' 'Mg 2'
PC1 non-polymer 1,2-DIACYL-SN-GLYCERO-3-PHOSPHOCHOLINE 'C44 H88 N O8 P'
ZN non-polymer 'ZINC ION' 'Zn 2'
#
# COMPACT_ATOMS: atom_id res chain seq x y z
N MET A 1 8.94 -12.90 -36.22
CA MET A 1 9.42 -11.58 -35.85
C MET A 1 8.24 -10.62 -35.68
N THR A 2 7.21 -10.79 -36.51
CA THR A 2 6.03 -9.94 -36.41
C THR A 2 5.31 -10.16 -35.09
N ASN A 3 5.20 -11.40 -34.62
CA ASN A 3 4.60 -11.65 -33.31
C ASN A 3 5.43 -11.06 -32.18
N PRO A 4 6.75 -11.23 -32.13
CA PRO A 4 7.52 -10.53 -31.08
C PRO A 4 7.39 -9.02 -31.16
N VAL A 5 7.30 -8.43 -32.34
CA VAL A 5 7.03 -7.00 -32.40
C VAL A 5 5.67 -6.69 -31.77
N ARG A 6 4.65 -7.43 -32.19
CA ARG A 6 3.29 -7.17 -31.71
C ARG A 6 3.17 -7.34 -30.20
N TRP A 7 4.04 -8.13 -29.58
CA TRP A 7 3.93 -8.33 -28.14
C TRP A 7 4.92 -7.48 -27.34
N LEU A 8 6.21 -7.58 -27.62
CA LEU A 8 7.19 -6.82 -26.87
C LEU A 8 7.17 -5.33 -27.17
N PHE A 9 6.64 -4.91 -28.32
CA PHE A 9 6.74 -3.53 -28.76
C PHE A 9 5.41 -2.79 -28.77
N SER A 10 4.32 -3.47 -29.13
CA SER A 10 3.07 -2.78 -29.45
C SER A 10 2.54 -2.02 -28.24
N THR A 11 1.80 -0.95 -28.53
CA THR A 11 1.24 -0.10 -27.48
C THR A 11 -0.17 -0.55 -27.13
N ASN A 12 -1.12 -0.40 -28.07
CA ASN A 12 -2.34 -1.21 -28.13
C ASN A 12 -2.96 -1.58 -26.80
N HIS A 13 -3.50 -0.62 -26.06
CA HIS A 13 -3.91 -0.84 -24.67
C HIS A 13 -4.55 -2.20 -24.39
N LYS A 14 -5.30 -2.75 -25.35
CA LYS A 14 -5.88 -4.07 -25.17
C LYS A 14 -4.81 -5.14 -25.00
N ASP A 15 -3.76 -5.11 -25.82
CA ASP A 15 -2.72 -6.13 -25.71
C ASP A 15 -1.96 -5.99 -24.40
N ILE A 16 -1.72 -4.76 -23.94
CA ILE A 16 -1.08 -4.57 -22.64
C ILE A 16 -1.97 -5.13 -21.55
N GLY A 17 -3.29 -4.98 -21.70
CA GLY A 17 -4.19 -5.62 -20.75
C GLY A 17 -4.05 -7.12 -20.72
N THR A 18 -3.94 -7.74 -21.90
CA THR A 18 -3.75 -9.19 -21.95
C THR A 18 -2.46 -9.61 -21.25
N LEU A 19 -1.38 -8.88 -21.52
CA LEU A 19 -0.11 -9.18 -20.86
C LEU A 19 -0.24 -9.04 -19.35
N TYR A 20 -0.94 -8.00 -18.91
CA TYR A 20 -1.16 -7.80 -17.48
C TYR A 20 -1.91 -8.97 -16.89
N PHE A 21 -2.91 -9.49 -17.61
CA PHE A 21 -3.68 -10.62 -17.11
C PHE A 21 -2.81 -11.86 -16.95
N ILE A 22 -1.96 -12.12 -17.95
CA ILE A 22 -1.09 -13.30 -17.86
C ILE A 22 -0.14 -13.16 -16.68
N PHE A 23 0.45 -11.98 -16.52
CA PHE A 23 1.34 -11.76 -15.38
C PHE A 23 0.61 -11.91 -14.06
N GLY A 24 -0.62 -11.41 -13.98
CA GLY A 24 -1.39 -11.55 -12.77
C GLY A 24 -1.66 -13.00 -12.42
N ALA A 25 -2.00 -13.81 -13.42
CA ALA A 25 -2.23 -15.23 -13.15
C ALA A 25 -0.96 -15.90 -12.63
N ILE A 26 0.19 -15.59 -13.25
CA ILE A 26 1.44 -16.22 -12.80
C ILE A 26 1.75 -15.82 -11.36
N ALA A 27 1.64 -14.52 -11.06
CA ALA A 27 1.94 -14.05 -9.72
C ALA A 27 0.98 -14.65 -8.71
N GLY A 28 -0.29 -14.77 -9.07
CA GLY A 28 -1.24 -15.38 -8.16
C GLY A 28 -0.90 -16.82 -7.84
N VAL A 29 -0.49 -17.60 -8.84
CA VAL A 29 -0.11 -18.98 -8.57
C VAL A 29 1.10 -19.03 -7.66
N MET A 30 2.08 -18.15 -7.90
CA MET A 30 3.26 -18.12 -7.02
C MET A 30 2.88 -17.81 -5.59
N GLY A 31 2.02 -16.81 -5.40
CA GLY A 31 1.59 -16.46 -4.06
C GLY A 31 0.84 -17.59 -3.38
N THR A 32 0.01 -18.31 -4.14
CA THR A 32 -0.71 -19.41 -3.52
C THR A 32 0.21 -20.55 -3.15
N CYS A 33 1.27 -20.78 -3.93
CA CYS A 33 2.26 -21.77 -3.53
C CYS A 33 2.93 -21.38 -2.22
N PHE A 34 3.30 -20.10 -2.07
CA PHE A 34 3.83 -19.65 -0.79
C PHE A 34 2.83 -19.80 0.35
N SER A 35 1.56 -19.49 0.09
CA SER A 35 0.56 -19.64 1.12
C SER A 35 0.39 -21.10 1.53
N VAL A 36 0.43 -22.01 0.57
CA VAL A 36 0.32 -23.43 0.89
C VAL A 36 1.52 -23.88 1.69
N LEU A 37 2.72 -23.40 1.35
CA LEU A 37 3.89 -23.74 2.16
C LEU A 37 3.75 -23.24 3.59
N ILE A 38 3.26 -22.02 3.76
CA ILE A 38 3.02 -21.49 5.10
C ILE A 38 2.07 -22.39 5.85
N ARG A 39 0.97 -22.77 5.21
CA ARG A 39 -0.03 -23.61 5.88
C ARG A 39 0.54 -24.98 6.21
N MET A 40 1.33 -25.55 5.31
CA MET A 40 1.99 -26.82 5.56
C MET A 40 2.90 -26.75 6.77
N GLU A 41 3.64 -25.64 6.91
CA GLU A 41 4.48 -25.47 8.09
C GLU A 41 3.64 -25.34 9.35
N LEU A 42 2.51 -24.64 9.27
CA LEU A 42 1.70 -24.37 10.45
C LEU A 42 0.66 -25.45 10.73
N ALA A 43 0.67 -26.55 9.98
CA ALA A 43 -0.37 -27.57 10.14
C ALA A 43 -0.37 -28.17 11.53
N ARG A 44 0.80 -28.56 12.04
CA ARG A 44 0.90 -29.17 13.36
C ARG A 44 1.99 -28.48 14.17
N PRO A 45 1.85 -28.47 15.50
CA PRO A 45 2.90 -27.88 16.32
C PRO A 45 4.21 -28.62 16.14
N GLY A 46 5.31 -27.89 16.25
CA GLY A 46 6.63 -28.43 15.96
C GLY A 46 7.08 -28.03 14.56
N ASP A 47 8.24 -28.56 14.19
CA ASP A 47 8.85 -28.25 12.90
C ASP A 47 8.32 -29.25 11.86
N GLN A 48 7.53 -28.74 10.91
CA GLN A 48 6.78 -29.62 10.02
C GLN A 48 7.50 -29.93 8.72
N ILE A 49 7.84 -28.92 7.92
CA ILE A 49 8.56 -29.17 6.69
C ILE A 49 9.79 -28.28 6.61
N LEU A 50 9.75 -27.16 7.33
CA LEU A 50 10.92 -26.29 7.35
C LEU A 50 12.05 -26.88 8.17
N GLY A 51 11.73 -27.75 9.12
CA GLY A 51 12.75 -28.46 9.88
C GLY A 51 13.72 -27.52 10.57
N GLY A 52 13.22 -26.46 11.17
CA GLY A 52 14.03 -25.36 11.63
C GLY A 52 13.96 -24.19 10.67
N ASN A 53 14.99 -23.36 10.73
CA ASN A 53 15.13 -22.22 9.82
C ASN A 53 13.86 -21.37 9.80
N HIS A 54 13.45 -20.92 10.99
CA HIS A 54 12.33 -20.00 11.06
C HIS A 54 12.60 -18.74 10.25
N GLN A 55 13.88 -18.42 10.02
CA GLN A 55 14.22 -17.34 9.10
C GLN A 55 13.62 -17.58 7.72
N LEU A 56 13.68 -18.82 7.24
CA LEU A 56 13.05 -19.12 5.97
C LEU A 56 11.55 -18.97 6.04
N TYR A 57 10.94 -19.27 7.19
CA TYR A 57 9.50 -19.04 7.32
C TYR A 57 9.17 -17.56 7.23
N ASN A 58 9.95 -16.71 7.89
CA ASN A 58 9.70 -15.27 7.80
C ASN A 58 9.90 -14.79 6.37
N VAL A 59 10.90 -15.32 5.68
CA VAL A 59 11.08 -15.01 4.27
C VAL A 59 9.85 -15.40 3.47
N LEU A 60 9.28 -16.57 3.79
CA LEU A 60 8.10 -17.04 3.05
C LEU A 60 6.92 -16.12 3.26
N ILE A 61 6.67 -15.69 4.50
CA ILE A 61 5.53 -14.81 4.72
C ILE A 61 5.73 -13.48 4.02
N THR A 62 6.96 -12.94 4.06
CA THR A 62 7.22 -11.68 3.37
C THR A 62 6.99 -11.81 1.87
N ALA A 63 7.51 -12.88 1.28
CA ALA A 63 7.39 -13.04 -0.17
C ALA A 63 5.95 -13.27 -0.58
N HIS A 64 5.19 -14.05 0.20
CA HIS A 64 3.78 -14.24 -0.09
C HIS A 64 3.03 -12.92 -0.05
N ALA A 65 3.28 -12.11 0.99
CA ALA A 65 2.58 -10.85 1.11
C ALA A 65 2.89 -9.92 -0.07
N PHE A 66 4.18 -9.76 -0.38
CA PHE A 66 4.53 -8.90 -1.52
C PHE A 66 3.92 -9.42 -2.81
N LEU A 67 4.09 -10.72 -3.09
CA LEU A 67 3.63 -11.28 -4.36
C LEU A 67 2.15 -11.03 -4.56
N MET A 68 1.33 -11.32 -3.55
CA MET A 68 -0.10 -11.16 -3.82
C MET A 68 -0.63 -9.75 -3.59
N ILE A 69 0.04 -8.91 -2.81
CA ILE A 69 -0.51 -7.57 -2.61
C ILE A 69 0.01 -6.57 -3.63
N PHE A 70 1.06 -6.91 -4.36
CA PHE A 70 1.62 -6.00 -5.36
C PHE A 70 1.59 -6.55 -6.77
N PHE A 71 1.72 -7.87 -6.96
CA PHE A 71 1.84 -8.44 -8.30
C PHE A 71 0.61 -9.21 -8.74
N MET A 72 -0.41 -9.34 -7.89
CA MET A 72 -1.61 -10.08 -8.27
C MET A 72 -2.85 -9.20 -8.40
N VAL A 73 -3.16 -8.39 -7.39
CA VAL A 73 -4.37 -7.57 -7.47
C VAL A 73 -4.13 -6.32 -8.30
N MET A 74 -3.02 -5.61 -8.08
CA MET A 74 -2.78 -4.39 -8.84
C MET A 74 -2.57 -4.66 -10.33
N PRO A 75 -1.74 -5.61 -10.75
CA PRO A 75 -1.66 -5.91 -12.19
C PRO A 75 -2.93 -6.48 -12.79
N ALA A 76 -3.94 -6.82 -11.99
CA ALA A 76 -5.19 -7.34 -12.52
C ALA A 76 -6.33 -6.33 -12.45
N MET A 77 -6.41 -5.51 -11.41
CA MET A 77 -7.44 -4.47 -11.36
C MET A 77 -7.10 -3.30 -12.27
N ILE A 78 -5.90 -2.76 -12.14
CA ILE A 78 -5.53 -1.55 -12.84
C ILE A 78 -5.01 -1.92 -14.23
N GLY A 79 -3.93 -2.69 -14.25
CA GLY A 79 -3.37 -3.11 -15.52
C GLY A 79 -4.25 -4.08 -16.27
N GLY A 80 -4.86 -5.01 -15.56
CA GLY A 80 -5.68 -6.02 -16.22
C GLY A 80 -6.98 -5.47 -16.78
N PHE A 81 -7.87 -5.06 -15.87
CA PHE A 81 -9.17 -4.53 -16.26
C PHE A 81 -9.13 -3.06 -16.62
N GLY A 82 -8.33 -2.27 -15.92
CA GLY A 82 -8.21 -0.86 -16.23
C GLY A 82 -7.77 -0.61 -17.66
N ASN A 83 -6.61 -1.15 -18.03
CA ASN A 83 -6.06 -0.90 -19.37
C ASN A 83 -7.06 -1.25 -20.46
N TRP A 84 -7.63 -2.45 -20.39
CA TRP A 84 -8.65 -2.87 -21.36
C TRP A 84 -9.86 -1.95 -21.38
N PHE A 85 -10.55 -1.86 -20.25
CA PHE A 85 -11.93 -1.41 -20.22
C PHE A 85 -12.12 0.01 -19.71
N VAL A 86 -11.05 0.80 -19.62
CA VAL A 86 -11.26 2.24 -19.46
C VAL A 86 -11.57 2.88 -20.81
N PRO A 87 -10.73 2.74 -21.85
CA PRO A 87 -11.03 3.46 -23.10
C PRO A 87 -12.17 2.85 -23.89
N ILE A 88 -12.32 1.52 -23.85
CA ILE A 88 -13.45 0.88 -24.52
C ILE A 88 -14.75 1.34 -23.89
N LEU A 89 -14.79 1.37 -22.56
CA LEU A 89 -16.04 1.69 -21.86
C LEU A 89 -16.36 3.17 -21.96
N ILE A 90 -15.36 4.04 -21.81
CA ILE A 90 -15.62 5.47 -21.83
C ILE A 90 -15.98 5.96 -23.21
N GLY A 91 -15.78 5.15 -24.24
CA GLY A 91 -16.05 5.58 -25.60
C GLY A 91 -14.92 6.41 -26.17
N ALA A 92 -13.75 5.81 -26.29
CA ALA A 92 -12.56 6.52 -26.76
C ALA A 92 -11.71 5.57 -27.57
N PRO A 93 -10.87 6.10 -28.46
CA PRO A 93 -9.86 5.26 -29.11
C PRO A 93 -8.76 4.87 -28.14
N ASP A 94 -7.67 4.30 -28.65
CA ASP A 94 -6.55 3.87 -27.83
C ASP A 94 -6.21 4.89 -26.75
N MET A 95 -5.80 4.39 -25.58
CA MET A 95 -5.56 5.19 -24.39
C MET A 95 -4.61 6.34 -24.66
N ALA A 96 -4.69 7.38 -23.83
CA ALA A 96 -3.69 8.42 -23.87
C ALA A 96 -2.35 7.85 -23.40
N PHE A 97 -1.27 8.40 -23.95
CA PHE A 97 0.09 8.08 -23.53
C PHE A 97 0.36 6.58 -23.60
N PRO A 98 0.26 5.96 -24.78
CA PRO A 98 0.44 4.50 -24.85
C PRO A 98 1.81 4.01 -24.42
N ARG A 99 2.86 4.78 -24.69
CA ARG A 99 4.20 4.34 -24.32
C ARG A 99 4.38 4.23 -22.81
N LEU A 100 3.73 5.10 -22.04
CA LEU A 100 3.76 4.95 -20.60
C LEU A 100 3.10 3.65 -20.18
N ASN A 101 2.00 3.29 -20.83
CA ASN A 101 1.35 2.01 -20.57
C ASN A 101 2.34 0.87 -20.75
N ASN A 102 3.02 0.85 -21.90
CA ASN A 102 3.94 -0.25 -22.17
C ASN A 102 5.10 -0.26 -21.19
N ILE A 103 5.65 0.91 -20.85
CA ILE A 103 6.82 0.92 -19.97
C ILE A 103 6.43 0.46 -18.56
N SER A 104 5.25 0.84 -18.08
CA SER A 104 4.82 0.36 -16.77
C SER A 104 4.73 -1.16 -16.78
N PHE A 105 4.06 -1.72 -17.78
CA PHE A 105 3.92 -3.17 -17.75
C PHE A 105 5.27 -3.87 -17.85
N TRP A 106 6.18 -3.34 -18.68
CA TRP A 106 7.44 -4.05 -18.79
C TRP A 106 8.40 -3.72 -17.66
N LEU A 107 8.08 -2.72 -16.83
CA LEU A 107 8.82 -2.53 -15.59
C LEU A 107 8.46 -3.61 -14.58
N LEU A 108 7.20 -4.05 -14.57
CA LEU A 108 6.80 -5.01 -13.54
C LEU A 108 7.64 -6.29 -13.48
N PRO A 109 7.91 -7.01 -14.57
CA PRO A 109 8.61 -8.32 -14.44
C PRO A 109 10.02 -8.20 -13.86
N PRO A 110 10.80 -7.17 -14.20
CA PRO A 110 12.05 -6.99 -13.46
C PRO A 110 11.85 -6.79 -11.97
N SER A 111 10.77 -6.13 -11.56
CA SER A 111 10.46 -6.04 -10.14
C SER A 111 10.22 -7.42 -9.56
N LEU A 112 9.52 -8.28 -10.30
CA LEU A 112 9.31 -9.64 -9.82
C LEU A 112 10.63 -10.37 -9.65
N LEU A 113 11.53 -10.22 -10.62
CA LEU A 113 12.83 -10.88 -10.53
C LEU A 113 13.61 -10.38 -9.33
N LEU A 114 13.56 -9.07 -9.07
CA LEU A 114 14.20 -8.54 -7.88
C LEU A 114 13.62 -9.16 -6.62
N LEU A 115 12.30 -9.27 -6.53
CA LEU A 115 11.71 -9.81 -5.30
C LEU A 115 12.16 -11.25 -5.07
N LEU A 116 12.13 -12.07 -6.13
CA LEU A 116 12.56 -13.46 -5.95
C LEU A 116 14.04 -13.55 -5.60
N SER A 117 14.89 -12.78 -6.28
CA SER A 117 16.29 -12.80 -5.94
C SER A 117 16.55 -12.28 -4.53
N SER A 118 15.68 -11.40 -4.02
CA SER A 118 15.79 -10.97 -2.63
C SER A 118 15.41 -12.10 -1.68
N ALA A 119 14.42 -12.91 -2.07
CA ALA A 119 14.11 -14.08 -1.29
C ALA A 119 15.14 -15.19 -1.43
N LEU A 120 16.08 -15.05 -2.38
CA LEU A 120 17.02 -16.13 -2.64
C LEU A 120 18.45 -15.87 -2.18
N VAL A 121 18.85 -14.60 -1.99
CA VAL A 121 20.21 -14.24 -1.61
C VAL A 121 20.55 -14.68 -0.19
N GLU A 122 21.78 -14.40 0.22
CA GLU A 122 22.55 -15.14 1.21
C GLU A 122 21.74 -15.81 2.31
N VAL A 123 20.80 -15.09 2.93
CA VAL A 123 19.94 -15.75 3.91
C VAL A 123 18.48 -15.49 3.58
N GLY A 124 18.11 -14.23 3.44
CA GLY A 124 16.76 -13.86 3.06
C GLY A 124 16.25 -12.62 3.77
N SER A 125 15.07 -12.17 3.40
CA SER A 125 14.43 -11.00 4.03
C SER A 125 13.33 -11.52 4.95
N GLY A 126 13.67 -11.70 6.22
CA GLY A 126 12.72 -12.19 7.19
C GLY A 126 12.10 -11.10 8.04
N THR A 127 11.76 -9.99 7.39
CA THR A 127 11.35 -8.78 8.06
C THR A 127 9.85 -8.52 8.00
N GLY A 128 9.07 -9.44 7.46
CA GLY A 128 7.64 -9.23 7.33
C GLY A 128 7.28 -8.44 6.08
N TRP A 129 5.98 -8.29 5.87
CA TRP A 129 5.50 -7.52 4.73
C TRP A 129 5.88 -6.05 4.89
N THR A 130 5.59 -5.48 6.06
CA THR A 130 5.92 -4.09 6.35
C THR A 130 7.35 -4.07 6.88
N VAL A 131 8.31 -3.72 6.02
CA VAL A 131 9.70 -3.78 6.43
C VAL A 131 9.93 -2.77 7.54
N TYR A 132 10.10 -3.26 8.78
CA TYR A 132 10.39 -2.26 9.81
C TYR A 132 11.89 -1.98 9.92
N PRO A 133 12.23 -0.78 10.36
CA PRO A 133 13.62 -0.30 10.24
C PRO A 133 14.60 -1.13 11.06
N PRO A 134 14.43 -1.24 12.39
CA PRO A 134 15.55 -1.78 13.18
C PRO A 134 15.88 -3.22 12.83
N LEU A 135 14.86 -4.02 12.48
CA LEU A 135 15.13 -5.37 12.02
C LEU A 135 15.77 -5.35 10.64
N SER A 136 15.25 -4.52 9.74
CA SER A 136 15.86 -4.36 8.43
C SER A 136 17.12 -3.53 8.47
N GLY A 137 17.62 -3.21 9.65
CA GLY A 137 18.87 -2.50 9.76
C GLY A 137 20.05 -3.36 9.35
N ILE A 138 21.19 -2.71 9.18
CA ILE A 138 22.37 -3.43 8.72
C ILE A 138 23.04 -4.19 9.84
N THR A 139 22.72 -3.87 11.10
CA THR A 139 23.26 -4.64 12.21
C THR A 139 22.61 -6.01 12.31
N SER A 140 21.32 -6.11 11.97
CA SER A 140 20.54 -7.31 12.24
C SER A 140 20.35 -8.20 11.02
N HIS A 141 20.52 -7.68 9.81
CA HIS A 141 20.41 -8.50 8.60
C HIS A 141 21.73 -8.60 7.85
N SER A 142 22.32 -7.48 7.45
CA SER A 142 23.65 -7.45 6.83
C SER A 142 23.74 -8.34 5.59
N GLY A 143 22.62 -8.59 4.92
CA GLY A 143 22.65 -9.47 3.77
C GLY A 143 22.67 -8.82 2.40
N GLY A 144 21.80 -7.84 2.18
CA GLY A 144 21.48 -7.35 0.86
C GLY A 144 20.10 -7.76 0.38
N ALA A 145 19.49 -8.75 1.03
CA ALA A 145 18.14 -9.15 0.67
C ALA A 145 17.17 -7.99 0.82
N VAL A 146 17.31 -7.23 1.92
CA VAL A 146 16.43 -6.10 2.12
C VAL A 146 16.67 -5.02 1.06
N ASP A 147 17.92 -4.87 0.61
CA ASP A 147 18.20 -3.92 -0.46
C ASP A 147 17.48 -4.32 -1.74
N LEU A 148 17.57 -5.60 -2.10
CA LEU A 148 16.89 -6.07 -3.30
C LEU A 148 15.38 -5.90 -3.18
N ALA A 149 14.81 -6.21 -2.01
CA ALA A 149 13.38 -6.04 -1.83
C ALA A 149 12.97 -4.57 -1.92
N ILE A 150 13.79 -3.68 -1.36
CA ILE A 150 13.47 -2.25 -1.42
C ILE A 150 13.48 -1.76 -2.86
N PHE A 151 14.46 -2.19 -3.63
CA PHE A 151 14.47 -1.83 -5.06
C PHE A 151 13.29 -2.45 -5.80
N SER A 152 12.87 -3.65 -5.43
CA SER A 152 11.64 -4.20 -6.00
C SER A 152 10.46 -3.28 -5.75
N LEU A 153 10.35 -2.77 -4.52
CA LEU A 153 9.27 -1.84 -4.20
C LEU A 153 9.42 -0.56 -5.00
N HIS A 154 10.65 -0.08 -5.22
CA HIS A 154 10.86 1.10 -6.06
C HIS A 154 10.36 0.88 -7.49
N LEU A 155 10.73 -0.24 -8.09
CA LEU A 155 10.30 -0.48 -9.47
C LEU A 155 8.79 -0.61 -9.57
N SER A 156 8.17 -1.36 -8.65
CA SER A 156 6.72 -1.47 -8.68
C SER A 156 6.05 -0.11 -8.47
N GLY A 157 6.59 0.70 -7.55
CA GLY A 157 6.01 2.00 -7.30
C GLY A 157 6.12 2.93 -8.50
N VAL A 158 7.27 2.93 -9.17
CA VAL A 158 7.42 3.78 -10.35
C VAL A 158 6.46 3.34 -11.44
N SER A 159 6.33 2.03 -11.65
CA SER A 159 5.41 1.55 -12.67
C SER A 159 3.98 1.98 -12.35
N SER A 160 3.57 1.87 -11.09
CA SER A 160 2.21 2.26 -10.74
C SER A 160 2.00 3.75 -10.85
N ILE A 161 3.01 4.57 -10.55
CA ILE A 161 2.88 6.01 -10.75
C ILE A 161 2.65 6.33 -12.22
N LEU A 162 3.43 5.68 -13.10
CA LEU A 162 3.24 5.93 -14.53
C LEU A 162 1.84 5.54 -14.97
N GLY A 163 1.37 4.37 -14.52
CA GLY A 163 0.01 3.97 -14.86
C GLY A 163 -1.03 4.93 -14.33
N SER A 164 -0.82 5.45 -13.12
CA SER A 164 -1.80 6.35 -12.54
C SER A 164 -1.88 7.66 -13.32
N ILE A 165 -0.73 8.21 -13.70
CA ILE A 165 -0.72 9.41 -14.54
C ILE A 165 -1.46 9.14 -15.84
N ASN A 166 -1.19 7.98 -16.44
CA ASN A 166 -1.89 7.57 -17.66
C ASN A 166 -3.40 7.64 -17.47
N PHE A 167 -3.90 6.99 -16.42
CA PHE A 167 -5.35 6.89 -16.25
C PHE A 167 -5.97 8.24 -15.94
N ILE A 168 -5.33 9.05 -15.09
CA ILE A 168 -5.89 10.35 -14.76
C ILE A 168 -6.00 11.22 -16.00
N THR A 169 -4.93 11.29 -16.79
CA THR A 169 -5.00 12.15 -17.97
C THR A 169 -5.99 11.61 -19.01
N THR A 170 -6.12 10.28 -19.10
CA THR A 170 -7.07 9.71 -20.03
C THR A 170 -8.51 10.05 -19.64
N ILE A 171 -8.85 9.90 -18.36
CA ILE A 171 -10.22 10.19 -17.95
C ILE A 171 -10.51 11.68 -18.07
N PHE A 172 -9.54 12.53 -17.71
CA PHE A 172 -9.81 13.97 -17.78
C PHE A 172 -9.82 14.51 -19.20
N ASN A 173 -9.15 13.84 -20.14
CA ASN A 173 -9.00 14.42 -21.47
C ASN A 173 -9.59 13.56 -22.58
N MET A 174 -9.43 12.25 -22.51
CA MET A 174 -9.69 11.37 -23.65
C MET A 174 -11.11 10.82 -23.67
N ARG A 175 -12.08 11.56 -23.16
CA ARG A 175 -13.46 11.09 -23.23
C ARG A 175 -14.04 11.34 -24.62
N GLY A 176 -15.21 10.76 -24.86
CA GLY A 176 -15.89 10.92 -26.12
C GLY A 176 -16.60 12.25 -26.22
N PRO A 177 -17.46 12.40 -27.22
CA PRO A 177 -18.20 13.65 -27.38
C PRO A 177 -19.54 13.63 -26.65
N GLY A 178 -19.88 14.78 -26.09
CA GLY A 178 -21.13 14.94 -25.37
C GLY A 178 -21.15 14.29 -24.00
N MET A 179 -20.22 13.37 -23.75
CA MET A 179 -20.20 12.60 -22.51
C MET A 179 -19.67 13.46 -21.37
N THR A 180 -20.59 14.09 -20.65
CA THR A 180 -20.23 14.82 -19.44
C THR A 180 -19.58 13.86 -18.44
N MET A 181 -18.90 14.43 -17.45
CA MET A 181 -18.25 13.61 -16.44
C MET A 181 -19.24 12.68 -15.75
N HIS A 182 -20.49 13.12 -15.56
CA HIS A 182 -21.49 12.33 -14.85
C HIS A 182 -22.24 11.37 -15.76
N ARG A 183 -21.61 10.96 -16.85
CA ARG A 183 -22.13 9.87 -17.67
C ARG A 183 -21.10 8.77 -17.88
N SER A 184 -19.87 8.93 -17.38
CA SER A 184 -18.90 7.85 -17.39
C SER A 184 -19.27 6.81 -16.33
N PRO A 185 -19.20 5.53 -16.67
CA PRO A 185 -19.68 4.49 -15.75
C PRO A 185 -18.82 4.40 -14.51
N LEU A 186 -19.35 3.64 -13.54
CA LEU A 186 -18.69 3.58 -12.24
C LEU A 186 -17.36 2.83 -12.27
N PHE A 187 -17.15 1.93 -13.24
CA PHE A 187 -15.81 1.35 -13.36
C PHE A 187 -14.80 2.43 -13.69
N VAL A 188 -15.11 3.28 -14.66
CA VAL A 188 -14.25 4.40 -14.97
C VAL A 188 -14.07 5.29 -13.75
N TRP A 189 -15.15 5.50 -13.00
CA TRP A 189 -15.03 6.40 -11.85
C TRP A 189 -14.13 5.81 -10.77
N SER A 190 -14.29 4.52 -10.48
CA SER A 190 -13.44 3.88 -9.47
C SER A 190 -12.00 3.85 -9.92
N VAL A 191 -11.75 3.63 -11.21
CA VAL A 191 -10.37 3.65 -11.67
C VAL A 191 -9.80 5.05 -11.54
N LEU A 192 -10.60 6.08 -11.78
CA LEU A 192 -10.10 7.44 -11.58
C LEU A 192 -9.72 7.68 -10.11
N VAL A 193 -10.61 7.32 -9.19
CA VAL A 193 -10.34 7.61 -7.78
C VAL A 193 -9.14 6.80 -7.29
N THR A 194 -9.09 5.52 -7.64
CA THR A 194 -7.96 4.70 -7.21
C THR A 194 -6.67 5.18 -7.87
N ALA A 195 -6.74 5.76 -9.07
CA ALA A 195 -5.54 6.30 -9.69
C ALA A 195 -5.07 7.55 -8.97
N PHE A 196 -6.00 8.38 -8.50
CA PHE A 196 -5.59 9.52 -7.69
C PHE A 196 -4.91 9.08 -6.39
N LEU A 197 -5.48 8.07 -5.72
CA LEU A 197 -4.84 7.59 -4.51
C LEU A 197 -3.46 7.01 -4.80
N LEU A 198 -3.34 6.28 -5.92
CA LEU A 198 -2.05 5.69 -6.28
C LEU A 198 -1.03 6.75 -6.65
N LEU A 199 -1.47 7.87 -7.21
CA LEU A 199 -0.55 8.94 -7.56
C LEU A 199 -0.11 9.71 -6.32
N LEU A 200 -1.01 9.94 -5.37
CA LEU A 200 -0.67 10.77 -4.22
C LEU A 200 0.10 10.00 -3.15
N SER A 201 -0.34 8.77 -2.84
CA SER A 201 0.25 8.08 -1.68
C SER A 201 1.58 7.42 -2.02
N LEU A 202 1.64 6.74 -3.16
CA LEU A 202 2.80 5.90 -3.47
C LEU A 202 4.15 6.60 -3.39
N PRO A 203 4.32 7.86 -3.82
CA PRO A 203 5.62 8.51 -3.64
C PRO A 203 6.08 8.59 -2.19
N VAL A 204 5.15 8.68 -1.22
CA VAL A 204 5.57 8.70 0.18
C VAL A 204 6.22 7.38 0.55
N LEU A 205 5.68 6.26 0.05
CA LEU A 205 6.34 4.98 0.29
C LEU A 205 7.71 4.94 -0.35
N ALA A 206 7.85 5.52 -1.55
CA ALA A 206 9.16 5.57 -2.20
C ALA A 206 10.14 6.38 -1.37
N GLY A 207 9.69 7.50 -0.80
CA GLY A 207 10.56 8.28 0.07
C GLY A 207 10.94 7.52 1.33
N ALA A 208 9.98 6.85 1.95
CA ALA A 208 10.27 6.10 3.18
C ALA A 208 11.27 4.98 2.93
N ILE A 209 11.11 4.23 1.84
CA ILE A 209 12.03 3.13 1.63
C ILE A 209 13.35 3.59 1.04
N THR A 210 13.38 4.72 0.33
CA THR A 210 14.66 5.33 -0.01
C THR A 210 15.42 5.73 1.24
N MET A 211 14.71 6.29 2.21
CA MET A 211 15.33 6.66 3.48
C MET A 211 15.81 5.43 4.23
N LEU A 212 15.04 4.34 4.20
CA LEU A 212 15.50 3.10 4.79
C LEU A 212 16.76 2.58 4.09
N LEU A 213 16.81 2.69 2.77
CA LEU A 213 17.97 2.24 2.02
C LEU A 213 19.22 3.03 2.40
N THR A 214 19.11 4.35 2.43
CA THR A 214 20.25 5.16 2.81
C THR A 214 20.56 5.06 4.30
N ASP A 215 19.62 4.54 5.10
CA ASP A 215 19.94 4.20 6.48
C ASP A 215 20.76 2.91 6.56
N ARG A 216 20.40 1.93 5.74
CA ARG A 216 21.14 0.67 5.75
C ARG A 216 22.55 0.86 5.20
N ASN A 217 22.66 1.24 3.94
CA ASN A 217 23.94 1.16 3.23
C ASN A 217 24.78 2.41 3.42
N PHE A 218 24.25 3.57 3.06
CA PHE A 218 25.02 4.79 3.10
C PHE A 218 25.01 5.44 4.46
N ASN A 219 24.65 4.66 5.47
CA ASN A 219 25.11 4.84 6.84
C ASN A 219 24.60 6.14 7.46
N THR A 220 23.35 6.49 7.16
CA THR A 220 22.71 7.63 7.79
C THR A 220 22.18 7.20 9.16
N THR A 221 21.36 8.06 9.79
CA THR A 221 20.82 7.75 11.10
C THR A 221 19.33 8.12 11.22
N PHE A 222 18.60 8.02 10.10
CA PHE A 222 17.18 8.32 10.11
C PHE A 222 16.40 7.44 11.07
N PHE A 223 16.71 6.15 11.10
CA PHE A 223 16.00 5.20 11.97
C PHE A 223 16.94 4.52 12.95
N ASP A 224 18.12 5.09 13.19
CA ASP A 224 19.00 4.62 14.25
C ASP A 224 18.68 5.37 15.53
N PRO A 225 18.41 4.68 16.64
CA PRO A 225 17.96 5.38 17.86
C PRO A 225 18.95 6.40 18.38
N ALA A 226 20.25 6.15 18.26
CA ALA A 226 21.27 7.05 18.80
C ALA A 226 21.51 8.17 17.81
N GLY A 227 20.98 9.35 18.11
CA GLY A 227 21.08 10.48 17.22
C GLY A 227 19.72 10.97 16.77
N GLY A 228 18.71 10.77 17.61
CA GLY A 228 17.36 11.09 17.20
C GLY A 228 16.85 10.06 16.21
N GLY A 229 15.81 10.44 15.48
CA GLY A 229 15.31 9.59 14.42
C GLY A 229 14.74 8.27 14.88
N ASP A 230 13.63 8.34 15.59
CA ASP A 230 13.00 7.13 16.11
C ASP A 230 12.37 6.33 14.98
N PRO A 231 12.20 5.02 15.17
CA PRO A 231 11.48 4.21 14.17
C PRO A 231 10.03 4.63 13.98
N ILE A 232 9.46 5.38 14.93
CA ILE A 232 8.09 5.86 14.77
C ILE A 232 7.96 6.69 13.50
N LEU A 233 9.04 7.36 13.10
CA LEU A 233 9.02 8.12 11.86
C LEU A 233 8.72 7.21 10.68
N TYR A 234 9.41 6.07 10.62
CA TYR A 234 9.17 5.13 9.54
C TYR A 234 7.78 4.53 9.64
N GLN A 235 7.33 4.21 10.85
CA GLN A 235 5.96 3.71 10.99
C GLN A 235 4.97 4.69 10.39
N HIS A 236 5.10 5.97 10.76
CA HIS A 236 4.21 7.00 10.26
C HIS A 236 4.23 7.05 8.74
N LEU A 237 5.43 7.11 8.15
CA LEU A 237 5.52 7.26 6.69
C LEU A 237 4.96 6.04 5.98
N PHE A 238 5.41 4.85 6.38
CA PHE A 238 4.97 3.65 5.69
C PHE A 238 3.47 3.48 5.79
N TRP A 239 2.86 3.83 6.93
CA TRP A 239 1.42 3.62 7.02
C TRP A 239 0.61 4.74 6.41
N PHE A 240 1.17 5.96 6.34
CA PHE A 240 0.57 6.99 5.50
C PHE A 240 0.51 6.55 4.06
N PHE A 241 1.46 5.71 3.65
CA PHE A 241 1.24 4.97 2.40
C PHE A 241 0.27 3.81 2.57
N GLY A 242 0.34 3.12 3.69
CA GLY A 242 -0.28 1.81 3.78
C GLY A 242 -1.79 1.84 3.71
N HIS A 243 -2.39 2.86 4.29
CA HIS A 243 -3.86 2.74 4.24
C HIS A 243 -4.44 3.17 2.90
N PRO A 244 -3.95 4.25 2.28
CA PRO A 244 -4.32 4.48 0.88
C PRO A 244 -3.98 3.30 0.01
N GLU A 245 -2.96 2.53 0.39
CA GLU A 245 -2.62 1.35 -0.38
C GLU A 245 -3.73 0.31 -0.31
N VAL A 246 -4.42 0.19 0.83
CA VAL A 246 -5.45 -0.83 0.95
C VAL A 246 -6.81 -0.35 0.50
N TYR A 247 -7.07 0.96 0.48
CA TYR A 247 -8.25 1.41 -0.26
C TYR A 247 -7.99 1.60 -1.75
N ILE A 248 -6.94 0.98 -2.28
CA ILE A 248 -6.74 0.88 -3.72
C ILE A 248 -6.98 -0.53 -4.23
N LEU A 249 -6.73 -1.55 -3.41
CA LEU A 249 -6.91 -2.93 -3.81
C LEU A 249 -8.38 -3.32 -3.95
N ILE A 250 -9.29 -2.48 -3.50
CA ILE A 250 -10.71 -2.84 -3.46
C ILE A 250 -11.60 -1.91 -4.26
N LEU A 251 -11.17 -0.69 -4.60
CA LEU A 251 -12.03 0.22 -5.34
C LEU A 251 -12.37 -0.28 -6.74
N PRO A 252 -11.42 -0.77 -7.55
CA PRO A 252 -11.83 -1.40 -8.81
C PRO A 252 -12.76 -2.58 -8.59
N GLY A 253 -12.59 -3.31 -7.49
CA GLY A 253 -13.57 -4.32 -7.15
C GLY A 253 -14.96 -3.74 -6.99
N PHE A 254 -15.06 -2.60 -6.32
CA PHE A 254 -16.36 -1.95 -6.16
C PHE A 254 -16.95 -1.59 -7.52
N GLY A 255 -16.12 -1.04 -8.41
CA GLY A 255 -16.62 -0.68 -9.73
C GLY A 255 -17.14 -1.87 -10.51
N ILE A 256 -16.36 -2.96 -10.53
CA ILE A 256 -16.77 -4.14 -11.27
C ILE A 256 -18.06 -4.72 -10.67
N ILE A 257 -18.16 -4.76 -9.34
CA ILE A 257 -19.38 -5.28 -8.73
C ILE A 257 -20.59 -4.43 -9.09
N SER A 258 -20.41 -3.10 -9.08
CA SER A 258 -21.52 -2.24 -9.48
C SER A 258 -21.98 -2.57 -10.89
N HIS A 259 -21.03 -2.73 -11.81
CA HIS A 259 -21.40 -3.06 -13.18
C HIS A 259 -22.11 -4.41 -13.27
N ILE A 260 -21.62 -5.41 -12.55
CA ILE A 260 -22.22 -6.74 -12.64
C ILE A 260 -23.63 -6.73 -12.08
N VAL A 261 -23.84 -6.10 -10.94
CA VAL A 261 -25.18 -6.02 -10.38
C VAL A 261 -26.11 -5.26 -11.33
N SER A 262 -25.61 -4.18 -11.93
CA SER A 262 -26.44 -3.42 -12.86
C SER A 262 -26.85 -4.26 -14.06
N THR A 263 -25.94 -5.07 -14.59
CA THR A 263 -26.27 -5.85 -15.78
C THR A 263 -27.07 -7.10 -15.46
N PHE A 264 -27.10 -7.53 -14.20
CA PHE A 264 -27.90 -8.70 -13.85
C PHE A 264 -29.26 -8.35 -13.28
N SER A 265 -29.47 -7.13 -12.79
CA SER A 265 -30.76 -6.76 -12.24
C SER A 265 -31.66 -6.13 -13.30
N GLY A 266 -31.26 -6.13 -14.56
CA GLY A 266 -32.05 -5.55 -15.63
C GLY A 266 -32.27 -4.06 -15.48
N LYS A 267 -31.50 -3.42 -14.61
CA LYS A 267 -31.72 -2.03 -14.25
C LYS A 267 -30.40 -1.41 -13.82
N PRO A 268 -30.20 -0.13 -14.04
CA PRO A 268 -28.91 0.50 -13.69
C PRO A 268 -28.76 0.70 -12.19
N VAL A 269 -27.66 1.32 -11.79
CA VAL A 269 -27.25 1.37 -10.39
C VAL A 269 -28.11 2.40 -9.65
N PHE A 270 -28.80 1.95 -8.61
CA PHE A 270 -29.62 2.84 -7.80
C PHE A 270 -28.75 3.90 -7.13
N GLY A 271 -29.22 5.15 -7.18
CA GLY A 271 -28.51 6.23 -6.52
C GLY A 271 -27.13 6.50 -7.10
N TYR A 272 -27.08 6.80 -8.40
CA TYR A 272 -25.79 6.96 -9.08
C TYR A 272 -24.94 8.03 -8.43
N LEU A 273 -25.51 9.21 -8.20
CA LEU A 273 -24.73 10.26 -7.55
C LEU A 273 -24.30 9.85 -6.16
N GLY A 274 -25.14 9.08 -5.46
CA GLY A 274 -24.73 8.58 -4.16
C GLY A 274 -23.51 7.69 -4.25
N MET A 275 -23.50 6.80 -5.24
CA MET A 275 -22.34 5.94 -5.45
C MET A 275 -21.10 6.78 -5.72
N VAL A 276 -21.21 7.75 -6.63
CA VAL A 276 -20.05 8.55 -7.01
C VAL A 276 -19.49 9.31 -5.82
N TYR A 277 -20.37 10.02 -5.10
CA TYR A 277 -19.89 10.83 -3.99
C TYR A 277 -19.37 9.97 -2.85
N ALA A 278 -20.00 8.82 -2.59
CA ALA A 278 -19.50 7.94 -1.55
C ALA A 278 -18.11 7.43 -1.89
N MET A 279 -17.88 7.10 -3.15
CA MET A 279 -16.58 6.58 -3.54
C MET A 279 -15.51 7.67 -3.50
N ILE A 280 -15.84 8.89 -3.92
CA ILE A 280 -14.91 10.01 -3.78
C ILE A 280 -14.58 10.25 -2.31
N SER A 281 -15.58 10.18 -1.44
CA SER A 281 -15.33 10.41 -0.02
C SER A 281 -14.48 9.30 0.60
N ILE A 282 -14.68 8.06 0.16
CA ILE A 282 -13.79 6.98 0.59
C ILE A 282 -12.37 7.28 0.19
N GLY A 283 -12.18 7.75 -1.05
CA GLY A 283 -10.86 8.13 -1.49
C GLY A 283 -10.25 9.23 -0.64
N VAL A 284 -11.03 10.26 -0.33
CA VAL A 284 -10.49 11.40 0.42
C VAL A 284 -10.15 10.99 1.85
N LEU A 285 -11.09 10.31 2.53
CA LEU A 285 -10.89 9.92 3.92
C LEU A 285 -10.02 8.68 4.06
N GLY A 286 -9.48 8.14 2.95
CA GLY A 286 -8.44 7.14 3.07
C GLY A 286 -7.10 7.70 3.49
N PHE A 287 -6.94 9.02 3.41
CA PHE A 287 -5.69 9.69 3.77
C PHE A 287 -5.67 10.19 5.20
N LEU A 288 -6.78 10.76 5.67
CA LEU A 288 -6.87 11.41 6.98
C LEU A 288 -6.76 10.44 8.14
N VAL A 289 -6.54 9.15 7.89
CA VAL A 289 -6.27 8.17 8.93
C VAL A 289 -5.19 7.22 8.45
N TRP A 290 -4.06 7.19 9.15
CA TRP A 290 -2.96 6.32 8.78
C TRP A 290 -2.32 5.60 9.95
N ALA A 291 -2.56 6.02 11.18
CA ALA A 291 -1.94 5.40 12.34
C ALA A 291 -2.87 4.46 13.07
N HIS A 292 -4.04 4.19 12.52
CA HIS A 292 -4.93 3.21 13.13
C HIS A 292 -4.34 1.82 13.00
N HIS A 293 -3.13 1.73 12.44
CA HIS A 293 -2.38 0.49 12.37
C HIS A 293 -1.31 0.38 13.45
N MET A 294 -1.12 1.41 14.26
CA MET A 294 -0.07 1.41 15.28
C MET A 294 -0.59 1.99 16.61
N PHE A 295 -1.75 1.52 17.05
CA PHE A 295 -2.30 2.00 18.31
C PHE A 295 -1.44 1.62 19.51
N THR A 296 -0.72 0.51 19.44
CA THR A 296 -0.01 -0.04 20.59
C THR A 296 1.47 0.31 20.58
N VAL A 297 1.84 1.50 20.13
CA VAL A 297 3.24 1.87 20.10
C VAL A 297 3.58 3.02 21.04
N GLY A 298 2.61 3.83 21.45
CA GLY A 298 2.91 4.89 22.39
C GLY A 298 2.51 6.28 21.95
N LEU A 299 1.51 6.39 21.09
CA LEU A 299 0.96 7.70 20.78
C LEU A 299 0.16 8.21 21.98
N ASP A 300 -0.01 9.53 22.05
CA ASP A 300 -0.77 10.13 23.13
C ASP A 300 -2.25 9.81 22.96
N VAL A 301 -3.05 10.22 23.94
CA VAL A 301 -4.46 9.82 23.96
C VAL A 301 -5.26 10.52 22.88
N ASP A 302 -4.95 11.79 22.60
CA ASP A 302 -5.78 12.55 21.67
C ASP A 302 -5.63 12.03 20.24
N THR A 303 -4.43 11.61 19.86
CA THR A 303 -4.27 11.03 18.53
C THR A 303 -5.05 9.74 18.39
N ARG A 304 -5.05 8.91 19.44
CA ARG A 304 -5.84 7.69 19.42
C ARG A 304 -7.32 7.99 19.25
N ALA A 305 -7.83 8.98 20.01
CA ALA A 305 -9.23 9.35 19.88
C ALA A 305 -9.55 9.81 18.46
N TYR A 306 -8.68 10.67 17.90
CA TYR A 306 -8.95 11.20 16.58
C TYR A 306 -8.95 10.10 15.53
N PHE A 307 -8.02 9.15 15.62
CA PHE A 307 -7.97 8.11 14.60
C PHE A 307 -9.13 7.13 14.75
N THR A 308 -9.61 6.91 15.98
CA THR A 308 -10.85 6.18 16.15
C THR A 308 -11.99 6.85 15.38
N ALA A 309 -12.15 8.16 15.59
CA ALA A 309 -13.24 8.88 14.92
C ALA A 309 -13.08 8.80 13.40
N ALA A 310 -11.86 8.94 12.92
CA ALA A 310 -11.62 8.91 11.47
C ALA A 310 -11.98 7.55 10.88
N THR A 311 -11.64 6.47 11.57
CA THR A 311 -11.99 5.15 11.03
C THR A 311 -13.51 4.94 11.02
N MET A 312 -14.23 5.42 12.03
CA MET A 312 -15.69 5.30 11.96
C MET A 312 -16.24 6.08 10.77
N ILE A 313 -15.75 7.30 10.57
CA ILE A 313 -16.29 8.11 9.48
C ILE A 313 -15.97 7.46 8.14
N ILE A 314 -14.79 6.85 7.99
CA ILE A 314 -14.52 6.13 6.75
C ILE A 314 -15.38 4.88 6.65
N ALA A 315 -15.91 4.39 7.77
CA ALA A 315 -16.82 3.24 7.68
C ALA A 315 -18.16 3.62 7.07
N VAL A 316 -18.65 4.83 7.33
CA VAL A 316 -19.99 5.20 6.82
C VAL A 316 -20.17 5.04 5.30
N PRO A 317 -19.31 5.62 4.45
CA PRO A 317 -19.59 5.58 3.01
C PRO A 317 -19.63 4.19 2.41
N THR A 318 -18.83 3.26 2.91
CA THR A 318 -18.94 1.88 2.44
C THR A 318 -20.33 1.33 2.75
N GLY A 319 -20.90 1.73 3.88
CA GLY A 319 -22.27 1.36 4.17
C GLY A 319 -23.24 1.91 3.15
N ILE A 320 -23.05 3.18 2.77
CA ILE A 320 -23.91 3.75 1.73
C ILE A 320 -23.79 2.94 0.45
N LYS A 321 -22.57 2.54 0.08
CA LYS A 321 -22.37 1.79 -1.15
C LYS A 321 -23.05 0.43 -1.10
N ILE A 322 -22.89 -0.30 0.00
CA ILE A 322 -23.49 -1.63 0.10
C ILE A 322 -25.01 -1.54 0.08
N PHE A 323 -25.57 -0.57 0.81
CA PHE A 323 -27.02 -0.42 0.80
C PHE A 323 -27.53 0.01 -0.57
N SER A 324 -26.76 0.82 -1.29
CA SER A 324 -27.15 1.15 -2.66
C SER A 324 -27.19 -0.09 -3.54
N TRP A 325 -26.18 -0.96 -3.42
CA TRP A 325 -26.20 -2.19 -4.20
C TRP A 325 -27.38 -3.06 -3.84
N ILE A 326 -27.69 -3.18 -2.54
CA ILE A 326 -28.85 -3.96 -2.16
C ILE A 326 -30.12 -3.38 -2.76
N ALA A 327 -30.20 -2.05 -2.82
CA ALA A 327 -31.37 -1.39 -3.41
C ALA A 327 -31.48 -1.71 -4.89
N THR A 328 -30.36 -1.68 -5.61
CA THR A 328 -30.44 -1.85 -7.05
C THR A 328 -30.60 -3.32 -7.44
N MET A 329 -30.96 -4.17 -6.48
CA MET A 329 -31.43 -5.51 -6.78
C MET A 329 -32.90 -5.69 -6.44
N TRP A 330 -33.55 -4.66 -5.93
CA TRP A 330 -34.98 -4.74 -5.63
C TRP A 330 -35.85 -4.73 -6.88
N GLY A 331 -35.27 -4.44 -8.05
CA GLY A 331 -36.06 -4.35 -9.26
C GLY A 331 -36.65 -5.67 -9.71
N GLY A 332 -35.80 -6.58 -10.15
CA GLY A 332 -36.27 -7.88 -10.56
C GLY A 332 -35.49 -8.38 -11.76
N SER A 333 -35.95 -9.51 -12.29
CA SER A 333 -35.32 -10.17 -13.43
C SER A 333 -33.84 -10.43 -13.18
N ILE A 334 -33.53 -10.95 -12.00
CA ILE A 334 -32.17 -11.39 -11.68
C ILE A 334 -31.92 -12.64 -12.51
N GLN A 335 -30.67 -13.07 -12.61
CA GLN A 335 -30.37 -14.34 -13.27
C GLN A 335 -29.02 -14.83 -12.74
N TYR A 336 -29.01 -15.99 -12.09
CA TYR A 336 -27.89 -16.39 -11.26
C TYR A 336 -26.82 -17.11 -12.10
N LYS A 337 -26.09 -16.32 -12.87
CA LYS A 337 -24.90 -16.80 -13.53
C LYS A 337 -23.70 -16.65 -12.59
N THR A 338 -22.55 -17.16 -13.02
CA THR A 338 -21.36 -17.14 -12.17
C THR A 338 -20.90 -15.74 -11.79
N PRO A 339 -20.89 -14.74 -12.68
CA PRO A 339 -20.54 -13.39 -12.22
C PRO A 339 -21.45 -12.89 -11.11
N MET A 340 -22.75 -13.20 -11.19
CA MET A 340 -23.65 -12.80 -10.12
C MET A 340 -23.36 -13.57 -8.84
N LEU A 341 -23.02 -14.86 -8.96
CA LEU A 341 -22.59 -15.62 -7.78
C LEU A 341 -21.42 -14.93 -7.09
N PHE A 342 -20.42 -14.56 -7.86
CA PHE A 342 -19.22 -13.99 -7.25
C PHE A 342 -19.48 -12.59 -6.71
N ALA A 343 -20.33 -11.80 -7.37
CA ALA A 343 -20.68 -10.50 -6.82
C ALA A 343 -21.42 -10.63 -5.49
N VAL A 344 -22.35 -11.59 -5.41
CA VAL A 344 -23.09 -11.81 -4.17
C VAL A 344 -22.15 -12.26 -3.06
N GLY A 345 -21.25 -13.20 -3.37
CA GLY A 345 -20.27 -13.62 -2.39
C GLY A 345 -19.38 -12.47 -1.95
N PHE A 346 -18.98 -11.63 -2.89
CA PHE A 346 -18.22 -10.43 -2.57
C PHE A 346 -18.96 -9.59 -1.54
N ILE A 347 -20.22 -9.29 -1.80
CA ILE A 347 -20.95 -8.40 -0.90
C ILE A 347 -21.05 -9.02 0.50
N PHE A 348 -21.39 -10.30 0.57
CA PHE A 348 -21.55 -10.94 1.88
C PHE A 348 -20.24 -10.97 2.66
N LEU A 349 -19.19 -11.52 2.04
CA LEU A 349 -17.95 -11.71 2.77
C LEU A 349 -17.25 -10.39 3.05
N PHE A 350 -17.38 -9.41 2.16
CA PHE A 350 -16.86 -8.09 2.46
C PHE A 350 -17.63 -7.43 3.59
N THR A 351 -18.93 -7.71 3.71
CA THR A 351 -19.65 -7.22 4.88
C THR A 351 -19.04 -7.79 6.16
N ILE A 352 -18.79 -9.10 6.18
CA ILE A 352 -18.21 -9.72 7.37
C ILE A 352 -16.85 -9.10 7.70
N GLY A 353 -16.00 -8.97 6.68
CA GLY A 353 -14.69 -8.37 6.88
C GLY A 353 -14.78 -6.95 7.39
N GLY A 354 -15.70 -6.16 6.86
CA GLY A 354 -15.83 -4.80 7.31
C GLY A 354 -16.29 -4.67 8.75
N LEU A 355 -17.24 -5.52 9.16
CA LEU A 355 -17.67 -5.48 10.55
C LEU A 355 -16.52 -5.85 11.49
N THR A 356 -15.73 -6.87 11.13
CA THR A 356 -14.57 -7.16 11.95
C THR A 356 -13.63 -5.95 11.98
N GLY A 357 -13.44 -5.30 10.84
CA GLY A 357 -12.61 -4.11 10.83
C GLY A 357 -13.10 -3.07 11.81
N ILE A 358 -14.41 -2.84 11.86
CA ILE A 358 -14.94 -1.90 12.84
C ILE A 358 -14.56 -2.33 14.25
N VAL A 359 -14.70 -3.63 14.54
CA VAL A 359 -14.32 -4.10 15.87
C VAL A 359 -12.88 -3.72 16.17
N LEU A 360 -12.03 -3.80 15.13
CA LEU A 360 -10.62 -3.50 15.29
C LEU A 360 -10.31 -2.00 15.34
N ALA A 361 -11.22 -1.15 14.89
CA ALA A 361 -10.89 0.26 14.72
C ALA A 361 -10.75 1.00 16.04
N ASN A 362 -11.42 0.54 17.09
CA ASN A 362 -11.33 1.19 18.38
C ASN A 362 -9.90 1.11 18.91
N SER A 363 -9.63 1.86 19.97
CA SER A 363 -8.28 1.87 20.51
C SER A 363 -8.04 0.71 21.46
N GLY A 364 -8.81 0.64 22.55
CA GLY A 364 -8.61 -0.42 23.53
C GLY A 364 -8.70 -1.80 22.91
N LEU A 365 -9.69 -2.00 22.04
CA LEU A 365 -9.79 -3.28 21.35
C LEU A 365 -8.57 -3.56 20.51
N ASP A 366 -7.96 -2.53 19.94
CA ASP A 366 -6.71 -2.78 19.21
C ASP A 366 -5.56 -3.01 20.17
N ILE A 367 -5.63 -2.46 21.39
CA ILE A 367 -4.62 -2.78 22.39
C ILE A 367 -4.65 -4.26 22.69
N ALA A 368 -5.84 -4.83 22.83
CA ALA A 368 -5.94 -6.26 23.09
C ALA A 368 -5.67 -7.11 21.85
N LEU A 369 -5.94 -6.60 20.65
CA LEU A 369 -5.94 -7.42 19.44
C LEU A 369 -4.84 -7.06 18.44
N HIS A 370 -3.87 -6.22 18.81
CA HIS A 370 -2.81 -5.87 17.89
C HIS A 370 -1.94 -7.08 17.61
N ASP A 371 -1.63 -7.29 16.33
CA ASP A 371 -0.69 -8.33 15.91
C ASP A 371 -1.08 -9.72 16.42
N THR A 372 -2.36 -10.04 16.32
CA THR A 372 -2.86 -11.38 16.57
C THR A 372 -3.73 -11.79 15.39
N TYR A 373 -3.96 -13.10 15.25
CA TYR A 373 -4.63 -13.57 14.03
C TYR A 373 -6.04 -13.03 13.86
N TYR A 374 -6.54 -12.25 14.81
CA TYR A 374 -7.76 -11.51 14.56
C TYR A 374 -7.56 -10.54 13.40
N VAL A 375 -6.45 -9.83 13.40
CA VAL A 375 -6.16 -8.91 12.30
C VAL A 375 -5.96 -9.66 11.01
N VAL A 376 -5.33 -10.84 11.07
CA VAL A 376 -5.13 -11.63 9.87
C VAL A 376 -6.47 -12.06 9.28
N ALA A 377 -7.40 -12.49 10.14
CA ALA A 377 -8.73 -12.82 9.63
C ALA A 377 -9.39 -11.60 9.03
N HIS A 378 -9.28 -10.45 9.69
CA HIS A 378 -9.92 -9.23 9.18
C HIS A 378 -9.45 -8.92 7.77
N PHE A 379 -8.14 -8.80 7.58
CA PHE A 379 -7.73 -8.38 6.25
C PHE A 379 -7.70 -9.51 5.26
N HIS A 380 -7.71 -10.77 5.69
CA HIS A 380 -7.84 -11.83 4.69
C HIS A 380 -9.27 -11.91 4.14
N TYR A 381 -10.29 -11.90 5.00
CA TYR A 381 -11.63 -11.68 4.45
C TYR A 381 -11.66 -10.45 3.56
N VAL A 382 -11.40 -9.27 4.12
CA VAL A 382 -11.58 -8.06 3.32
C VAL A 382 -10.83 -8.18 2.00
N LEU A 383 -9.50 -8.27 2.07
CA LEU A 383 -8.68 -8.22 0.87
C LEU A 383 -8.91 -9.44 -0.02
N SER A 384 -8.62 -10.64 0.48
CA SER A 384 -8.77 -11.83 -0.35
C SER A 384 -10.19 -11.93 -0.90
N MET A 385 -11.19 -12.04 -0.02
CA MET A 385 -12.55 -12.21 -0.47
C MET A 385 -12.94 -11.09 -1.43
N GLY A 386 -13.00 -9.86 -0.95
CA GLY A 386 -13.36 -8.76 -1.82
C GLY A 386 -12.60 -8.70 -3.13
N ALA A 387 -11.29 -8.45 -3.08
CA ALA A 387 -10.54 -8.22 -4.30
C ALA A 387 -10.55 -9.45 -5.21
N VAL A 388 -10.25 -10.63 -4.67
CA VAL A 388 -10.13 -11.81 -5.50
C VAL A 388 -11.48 -12.24 -6.06
N PHE A 389 -12.55 -12.13 -5.27
CA PHE A 389 -13.87 -12.51 -5.77
C PHE A 389 -14.36 -11.52 -6.82
N ALA A 390 -14.12 -10.22 -6.60
CA ALA A 390 -14.41 -9.25 -7.65
C ALA A 390 -13.59 -9.56 -8.89
N LEU A 391 -12.35 -10.00 -8.71
CA LEU A 391 -11.48 -10.35 -9.83
C LEU A 391 -12.07 -11.51 -10.62
N PHE A 392 -12.50 -12.56 -9.93
CA PHE A 392 -13.08 -13.71 -10.62
C PHE A 392 -14.38 -13.32 -11.31
N ALA A 393 -15.21 -12.51 -10.65
CA ALA A 393 -16.45 -12.07 -11.27
C ALA A 393 -16.17 -11.30 -12.55
N GLY A 394 -15.25 -10.33 -12.48
CA GLY A 394 -14.87 -9.61 -13.67
C GLY A 394 -14.29 -10.53 -14.73
N PHE A 395 -13.50 -11.51 -14.31
CA PHE A 395 -12.86 -12.39 -15.29
C PHE A 395 -13.89 -13.17 -16.08
N TYR A 396 -14.88 -13.75 -15.41
CA TYR A 396 -15.92 -14.46 -16.16
C TYR A 396 -16.70 -13.49 -17.03
N TYR A 397 -17.20 -12.43 -16.41
CA TYR A 397 -18.04 -11.46 -17.08
C TYR A 397 -17.37 -10.92 -18.35
N TRP A 398 -16.05 -10.87 -18.38
CA TRP A 398 -15.37 -10.29 -19.53
C TRP A 398 -14.44 -11.24 -20.27
N VAL A 399 -14.35 -12.52 -19.87
CA VAL A 399 -13.82 -13.52 -20.77
C VAL A 399 -14.92 -13.86 -21.74
N GLY A 400 -16.15 -13.50 -21.39
CA GLY A 400 -17.14 -13.41 -22.46
C GLY A 400 -16.69 -12.54 -23.61
N LYS A 401 -15.68 -11.69 -23.41
CA LYS A 401 -15.31 -10.66 -24.37
C LYS A 401 -13.87 -10.76 -24.88
N ILE A 402 -12.89 -10.96 -24.00
CA ILE A 402 -11.49 -10.90 -24.41
C ILE A 402 -11.17 -11.94 -25.47
N PHE A 403 -11.30 -13.21 -25.12
CA PHE A 403 -10.94 -14.27 -26.04
C PHE A 403 -12.01 -14.51 -27.09
N GLY A 404 -13.26 -14.22 -26.77
CA GLY A 404 -14.37 -14.45 -27.67
C GLY A 404 -15.12 -15.73 -27.41
N ARG A 405 -14.57 -16.64 -26.62
CA ARG A 405 -15.21 -17.90 -26.28
C ARG A 405 -16.02 -17.69 -24.99
N THR A 406 -16.50 -18.78 -24.40
CA THR A 406 -17.21 -18.69 -23.14
C THR A 406 -16.98 -19.96 -22.33
N TYR A 407 -16.82 -19.78 -21.02
CA TYR A 407 -16.54 -20.88 -20.12
C TYR A 407 -17.74 -21.83 -20.03
N PRO A 408 -17.52 -23.08 -19.65
CA PRO A 408 -18.64 -23.96 -19.35
C PRO A 408 -19.26 -23.61 -17.99
N GLU A 409 -20.59 -23.63 -17.94
CA GLU A 409 -21.29 -23.05 -16.80
C GLU A 409 -21.17 -23.91 -15.55
N THR A 410 -21.34 -25.23 -15.69
CA THR A 410 -21.28 -26.10 -14.51
C THR A 410 -19.90 -26.02 -13.86
N LEU A 411 -18.84 -25.93 -14.66
CA LEU A 411 -17.52 -25.77 -14.08
C LEU A 411 -17.36 -24.41 -13.41
N GLY A 412 -17.96 -23.36 -13.96
CA GLY A 412 -17.90 -22.07 -13.29
C GLY A 412 -18.54 -22.09 -11.92
N GLN A 413 -19.73 -22.68 -11.84
CA GLN A 413 -20.41 -22.77 -10.54
C GLN A 413 -19.67 -23.71 -9.60
N ILE A 414 -19.11 -24.81 -10.11
CA ILE A 414 -18.33 -25.71 -9.28
C ILE A 414 -17.13 -24.99 -8.70
N HIS A 415 -16.44 -24.20 -9.52
CA HIS A 415 -15.30 -23.45 -9.02
C HIS A 415 -15.71 -22.43 -7.98
N PHE A 416 -16.82 -21.73 -8.21
CA PHE A 416 -17.26 -20.77 -7.20
C PHE A 416 -17.52 -21.45 -5.88
N TRP A 417 -18.24 -22.57 -5.90
CA TRP A 417 -18.61 -23.21 -4.65
C TRP A 417 -17.39 -23.80 -3.94
N ILE A 418 -16.49 -24.43 -4.69
CA ILE A 418 -15.27 -24.97 -4.09
C ILE A 418 -14.48 -23.87 -3.43
N THR A 419 -14.21 -22.78 -4.16
CA THR A 419 -13.39 -21.72 -3.60
C THR A 419 -14.09 -21.07 -2.42
N PHE A 420 -15.38 -20.80 -2.53
CA PHE A 420 -16.09 -20.17 -1.41
C PHE A 420 -15.99 -21.02 -0.16
N PHE A 421 -16.31 -22.31 -0.26
CA PHE A 421 -16.26 -23.17 0.90
C PHE A 421 -14.85 -23.22 1.49
N GLY A 422 -13.86 -23.47 0.65
CA GLY A 422 -12.51 -23.59 1.17
C GLY A 422 -12.01 -22.32 1.84
N VAL A 423 -12.09 -21.20 1.13
CA VAL A 423 -11.49 -19.98 1.65
C VAL A 423 -12.34 -19.33 2.74
N ASN A 424 -13.59 -19.76 2.93
CA ASN A 424 -14.33 -19.30 4.09
C ASN A 424 -14.23 -20.26 5.26
N LEU A 425 -13.81 -21.50 5.02
CA LEU A 425 -13.45 -22.35 6.15
C LEU A 425 -12.10 -21.95 6.71
N THR A 426 -11.15 -21.60 5.84
CA THR A 426 -9.77 -21.51 6.28
C THR A 426 -9.43 -20.19 6.96
N PHE A 427 -10.37 -19.27 7.14
CA PHE A 427 -10.04 -17.96 7.69
C PHE A 427 -10.90 -17.50 8.86
N PHE A 428 -11.90 -18.27 9.27
CA PHE A 428 -12.75 -17.92 10.40
C PHE A 428 -12.10 -18.38 11.71
N PRO A 429 -11.53 -19.58 11.75
CA PRO A 429 -10.68 -19.92 12.90
C PRO A 429 -9.57 -18.93 13.14
N MET A 430 -9.15 -18.16 12.14
CA MET A 430 -8.19 -17.09 12.43
C MET A 430 -8.81 -16.07 13.37
N HIS A 431 -10.10 -15.76 13.19
CA HIS A 431 -10.81 -14.93 14.16
C HIS A 431 -10.75 -15.54 15.55
N PHE A 432 -11.05 -16.83 15.64
CA PHE A 432 -11.10 -17.44 16.98
C PHE A 432 -9.73 -17.45 17.65
N LEU A 433 -8.68 -17.80 16.92
CA LEU A 433 -7.33 -17.77 17.49
C LEU A 433 -6.93 -16.37 17.89
N GLY A 434 -7.26 -15.37 17.08
CA GLY A 434 -6.93 -14.01 17.44
C GLY A 434 -7.61 -13.58 18.73
N LEU A 435 -8.84 -14.03 18.93
CA LEU A 435 -9.49 -13.76 20.22
C LEU A 435 -8.78 -14.50 21.36
N SER A 436 -8.36 -15.74 21.11
CA SER A 436 -7.66 -16.48 22.15
C SER A 436 -6.37 -15.78 22.56
N GLY A 437 -5.62 -15.27 21.58
CA GLY A 437 -4.48 -14.44 21.87
C GLY A 437 -3.15 -14.85 21.26
N MET A 438 -3.16 -15.70 20.24
CA MET A 438 -1.90 -16.10 19.65
C MET A 438 -1.30 -14.95 18.84
N PRO A 439 0.00 -14.69 18.98
CA PRO A 439 0.61 -13.62 18.19
C PRO A 439 0.70 -13.98 16.72
N ARG A 440 0.75 -12.95 15.88
CA ARG A 440 0.87 -13.12 14.44
C ARG A 440 2.32 -13.39 14.05
N ARG A 441 2.48 -14.05 12.90
CA ARG A 441 3.79 -14.31 12.30
C ARG A 441 4.68 -15.15 13.23
N ILE A 442 4.21 -16.35 13.54
CA ILE A 442 5.01 -17.27 14.33
C ILE A 442 5.05 -18.63 13.63
N PRO A 443 6.18 -19.34 13.67
CA PRO A 443 6.25 -20.65 13.01
C PRO A 443 5.76 -21.79 13.90
N ASP A 444 5.86 -21.60 15.22
CA ASP A 444 5.39 -22.57 16.19
C ASP A 444 4.42 -21.89 17.13
N TYR A 445 3.46 -22.66 17.63
CA TYR A 445 2.48 -22.13 18.57
C TYR A 445 2.45 -23.03 19.79
N PRO A 446 2.03 -22.50 20.94
CA PRO A 446 1.82 -23.36 22.11
C PRO A 446 0.83 -24.46 21.79
N ASP A 447 0.82 -25.49 22.63
CA ASP A 447 -0.03 -26.64 22.35
C ASP A 447 -1.52 -26.28 22.38
N ALA A 448 -1.88 -25.20 23.06
CA ALA A 448 -3.29 -24.86 23.20
C ALA A 448 -3.91 -24.50 21.86
N TYR A 449 -3.19 -23.79 21.02
CA TYR A 449 -3.74 -23.33 19.75
C TYR A 449 -3.72 -24.39 18.67
N ALA A 450 -3.20 -25.58 18.95
CA ALA A 450 -3.10 -26.62 17.94
C ALA A 450 -4.46 -27.15 17.49
N GLY A 451 -5.54 -26.81 18.21
CA GLY A 451 -6.83 -27.36 17.87
C GLY A 451 -7.36 -26.85 16.54
N TRP A 452 -7.34 -25.53 16.34
CA TRP A 452 -7.92 -24.99 15.12
C TRP A 452 -6.95 -25.03 13.95
N ASN A 453 -5.66 -24.82 14.19
CA ASN A 453 -4.72 -24.75 13.08
C ASN A 453 -4.62 -26.06 12.31
N ALA A 454 -5.11 -27.15 12.89
CA ALA A 454 -5.30 -28.36 12.08
C ALA A 454 -6.52 -28.22 11.19
N LEU A 455 -7.56 -27.53 11.68
CA LEU A 455 -8.76 -27.31 10.90
C LEU A 455 -8.56 -26.27 9.81
N SER A 456 -7.88 -25.17 10.11
CA SER A 456 -7.61 -24.19 9.08
C SER A 456 -6.71 -24.77 8.00
N SER A 457 -5.71 -25.56 8.40
CA SER A 457 -4.86 -26.22 7.41
C SER A 457 -5.69 -27.10 6.48
N PHE A 458 -6.83 -27.59 6.94
CA PHE A 458 -7.70 -28.34 6.06
C PHE A 458 -8.40 -27.44 5.04
N GLY A 459 -8.29 -26.13 5.17
CA GLY A 459 -8.95 -25.23 4.26
C GLY A 459 -8.12 -24.84 3.06
N SER A 460 -6.79 -24.87 3.19
CA SER A 460 -5.94 -24.45 2.08
C SER A 460 -6.03 -25.42 0.90
N TYR A 461 -6.13 -26.72 1.19
CA TYR A 461 -6.14 -27.71 0.12
C TYR A 461 -7.40 -27.60 -0.74
N ILE A 462 -8.54 -27.24 -0.12
CA ILE A 462 -9.75 -27.02 -0.90
C ILE A 462 -9.55 -25.84 -1.85
N SER A 463 -8.91 -24.77 -1.38
CA SER A 463 -8.66 -23.64 -2.26
C SER A 463 -7.68 -23.99 -3.37
N VAL A 464 -6.73 -24.87 -3.10
CA VAL A 464 -5.86 -25.35 -4.18
C VAL A 464 -6.67 -26.10 -5.23
N VAL A 465 -7.58 -26.96 -4.78
CA VAL A 465 -8.47 -27.65 -5.71
C VAL A 465 -9.26 -26.63 -6.53
N GLY A 466 -9.73 -25.57 -5.87
CA GLY A 466 -10.47 -24.54 -6.58
C GLY A 466 -9.64 -23.85 -7.65
N ILE A 467 -8.40 -23.51 -7.33
CA ILE A 467 -7.55 -22.82 -8.31
C ILE A 467 -7.24 -23.74 -9.49
N CYS A 468 -6.98 -25.03 -9.21
CA CYS A 468 -6.76 -25.95 -10.32
C CYS A 468 -8.00 -26.06 -11.20
N CYS A 469 -9.19 -26.08 -10.58
CA CYS A 469 -10.42 -26.06 -11.37
C CYS A 469 -10.51 -24.79 -12.21
N PHE A 470 -10.09 -23.66 -11.64
CA PHE A 470 -10.13 -22.40 -12.39
C PHE A 470 -9.24 -22.45 -13.61
N PHE A 471 -8.07 -23.06 -13.49
CA PHE A 471 -7.18 -23.13 -14.65
C PHE A 471 -7.69 -24.13 -15.68
N VAL A 472 -8.35 -25.20 -15.22
CA VAL A 472 -9.04 -26.07 -16.18
C VAL A 472 -10.10 -25.28 -16.94
N VAL A 473 -10.80 -24.39 -16.23
CA VAL A 473 -11.81 -23.56 -16.87
C VAL A 473 -11.16 -22.65 -17.91
N VAL A 474 -10.03 -22.04 -17.58
CA VAL A 474 -9.38 -21.15 -18.53
C VAL A 474 -8.94 -21.90 -19.77
N THR A 475 -8.37 -23.10 -19.61
CA THR A 475 -7.93 -23.85 -20.79
C THR A 475 -9.12 -24.31 -21.63
N ILE A 476 -10.17 -24.83 -21.00
CA ILE A 476 -11.34 -25.24 -21.77
C ILE A 476 -12.03 -24.06 -22.43
N THR A 477 -11.87 -22.85 -21.87
CA THR A 477 -12.38 -21.66 -22.55
C THR A 477 -11.54 -21.34 -23.78
N SER A 478 -10.21 -21.33 -23.64
CA SER A 478 -9.36 -21.00 -24.77
C SER A 478 -9.39 -22.06 -25.85
N THR A 479 -9.87 -23.27 -25.55
CA THR A 479 -10.04 -24.29 -26.59
C THR A 479 -11.49 -24.68 -26.80
N SER A 480 -12.45 -23.93 -26.26
CA SER A 480 -13.85 -24.24 -26.46
C SER A 480 -14.23 -24.03 -27.92
N GLY A 481 -14.68 -25.09 -28.57
CA GLY A 481 -15.02 -25.01 -29.97
C GLY A 481 -16.44 -24.57 -30.23
N ASN A 482 -16.90 -23.54 -29.52
CA ASN A 482 -18.27 -23.08 -29.65
C ASN A 482 -18.31 -21.61 -29.22
N ASN A 483 -18.50 -20.72 -30.18
CA ASN A 483 -18.27 -19.30 -29.96
C ASN A 483 -19.43 -18.67 -29.18
N ILE A 484 -19.43 -17.35 -29.11
CA ILE A 484 -20.38 -16.61 -28.31
C ILE A 484 -21.74 -16.58 -28.99
N THR A 485 -22.80 -16.86 -28.23
CA THR A 485 -24.14 -17.01 -28.80
C THR A 485 -25.14 -16.27 -27.89
N ARG A 486 -26.42 -16.50 -28.16
CA ARG A 486 -27.51 -16.03 -27.31
C ARG A 486 -27.95 -17.08 -26.31
N ALA A 487 -27.95 -18.35 -26.72
CA ALA A 487 -28.28 -19.43 -25.78
C ALA A 487 -27.25 -19.50 -24.66
N ASN A 488 -25.97 -19.40 -25.00
CA ASN A 488 -24.91 -19.42 -24.00
C ASN A 488 -25.05 -18.24 -23.05
N ILE A 489 -24.91 -17.03 -23.58
CA ILE A 489 -24.92 -15.85 -22.73
C ILE A 489 -25.84 -14.80 -23.34
N PRO A 490 -26.60 -14.05 -22.54
CA PRO A 490 -27.47 -13.00 -23.07
C PRO A 490 -26.89 -11.58 -23.01
N TRP A 491 -25.61 -11.43 -22.67
CA TRP A 491 -25.09 -10.08 -22.48
C TRP A 491 -24.77 -9.42 -23.81
N ALA A 492 -23.80 -9.97 -24.54
CA ALA A 492 -23.29 -9.31 -25.73
C ALA A 492 -24.31 -9.25 -26.86
N VAL A 493 -25.40 -10.01 -26.77
CA VAL A 493 -26.42 -9.99 -27.81
C VAL A 493 -27.31 -8.77 -27.72
N GLU A 494 -27.13 -7.94 -26.69
CA GLU A 494 -28.00 -6.78 -26.50
C GLU A 494 -27.85 -5.79 -27.65
N GLN A 495 -28.96 -5.48 -28.31
CA GLN A 495 -28.99 -4.35 -29.23
C GLN A 495 -29.04 -3.03 -28.50
N ASN A 496 -29.25 -3.04 -27.19
CA ASN A 496 -29.24 -1.85 -26.35
C ASN A 496 -28.57 -2.23 -25.03
N SER A 497 -27.49 -1.53 -24.69
CA SER A 497 -26.72 -1.87 -23.51
C SER A 497 -26.45 -0.62 -22.69
N THR A 498 -26.56 -0.75 -21.36
CA THR A 498 -26.25 0.37 -20.48
C THR A 498 -24.78 0.78 -20.62
N THR A 499 -23.89 -0.21 -20.67
CA THR A 499 -22.48 0.04 -20.85
C THR A 499 -22.11 -0.10 -22.32
N LEU A 500 -21.20 0.75 -22.77
CA LEU A 500 -20.89 0.82 -24.19
C LEU A 500 -20.12 -0.40 -24.67
N GLU A 501 -19.46 -1.13 -23.79
CA GLU A 501 -18.48 -2.11 -24.23
C GLU A 501 -19.09 -3.42 -24.70
N TRP A 502 -20.39 -3.64 -24.50
CA TRP A 502 -20.99 -4.90 -24.92
C TRP A 502 -21.46 -4.90 -26.36
N LEU A 503 -21.81 -3.75 -26.89
CA LEU A 503 -22.28 -3.63 -28.28
C LEU A 503 -21.16 -3.25 -29.25
N VAL A 504 -20.03 -3.94 -29.22
CA VAL A 504 -19.03 -3.62 -30.25
C VAL A 504 -18.74 -4.80 -31.15
N GLN A 505 -18.10 -5.85 -30.64
CA GLN A 505 -17.79 -7.07 -31.38
C GLN A 505 -17.53 -8.18 -30.37
N SER A 506 -17.07 -9.34 -30.85
CA SER A 506 -16.67 -10.39 -29.92
C SER A 506 -15.34 -10.02 -29.24
N PRO A 507 -14.21 -9.93 -29.95
CA PRO A 507 -13.15 -9.04 -29.48
C PRO A 507 -13.19 -7.74 -30.26
N PRO A 508 -12.73 -6.64 -29.67
CA PRO A 508 -12.63 -5.39 -30.44
C PRO A 508 -11.66 -5.56 -31.59
N ALA A 509 -11.93 -4.85 -32.69
CA ALA A 509 -11.21 -5.17 -33.93
C ALA A 509 -9.71 -4.92 -33.84
N PHE A 510 -9.28 -3.67 -33.90
CA PHE A 510 -7.91 -3.35 -33.48
C PHE A 510 -7.86 -1.96 -32.86
N HIS A 511 -8.77 -1.09 -33.30
CA HIS A 511 -8.87 0.26 -32.78
C HIS A 511 -10.12 0.47 -31.94
N THR A 512 -10.92 -0.58 -31.78
CA THR A 512 -12.11 -0.62 -30.93
C THR A 512 -13.19 0.31 -31.46
N PHE A 513 -12.90 1.08 -32.50
CA PHE A 513 -13.84 2.11 -32.94
C PHE A 513 -13.53 2.48 -34.38
N GLY A 514 -14.37 2.04 -35.32
CA GLY A 514 -14.31 2.61 -36.65
C GLY A 514 -14.73 4.05 -36.66
N GLU A 515 -15.55 4.46 -35.70
CA GLU A 515 -16.04 5.83 -35.59
C GLU A 515 -16.64 6.01 -34.21
N LEU A 516 -16.32 7.12 -33.57
CA LEU A 516 -16.67 7.32 -32.17
C LEU A 516 -18.18 7.44 -31.99
N PRO A 517 -18.69 7.07 -30.82
CA PRO A 517 -20.11 7.24 -30.54
C PRO A 517 -20.47 8.71 -30.39
N ALA A 518 -21.76 8.97 -30.30
CA ALA A 518 -22.28 10.32 -30.13
C ALA A 518 -23.27 10.34 -28.97
N ILE A 519 -23.89 11.50 -28.76
CA ILE A 519 -24.93 11.68 -27.77
C ILE A 519 -25.93 12.68 -28.31
N LYS A 520 -27.21 12.36 -28.24
CA LYS A 520 -28.22 13.21 -28.87
C LYS A 520 -28.22 14.61 -28.31
N GLU A 521 -28.22 14.73 -26.97
CA GLU A 521 -28.06 16.03 -26.31
C GLU A 521 -29.16 17.02 -26.76
N THR A 522 -30.39 16.72 -26.33
CA THR A 522 -31.56 17.48 -26.79
C THR A 522 -31.62 18.85 -26.15
N LYS A 523 -32.79 19.50 -26.25
CA LYS A 523 -32.96 20.92 -25.94
C LYS A 523 -32.13 21.77 -26.89
N SER A 524 -32.47 21.70 -28.18
CA SER A 524 -31.81 22.53 -29.18
C SER A 524 -32.12 24.01 -28.97
N ASP B 12 -6.22 -17.52 32.25
CA ASP B 12 -4.92 -16.88 32.33
C ASP B 12 -3.98 -17.46 31.29
N ALA B 13 -4.02 -18.77 31.12
CA ALA B 13 -3.24 -19.46 30.11
C ALA B 13 -4.12 -19.84 28.92
N PRO B 14 -3.52 -20.06 27.75
CA PRO B 14 -4.31 -20.44 26.58
C PRO B 14 -4.92 -21.82 26.72
N GLU B 15 -6.10 -21.99 26.10
CA GLU B 15 -6.93 -23.17 26.25
C GLU B 15 -7.17 -23.83 24.90
N PRO B 16 -7.20 -25.15 24.83
CA PRO B 16 -7.49 -25.81 23.56
C PRO B 16 -8.95 -25.66 23.19
N TRP B 17 -9.20 -25.43 21.89
CA TRP B 17 -10.54 -25.21 21.37
C TRP B 17 -11.30 -24.20 22.21
N GLN B 18 -10.79 -22.98 22.23
CA GLN B 18 -11.34 -21.90 23.03
C GLN B 18 -11.93 -20.84 22.12
N LEU B 19 -13.06 -20.27 22.54
CA LEU B 19 -13.73 -19.20 21.82
C LEU B 19 -13.66 -17.94 22.64
N GLY B 20 -13.10 -16.88 22.07
CA GLY B 20 -13.10 -15.60 22.73
C GLY B 20 -11.88 -15.37 23.61
N PHE B 21 -12.00 -14.35 24.47
CA PHE B 21 -10.90 -13.87 25.27
C PHE B 21 -10.58 -14.83 26.42
N GLN B 22 -9.38 -14.66 26.96
CA GLN B 22 -8.96 -15.40 28.15
C GLN B 22 -9.57 -14.72 29.37
N ASP B 23 -9.11 -15.07 30.56
CA ASP B 23 -9.67 -14.50 31.77
C ASP B 23 -8.96 -13.20 32.14
N ALA B 24 -9.66 -12.36 32.88
CA ALA B 24 -9.20 -11.02 33.20
C ALA B 24 -8.60 -10.98 34.60
N ALA B 25 -7.55 -10.17 34.76
CA ALA B 25 -6.99 -9.89 36.08
C ALA B 25 -6.60 -8.43 36.22
N THR B 26 -7.31 -7.55 35.53
CA THR B 26 -6.96 -6.13 35.50
C THR B 26 -8.22 -5.37 35.16
N PRO B 27 -8.48 -4.22 35.78
CA PRO B 27 -9.63 -3.40 35.35
C PRO B 27 -9.57 -3.05 33.87
N ILE B 28 -8.36 -2.89 33.32
CA ILE B 28 -8.21 -2.67 31.89
C ILE B 28 -8.88 -3.80 31.12
N MET B 29 -8.63 -5.04 31.52
CA MET B 29 -9.17 -6.16 30.76
C MET B 29 -10.68 -6.27 30.92
N GLN B 30 -11.21 -5.90 32.09
CA GLN B 30 -12.66 -5.81 32.23
C GLN B 30 -13.23 -4.79 31.25
N GLY B 31 -12.61 -3.61 31.17
CA GLY B 31 -13.06 -2.63 30.21
C GLY B 31 -13.00 -3.15 28.79
N ILE B 32 -11.93 -3.88 28.46
CA ILE B 32 -11.77 -4.41 27.11
C ILE B 32 -12.87 -5.41 26.78
N MET B 33 -13.16 -6.31 27.71
CA MET B 33 -14.23 -7.28 27.48
C MET B 33 -15.56 -6.59 27.28
N ASP B 34 -15.88 -5.61 28.13
CA ASP B 34 -17.16 -4.92 28.01
C ASP B 34 -17.26 -4.17 26.69
N LEU B 35 -16.19 -3.48 26.29
CA LEU B 35 -16.22 -2.74 25.05
C LEU B 35 -16.38 -3.65 23.86
N HIS B 36 -15.66 -4.78 23.84
CA HIS B 36 -15.82 -5.72 22.73
C HIS B 36 -17.22 -6.31 22.70
N HIS B 37 -17.81 -6.56 23.86
CA HIS B 37 -19.15 -7.14 23.86
C HIS B 37 -20.19 -6.14 23.36
N ASP B 38 -20.07 -4.87 23.75
CA ASP B 38 -20.98 -3.86 23.22
C ASP B 38 -20.83 -3.71 21.71
N ILE B 39 -19.58 -3.65 21.23
CA ILE B 39 -19.33 -3.55 19.80
C ILE B 39 -19.92 -4.75 19.08
N PHE B 40 -19.73 -5.95 19.63
CA PHE B 40 -20.23 -7.14 18.97
C PHE B 40 -21.76 -7.18 18.97
N PHE B 41 -22.40 -6.68 20.02
CA PHE B 41 -23.86 -6.60 20.02
C PHE B 41 -24.35 -5.75 18.86
N PHE B 42 -23.81 -4.52 18.75
CA PHE B 42 -24.24 -3.65 17.67
C PHE B 42 -23.94 -4.27 16.31
N LEU B 43 -22.78 -4.89 16.16
CA LEU B 43 -22.39 -5.35 14.84
C LEU B 43 -23.06 -6.67 14.45
N VAL B 44 -23.47 -7.51 15.40
CA VAL B 44 -24.28 -8.65 15.01
C VAL B 44 -25.66 -8.19 14.58
N GLN B 45 -26.20 -7.15 15.24
CA GLN B 45 -27.44 -6.58 14.72
C GLN B 45 -27.28 -6.13 13.27
N ILE B 46 -26.21 -5.37 13.00
CA ILE B 46 -25.97 -4.87 11.65
C ILE B 46 -25.85 -6.02 10.65
N ALA B 47 -25.03 -7.02 10.99
CA ALA B 47 -24.75 -8.09 10.04
C ALA B 47 -26.00 -8.91 9.74
N VAL B 48 -26.79 -9.25 10.77
CA VAL B 48 -27.97 -10.07 10.52
C VAL B 48 -28.99 -9.29 9.71
N PHE B 49 -29.14 -7.99 9.99
CA PHE B 49 -30.08 -7.20 9.20
C PHE B 49 -29.67 -7.13 7.74
N VAL B 50 -28.37 -6.90 7.47
CA VAL B 50 -27.91 -6.80 6.09
C VAL B 50 -28.08 -8.14 5.37
N LEU B 51 -27.71 -9.24 6.03
CA LEU B 51 -27.88 -10.55 5.40
C LEU B 51 -29.34 -10.83 5.11
N TRP B 52 -30.24 -10.47 6.03
CA TRP B 52 -31.65 -10.71 5.80
C TRP B 52 -32.17 -9.92 4.61
N VAL B 53 -31.81 -8.64 4.51
CA VAL B 53 -32.32 -7.84 3.42
C VAL B 53 -31.75 -8.32 2.09
N LEU B 54 -30.46 -8.66 2.06
CA LEU B 54 -29.88 -9.19 0.83
C LEU B 54 -30.56 -10.48 0.41
N SER B 55 -30.79 -11.39 1.36
CA SER B 55 -31.41 -12.67 1.02
C SER B 55 -32.82 -12.49 0.51
N ARG B 56 -33.63 -11.67 1.18
CA ARG B 56 -34.99 -11.45 0.72
C ARG B 56 -35.01 -10.74 -0.63
N ALA B 57 -34.03 -9.88 -0.91
CA ALA B 57 -33.99 -9.25 -2.21
C ALA B 57 -33.63 -10.25 -3.31
N LEU B 58 -32.67 -11.14 -3.04
CA LEU B 58 -32.28 -12.12 -4.04
C LEU B 58 -33.38 -13.16 -4.28
N TRP B 59 -34.12 -13.52 -3.24
CA TRP B 59 -34.96 -14.70 -3.33
C TRP B 59 -36.35 -14.38 -3.86
N CYS B 60 -36.90 -13.23 -3.48
CA CYS B 60 -38.24 -12.90 -3.94
C CYS B 60 -38.27 -12.35 -5.36
N PHE B 61 -37.12 -12.17 -6.00
CA PHE B 61 -37.03 -11.59 -7.33
C PHE B 61 -36.18 -12.45 -8.25
N ARG B 62 -36.35 -13.77 -8.16
CA ARG B 62 -35.40 -14.72 -8.74
C ARG B 62 -35.77 -15.18 -10.15
N SER B 63 -36.05 -14.23 -11.05
CA SER B 63 -36.19 -14.48 -12.48
C SER B 63 -37.40 -15.33 -12.83
N LYS B 64 -38.11 -15.84 -11.83
CA LYS B 64 -39.28 -16.65 -12.06
C LYS B 64 -40.52 -16.08 -11.43
N ILE B 65 -40.39 -15.09 -10.56
CA ILE B 65 -41.52 -14.35 -10.02
C ILE B 65 -41.64 -12.98 -10.68
N SER B 66 -40.52 -12.29 -10.89
CA SER B 66 -40.50 -10.92 -11.39
C SER B 66 -39.60 -10.84 -12.61
N PRO B 67 -40.12 -11.17 -13.79
CA PRO B 67 -39.32 -11.06 -15.01
C PRO B 67 -39.34 -9.68 -15.65
N ILE B 68 -39.76 -8.65 -14.91
CA ILE B 68 -39.83 -7.29 -15.42
C ILE B 68 -38.98 -6.38 -14.53
N PRO B 69 -37.98 -5.68 -15.10
CA PRO B 69 -37.01 -4.96 -14.27
C PRO B 69 -37.58 -3.89 -13.37
N GLN B 70 -38.72 -3.30 -13.71
CA GLN B 70 -39.46 -2.37 -12.87
C GLN B 70 -38.81 -0.99 -12.74
N ARG B 71 -37.58 -0.84 -13.22
CA ARG B 71 -37.01 0.43 -13.68
C ARG B 71 -37.28 1.60 -12.71
N ILE B 72 -36.61 1.55 -11.56
CA ILE B 72 -36.47 2.70 -10.68
C ILE B 72 -35.00 2.96 -10.44
N VAL B 73 -34.58 4.22 -10.57
CA VAL B 73 -33.18 4.58 -10.46
C VAL B 73 -32.93 5.72 -9.50
N HIS B 74 -33.87 6.64 -9.32
CA HIS B 74 -33.70 7.77 -8.40
C HIS B 74 -34.48 7.48 -7.13
N GLY B 75 -33.81 7.58 -6.00
CA GLY B 75 -34.44 7.36 -4.70
C GLY B 75 -34.27 8.58 -3.83
N THR B 76 -35.31 8.90 -3.06
CA THR B 76 -35.31 10.04 -2.17
C THR B 76 -35.87 9.63 -0.82
N THR B 77 -35.45 10.35 0.21
CA THR B 77 -35.89 10.14 1.59
C THR B 77 -35.66 8.71 2.08
N ILE B 78 -34.80 7.96 1.40
CA ILE B 78 -34.34 6.70 1.97
C ILE B 78 -32.81 6.69 1.95
N GLU B 79 -32.22 7.40 0.98
CA GLU B 79 -30.77 7.54 0.96
C GLU B 79 -30.29 8.32 2.17
N ILE B 80 -30.98 9.41 2.49
CA ILE B 80 -30.63 10.15 3.69
C ILE B 80 -30.86 9.29 4.92
N LEU B 81 -31.81 8.35 4.86
CA LEU B 81 -32.04 7.50 6.02
C LEU B 81 -30.91 6.51 6.24
N TRP B 82 -30.41 5.85 5.19
CA TRP B 82 -29.26 5.01 5.48
C TRP B 82 -27.95 5.80 5.52
N THR B 83 -27.98 7.10 5.28
CA THR B 83 -26.81 7.91 5.62
C THR B 83 -26.83 8.33 7.09
N ILE B 84 -28.02 8.56 7.65
CA ILE B 84 -28.13 9.04 9.03
C ILE B 84 -28.09 7.90 10.03
N PHE B 85 -28.86 6.84 9.80
CA PHE B 85 -28.96 5.80 10.84
C PHE B 85 -27.64 5.10 11.14
N PRO B 86 -26.81 4.74 10.17
CA PRO B 86 -25.46 4.27 10.54
C PRO B 86 -24.66 5.30 11.32
N SER B 87 -24.93 6.59 11.13
CA SER B 87 -24.22 7.60 11.92
C SER B 87 -24.57 7.51 13.40
N ILE B 88 -25.86 7.37 13.72
CA ILE B 88 -26.21 7.24 15.13
C ILE B 88 -25.76 5.89 15.66
N ILE B 89 -25.70 4.86 14.81
CA ILE B 89 -25.13 3.59 15.24
C ILE B 89 -23.67 3.78 15.64
N LEU B 90 -22.91 4.52 14.83
CA LEU B 90 -21.51 4.77 15.14
C LEU B 90 -21.37 5.62 16.39
N MET B 91 -22.26 6.60 16.58
CA MET B 91 -22.24 7.38 17.82
C MET B 91 -22.46 6.47 19.03
N PHE B 92 -23.40 5.53 18.92
CA PHE B 92 -23.67 4.64 20.03
C PHE B 92 -22.49 3.72 20.31
N ILE B 93 -21.78 3.27 19.26
CA ILE B 93 -20.64 2.39 19.48
C ILE B 93 -19.34 3.14 19.69
N ALA B 94 -19.38 4.47 19.67
CA ALA B 94 -18.22 5.28 20.04
C ALA B 94 -18.40 6.01 21.36
N ILE B 95 -19.60 6.01 21.92
CA ILE B 95 -19.76 6.49 23.30
C ILE B 95 -18.95 5.67 24.30
N PRO B 96 -18.98 4.32 24.27
CA PRO B 96 -18.23 3.57 25.30
C PRO B 96 -16.73 3.58 25.08
N SER B 97 -16.29 3.57 23.82
CA SER B 97 -14.85 3.52 23.55
C SER B 97 -14.13 4.75 24.11
N PHE B 98 -14.69 5.93 23.90
CA PHE B 98 -14.08 7.14 24.42
C PHE B 98 -14.05 7.13 25.95
N THR B 99 -15.13 6.66 26.57
CA THR B 99 -15.16 6.58 28.02
C THR B 99 -14.09 5.63 28.53
N LEU B 100 -13.92 4.48 27.86
CA LEU B 100 -12.88 3.55 28.28
C LEU B 100 -11.51 4.19 28.14
N LEU B 101 -11.25 4.89 27.04
CA LEU B 101 -9.95 5.52 26.86
C LEU B 101 -9.67 6.54 27.96
N TYR B 102 -10.61 7.46 28.18
CA TYR B 102 -10.38 8.56 29.11
C TYR B 102 -10.63 8.18 30.57
N SER B 103 -11.04 6.94 30.84
CA SER B 103 -11.00 6.42 32.19
C SER B 103 -9.88 5.41 32.39
N MET B 104 -9.19 5.01 31.33
CA MET B 104 -8.01 4.17 31.45
C MET B 104 -6.73 4.98 31.51
N ASP B 105 -6.70 6.15 30.86
CA ASP B 105 -5.48 6.95 30.86
C ASP B 105 -5.11 7.41 32.26
N ASP B 106 -6.08 7.86 33.04
CA ASP B 106 -5.78 8.54 34.30
C ASP B 106 -5.16 7.58 35.31
N VAL B 107 -4.08 8.02 35.92
CA VAL B 107 -3.48 7.33 37.06
C VAL B 107 -3.52 8.30 38.23
N VAL B 108 -4.62 8.25 38.99
CA VAL B 108 -4.79 9.13 40.13
C VAL B 108 -3.84 8.73 41.25
N VAL B 109 -3.61 7.44 41.41
CA VAL B 109 -2.82 6.89 42.51
C VAL B 109 -1.36 6.79 42.08
N ASP B 110 -0.48 6.90 43.06
CA ASP B 110 0.94 6.70 42.80
C ASP B 110 1.23 5.22 42.59
N PRO B 111 2.08 4.89 41.61
CA PRO B 111 2.52 3.50 41.49
C PRO B 111 3.33 3.10 42.71
N ALA B 112 3.22 1.83 43.09
CA ALA B 112 3.90 1.34 44.28
C ALA B 112 5.24 0.71 43.98
N ILE B 113 5.43 0.15 42.78
CA ILE B 113 6.71 -0.40 42.36
C ILE B 113 7.02 0.08 40.95
N THR B 114 8.13 -0.42 40.40
CA THR B 114 8.57 -0.02 39.06
C THR B 114 9.40 -1.14 38.47
N ILE B 115 8.94 -1.73 37.37
CA ILE B 115 9.49 -2.97 36.85
C ILE B 115 9.88 -2.72 35.39
N LYS B 116 11.13 -2.33 35.16
CA LYS B 116 11.61 -2.18 33.79
C LYS B 116 11.66 -3.55 33.12
N ALA B 117 11.24 -3.60 31.86
CA ALA B 117 11.20 -4.84 31.10
C ALA B 117 11.95 -4.60 29.79
N ILE B 118 13.26 -4.78 29.82
CA ILE B 118 14.10 -4.50 28.65
C ILE B 118 14.05 -5.70 27.71
N GLY B 119 13.53 -5.48 26.51
CA GLY B 119 13.35 -6.50 25.50
C GLY B 119 14.54 -6.83 24.63
N HIS B 120 15.48 -7.62 25.13
CA HIS B 120 16.66 -7.97 24.33
C HIS B 120 16.29 -8.80 23.11
N GLN B 121 17.30 -9.18 22.34
CA GLN B 121 17.11 -9.95 21.10
C GLN B 121 16.95 -11.42 21.47
N TRP B 122 15.69 -11.89 21.46
CA TRP B 122 15.28 -13.28 21.69
C TRP B 122 15.27 -13.69 23.16
N TYR B 123 15.25 -12.74 24.09
CA TYR B 123 15.06 -13.03 25.51
C TYR B 123 14.87 -11.71 26.24
N TRP B 124 14.08 -11.75 27.31
CA TRP B 124 13.77 -10.54 28.06
C TRP B 124 14.70 -10.38 29.26
N SER B 125 14.60 -9.21 29.89
CA SER B 125 15.32 -8.93 31.12
C SER B 125 14.47 -7.99 31.97
N TYR B 126 14.72 -8.00 33.27
CA TYR B 126 13.94 -7.17 34.18
C TYR B 126 14.83 -6.65 35.29
N GLU B 127 14.44 -5.51 35.86
CA GLU B 127 15.18 -4.89 36.95
C GLU B 127 14.19 -4.19 37.86
N TYR B 128 13.96 -4.74 39.05
CA TYR B 128 13.17 -4.05 40.08
C TYR B 128 14.09 -3.12 40.86
N SER B 129 14.60 -2.11 40.16
CA SER B 129 15.75 -1.36 40.66
C SER B 129 15.46 -0.56 41.92
N ASP B 130 14.20 -0.37 42.30
CA ASP B 130 13.90 0.52 43.42
C ASP B 130 14.06 -0.13 44.78
N TYR B 131 15.20 -0.78 45.02
CA TYR B 131 15.47 -1.35 46.33
C TYR B 131 16.94 -1.23 46.72
N ASN B 132 17.75 -0.52 45.96
CA ASN B 132 19.20 -0.55 46.11
C ASN B 132 19.72 0.79 46.59
N ASN B 133 20.61 0.76 47.59
CA ASN B 133 21.21 1.97 48.11
C ASN B 133 22.33 2.52 47.23
N SER B 134 22.90 1.68 46.37
CA SER B 134 24.02 2.08 45.54
C SER B 134 23.50 2.59 44.19
N ASP B 135 24.42 2.77 43.23
CA ASP B 135 24.07 3.11 41.86
C ASP B 135 23.97 1.88 40.97
N GLU B 136 24.91 0.96 41.09
CA GLU B 136 24.80 -0.31 40.38
C GLU B 136 23.55 -1.04 40.84
N GLN B 137 22.82 -1.62 39.89
CA GLN B 137 21.49 -2.12 40.19
C GLN B 137 21.56 -3.56 40.67
N SER B 138 20.86 -3.83 41.77
CA SER B 138 20.65 -5.18 42.26
C SER B 138 19.31 -5.69 41.76
N LEU B 139 19.09 -6.99 41.91
CA LEU B 139 17.84 -7.63 41.50
C LEU B 139 17.58 -7.40 40.01
N ALA B 140 18.49 -7.95 39.21
CA ALA B 140 18.36 -7.98 37.77
C ALA B 140 18.62 -9.39 37.29
N PHE B 141 17.80 -9.85 36.34
CA PHE B 141 17.87 -11.23 35.88
C PHE B 141 17.39 -11.30 34.44
N ASP B 142 17.40 -12.51 33.89
CA ASP B 142 17.03 -12.75 32.51
C ASP B 142 15.94 -13.82 32.44
N SER B 143 15.07 -13.68 31.45
CA SER B 143 13.87 -14.50 31.30
C SER B 143 14.00 -15.34 30.03
N TYR B 144 14.64 -16.49 30.18
CA TYR B 144 14.89 -17.39 29.06
C TYR B 144 13.77 -18.41 28.91
N MET B 145 13.43 -18.70 27.66
CA MET B 145 12.50 -19.79 27.38
C MET B 145 13.13 -21.13 27.73
N VAL B 146 12.34 -22.01 28.33
CA VAL B 146 12.84 -23.34 28.69
C VAL B 146 12.83 -24.22 27.44
N PRO B 147 13.96 -24.85 27.08
CA PRO B 147 13.99 -25.68 25.88
C PRO B 147 13.06 -26.89 25.99
N GLU B 148 12.98 -27.68 24.93
CA GLU B 148 12.00 -28.76 24.89
C GLU B 148 12.27 -29.82 25.94
N ASP B 149 13.53 -30.24 26.09
CA ASP B 149 13.84 -31.37 26.95
C ASP B 149 14.03 -30.97 28.41
N ASP B 150 13.96 -29.67 28.71
CA ASP B 150 14.16 -29.21 30.07
C ASP B 150 12.85 -28.99 30.81
N LEU B 151 11.77 -29.63 30.37
CA LEU B 151 10.46 -29.44 30.96
C LEU B 151 10.10 -30.60 31.89
N GLU B 152 9.31 -30.29 32.92
CA GLU B 152 8.68 -31.33 33.70
C GLU B 152 7.40 -31.79 32.99
N LEU B 153 6.73 -32.78 33.58
CA LEU B 153 5.64 -33.44 32.87
C LEU B 153 4.43 -32.54 32.66
N GLY B 154 4.37 -31.40 33.34
CA GLY B 154 3.17 -30.58 33.29
C GLY B 154 3.21 -29.32 32.45
N GLN B 155 4.33 -28.60 32.44
CA GLN B 155 4.37 -27.24 31.91
C GLN B 155 4.04 -27.23 30.41
N LEU B 156 3.81 -26.02 29.90
CA LEU B 156 3.49 -25.84 28.49
C LEU B 156 4.75 -25.90 27.66
N ARG B 157 4.59 -25.79 26.35
CA ARG B 157 5.70 -25.87 25.40
C ARG B 157 6.02 -24.48 24.88
N LEU B 158 7.32 -24.16 24.82
CA LEU B 158 7.85 -22.89 24.34
C LEU B 158 7.17 -21.68 24.99
N LEU B 159 6.52 -21.89 26.12
CA LEU B 159 5.85 -20.81 26.83
C LEU B 159 6.19 -20.81 28.32
N GLU B 160 7.09 -21.69 28.76
CA GLU B 160 7.56 -21.71 30.14
C GLU B 160 8.92 -21.02 30.22
N VAL B 161 9.13 -20.29 31.32
CA VAL B 161 10.27 -19.38 31.45
C VAL B 161 11.05 -19.71 32.72
N ASP B 162 12.37 -19.61 32.63
CA ASP B 162 13.20 -19.64 33.82
C ASP B 162 13.08 -18.31 34.57
N ASN B 163 12.87 -18.38 35.88
CA ASN B 163 12.96 -17.22 36.75
C ASN B 163 11.97 -16.13 36.34
N ARG B 164 10.69 -16.47 36.52
CA ARG B 164 9.57 -15.66 36.04
C ARG B 164 9.55 -14.28 36.69
N VAL B 165 8.73 -13.40 36.13
CA VAL B 165 8.48 -12.10 36.76
C VAL B 165 7.64 -12.30 38.00
N VAL B 166 8.03 -11.69 39.11
CA VAL B 166 7.29 -11.76 40.36
C VAL B 166 6.71 -10.39 40.64
N VAL B 167 5.45 -10.35 41.08
CA VAL B 167 4.75 -9.10 41.27
C VAL B 167 3.78 -9.22 42.45
N PRO B 168 3.73 -8.26 43.35
CA PRO B 168 2.74 -8.30 44.42
C PRO B 168 1.34 -8.04 43.88
N ALA B 169 0.37 -8.80 44.38
CA ALA B 169 -1.00 -8.73 43.90
C ALA B 169 -1.83 -7.75 44.73
N LYS B 170 -2.83 -7.16 44.08
CA LYS B 170 -3.74 -6.18 44.67
C LYS B 170 -3.04 -4.86 44.98
N THR B 171 -1.88 -4.60 44.39
CA THR B 171 -1.20 -3.34 44.57
C THR B 171 -0.69 -2.86 43.21
N HIS B 172 -0.57 -1.54 43.07
CA HIS B 172 -0.35 -0.94 41.77
C HIS B 172 1.03 -1.28 41.23
N LEU B 173 1.20 -1.07 39.93
CA LEU B 173 2.44 -1.34 39.23
C LEU B 173 2.75 -0.20 38.29
N ARG B 174 3.96 -0.25 37.73
CA ARG B 174 4.33 0.64 36.63
C ARG B 174 5.49 -0.01 35.91
N VAL B 175 5.24 -0.56 34.73
CA VAL B 175 6.26 -1.26 33.97
C VAL B 175 6.72 -0.37 32.83
N LEU B 176 8.03 -0.19 32.72
CA LEU B 176 8.63 0.68 31.71
C LEU B 176 9.20 -0.20 30.61
N ILE B 177 8.43 -0.41 29.57
CA ILE B 177 8.87 -1.24 28.45
C ILE B 177 9.91 -0.47 27.65
N THR B 178 10.99 -1.15 27.27
CA THR B 178 11.98 -0.60 26.37
C THR B 178 12.81 -1.76 25.82
N SER B 179 13.58 -1.47 24.79
CA SER B 179 14.35 -2.50 24.11
C SER B 179 15.83 -2.12 24.10
N ALA B 180 16.64 -3.08 23.68
CA ALA B 180 18.07 -2.88 23.59
C ALA B 180 18.67 -3.23 22.24
N ASP B 181 18.00 -4.06 21.44
CA ASP B 181 18.52 -4.44 20.14
C ASP B 181 17.61 -4.04 18.99
N VAL B 182 16.35 -4.43 19.01
CA VAL B 182 15.43 -4.25 17.90
C VAL B 182 14.04 -4.03 18.48
N LEU B 183 13.05 -3.80 17.62
CA LEU B 183 11.67 -3.67 18.08
C LEU B 183 11.25 -4.93 18.82
N HIS B 184 10.41 -4.74 19.84
CA HIS B 184 9.81 -5.86 20.53
C HIS B 184 8.45 -5.41 21.05
N SER B 185 7.76 -6.29 21.74
CA SER B 185 6.53 -5.89 22.41
C SER B 185 6.34 -6.74 23.66
N TRP B 186 6.11 -6.08 24.77
CA TRP B 186 5.71 -6.78 25.98
C TRP B 186 4.21 -7.03 25.89
N ALA B 187 3.82 -8.30 25.89
CA ALA B 187 2.43 -8.65 25.63
C ALA B 187 2.05 -9.86 26.47
N VAL B 188 1.29 -9.62 27.52
CA VAL B 188 0.62 -10.66 28.29
C VAL B 188 -0.89 -10.44 28.17
N PRO B 189 -1.62 -11.35 27.57
CA PRO B 189 -3.03 -11.07 27.27
C PRO B 189 -3.94 -11.16 28.48
N SER B 190 -3.67 -12.10 29.39
CA SER B 190 -4.55 -12.29 30.54
C SER B 190 -4.65 -11.02 31.37
N LEU B 191 -3.56 -10.28 31.49
CA LEU B 191 -3.60 -8.96 32.09
C LEU B 191 -4.10 -7.90 31.13
N GLY B 192 -4.24 -8.24 29.86
CA GLY B 192 -4.60 -7.25 28.85
C GLY B 192 -3.55 -6.19 28.66
N VAL B 193 -2.27 -6.56 28.67
CA VAL B 193 -1.18 -5.61 28.54
C VAL B 193 -0.44 -5.91 27.26
N LYS B 194 -0.38 -4.94 26.36
CA LYS B 194 0.42 -5.04 25.16
C LYS B 194 0.97 -3.66 24.84
N CYS B 195 2.29 -3.57 24.73
CA CYS B 195 2.91 -2.32 24.30
C CYS B 195 4.23 -2.64 23.63
N ASP B 196 4.77 -1.67 22.92
CA ASP B 196 5.93 -1.87 22.08
C ASP B 196 7.18 -1.33 22.77
N ALA B 197 8.24 -2.11 22.73
CA ALA B 197 9.56 -1.70 23.20
C ALA B 197 10.33 -1.26 21.97
N VAL B 198 10.47 0.03 21.81
CA VAL B 198 11.24 0.63 20.71
C VAL B 198 12.60 1.04 21.25
N PRO B 199 13.69 0.70 20.57
CA PRO B 199 15.03 0.84 21.17
C PRO B 199 15.35 2.20 21.78
N GLY B 200 14.55 3.21 21.51
CA GLY B 200 14.89 4.53 22.00
C GLY B 200 14.02 5.08 23.10
N ARG B 201 12.79 4.60 23.21
CA ARG B 201 11.82 5.17 24.12
C ARG B 201 11.55 4.24 25.29
N LEU B 202 10.86 4.79 26.29
CA LEU B 202 10.60 4.12 27.57
C LEU B 202 9.11 4.22 27.84
N ASN B 203 8.33 3.28 27.31
CA ASN B 203 6.89 3.34 27.43
C ASN B 203 6.43 2.96 28.83
N GLN B 204 5.44 3.69 29.33
CA GLN B 204 4.91 3.45 30.67
C GLN B 204 3.58 2.72 30.58
N ILE B 205 3.44 1.65 31.36
CA ILE B 205 2.19 0.91 31.49
C ILE B 205 1.86 0.84 32.97
N SER B 206 0.70 1.36 33.36
CA SER B 206 0.24 1.29 34.72
C SER B 206 -0.84 0.20 34.81
N THR B 207 -0.58 -0.82 35.59
CA THR B 207 -1.49 -1.95 35.73
C THR B 207 -1.68 -2.27 37.21
N PHE B 208 -2.76 -2.98 37.52
CA PHE B 208 -3.12 -3.26 38.91
C PHE B 208 -3.86 -4.60 38.93
N ILE B 209 -3.14 -5.67 39.27
CA ILE B 209 -3.76 -6.99 39.27
C ILE B 209 -4.73 -7.09 40.44
N GLN B 210 -5.70 -8.02 40.32
CA GLN B 210 -6.72 -8.19 41.33
C GLN B 210 -6.71 -9.54 42.03
N ARG B 211 -5.92 -10.49 41.55
CA ARG B 211 -5.95 -11.82 42.16
C ARG B 211 -4.61 -12.50 41.91
N GLU B 212 -4.34 -13.53 42.71
CA GLU B 212 -3.08 -14.25 42.64
C GLU B 212 -3.06 -15.17 41.42
N GLY B 213 -1.93 -15.82 41.19
CA GLY B 213 -1.80 -16.78 40.12
C GLY B 213 -0.82 -16.31 39.05
N VAL B 214 -0.61 -17.18 38.08
CA VAL B 214 0.38 -16.94 37.03
C VAL B 214 -0.32 -16.64 35.72
N TYR B 215 0.27 -15.73 34.94
CA TYR B 215 -0.28 -15.27 33.68
C TYR B 215 0.79 -15.34 32.61
N TYR B 216 0.44 -15.86 31.44
CA TYR B 216 1.39 -16.13 30.38
C TYR B 216 1.13 -15.21 29.20
N GLY B 217 2.19 -14.93 28.44
CA GLY B 217 2.05 -14.13 27.24
C GLY B 217 3.28 -14.28 26.37
N GLN B 218 3.23 -13.67 25.19
CA GLN B 218 4.28 -13.86 24.20
C GLN B 218 4.64 -12.53 23.57
N CYS B 219 5.68 -12.55 22.75
CA CYS B 219 6.08 -11.40 21.96
C CYS B 219 5.11 -11.20 20.81
N SER B 220 4.67 -9.97 20.58
CA SER B 220 3.87 -9.67 19.40
C SER B 220 4.54 -8.53 18.65
N GLU B 221 5.60 -8.87 17.91
CA GLU B 221 6.31 -8.05 16.95
C GLU B 221 7.39 -8.91 16.33
N ILE B 222 7.73 -8.67 15.06
CA ILE B 222 8.74 -9.50 14.44
C ILE B 222 10.11 -9.10 14.94
N CYS B 223 10.62 -9.86 15.92
CA CYS B 223 12.04 -9.89 16.17
C CYS B 223 12.68 -10.90 15.23
N GLY B 224 13.98 -11.16 15.39
CA GLY B 224 14.70 -11.74 14.27
C GLY B 224 14.36 -13.15 13.84
N THR B 225 14.73 -14.14 14.62
CA THR B 225 14.55 -15.53 14.20
C THR B 225 13.86 -16.37 15.26
N ASN B 226 14.20 -16.17 16.54
CA ASN B 226 13.55 -16.89 17.64
C ASN B 226 12.29 -16.19 18.11
N HIS B 227 11.63 -15.42 17.25
CA HIS B 227 10.33 -14.87 17.57
C HIS B 227 9.38 -16.00 17.93
N ALA B 228 8.43 -15.70 18.82
CA ALA B 228 7.52 -16.63 19.46
C ALA B 228 8.22 -17.57 20.42
N PHE B 229 9.55 -17.51 20.51
CA PHE B 229 10.31 -18.23 21.53
C PHE B 229 10.84 -17.27 22.58
N MET B 230 10.14 -16.16 22.78
CA MET B 230 10.59 -15.09 23.66
C MET B 230 9.42 -14.73 24.58
N PRO B 231 9.04 -15.64 25.47
CA PRO B 231 7.78 -15.49 26.20
C PRO B 231 7.93 -14.71 27.51
N ILE B 232 6.78 -14.41 28.11
CA ILE B 232 6.68 -13.55 29.29
C ILE B 232 5.76 -14.22 30.30
N VAL B 233 6.20 -14.33 31.54
CA VAL B 233 5.40 -14.92 32.61
C VAL B 233 5.38 -13.97 33.80
N VAL B 234 4.18 -13.69 34.29
CA VAL B 234 3.99 -12.78 35.42
C VAL B 234 3.25 -13.53 36.52
N GLU B 235 3.84 -13.60 37.71
CA GLU B 235 3.17 -14.15 38.87
C GLU B 235 2.66 -13.01 39.74
N ALA B 236 1.43 -13.15 40.21
CA ALA B 236 0.87 -12.25 41.20
C ALA B 236 0.74 -13.02 42.50
N VAL B 237 1.48 -12.59 43.52
CA VAL B 237 1.56 -13.28 44.80
C VAL B 237 1.27 -12.28 45.91
N SER B 238 1.00 -12.83 47.09
CA SER B 238 0.64 -11.99 48.24
C SER B 238 1.80 -11.08 48.60
N THR B 239 1.47 -9.95 49.22
CA THR B 239 2.47 -8.93 49.49
C THR B 239 3.54 -9.44 50.45
N LYS B 240 3.14 -10.21 51.46
CA LYS B 240 4.13 -10.75 52.40
C LYS B 240 5.12 -11.65 51.68
N ASP B 241 4.62 -12.53 50.81
CA ASP B 241 5.51 -13.43 50.08
C ASP B 241 6.39 -12.64 49.11
N TYR B 242 5.85 -11.60 48.49
CA TYR B 242 6.66 -10.77 47.60
C TYR B 242 7.79 -10.11 48.37
N GLY B 243 7.50 -9.59 49.57
CA GLY B 243 8.54 -9.03 50.39
C GLY B 243 9.60 -10.05 50.75
N SER B 244 9.19 -11.24 51.14
CA SER B 244 10.15 -12.29 51.46
C SER B 244 11.02 -12.61 50.26
N TRP B 245 10.41 -12.73 49.09
CA TRP B 245 11.16 -13.08 47.89
C TRP B 245 12.17 -12.00 47.53
N VAL B 246 11.77 -10.73 47.61
CA VAL B 246 12.70 -9.66 47.24
C VAL B 246 13.85 -9.59 48.24
N SER B 247 13.54 -9.66 49.53
CA SER B 247 14.61 -9.63 50.52
C SER B 247 15.56 -10.81 50.34
N ASN B 248 15.03 -11.96 49.93
CA ASN B 248 15.86 -13.13 49.72
C ASN B 248 16.68 -13.00 48.44
N GLN B 249 16.16 -12.30 47.44
CA GLN B 249 16.87 -12.16 46.17
C GLN B 249 17.96 -11.11 46.22
N ILE B 250 17.79 -10.07 47.04
CA ILE B 250 18.82 -9.03 47.18
C ILE B 250 20.16 -9.63 47.57
N MET C 1 -4.64 10.78 -42.63
CA MET C 1 -5.42 12.01 -42.62
C MET C 1 -6.57 11.87 -41.62
N ILE C 2 -7.00 12.99 -41.04
CA ILE C 2 -7.98 12.93 -39.96
C ILE C 2 -9.35 12.51 -40.49
N GLU C 3 -9.73 13.00 -41.67
CA GLU C 3 -11.07 12.74 -42.19
C GLU C 3 -11.35 11.26 -42.35
N SER C 4 -10.31 10.45 -42.55
CA SER C 4 -10.51 9.01 -42.56
C SER C 4 -10.36 8.40 -41.17
N GLN C 5 -9.51 8.99 -40.33
CA GLN C 5 -9.33 8.47 -38.99
C GLN C 5 -10.54 8.80 -38.10
N ARG C 6 -11.21 9.91 -38.40
CA ARG C 6 -12.43 10.36 -37.73
C ARG C 6 -12.24 10.81 -36.28
N HIS C 7 -10.99 10.95 -35.81
CA HIS C 7 -10.79 11.54 -34.50
C HIS C 7 -9.38 12.08 -34.40
N SER C 8 -9.25 13.19 -33.69
CA SER C 8 -8.02 13.98 -33.66
C SER C 8 -7.01 13.50 -32.62
N TYR C 9 -7.33 12.47 -31.84
CA TYR C 9 -6.40 11.99 -30.83
C TYR C 9 -5.17 11.41 -31.49
N HIS C 10 -4.19 11.01 -30.70
CA HIS C 10 -2.95 10.48 -31.22
C HIS C 10 -2.93 8.96 -31.13
N LEU C 11 -2.50 8.31 -32.20
CA LEU C 11 -2.28 6.86 -32.22
C LEU C 11 -0.81 6.63 -32.58
N VAL C 12 -0.03 6.20 -31.60
CA VAL C 12 1.41 6.03 -31.77
C VAL C 12 1.69 4.69 -32.45
N ASP C 13 2.93 4.49 -32.89
CA ASP C 13 3.36 3.26 -33.52
C ASP C 13 4.38 2.56 -32.63
N PRO C 14 4.48 1.23 -32.73
CA PRO C 14 5.27 0.48 -31.73
C PRO C 14 6.72 0.94 -31.68
N SER C 15 7.28 0.91 -30.47
CA SER C 15 8.66 1.28 -30.26
C SER C 15 9.19 0.50 -29.05
N PRO C 16 10.36 -0.11 -29.16
CA PRO C 16 10.88 -0.95 -28.06
C PRO C 16 11.47 -0.18 -26.90
N TRP C 17 11.26 1.12 -26.83
CA TRP C 17 11.87 1.91 -25.78
C TRP C 17 11.29 1.64 -24.40
N PRO C 18 9.98 1.32 -24.27
CA PRO C 18 9.49 0.84 -22.96
C PRO C 18 10.26 -0.35 -22.41
N ILE C 19 10.33 -1.44 -23.17
CA ILE C 19 11.01 -2.63 -22.68
C ILE C 19 12.50 -2.37 -22.48
N SER C 20 13.12 -1.62 -23.40
CA SER C 20 14.53 -1.34 -23.25
C SER C 20 14.80 -0.52 -21.99
N GLY C 21 13.96 0.49 -21.72
CA GLY C 21 14.13 1.26 -20.50
C GLY C 21 13.92 0.43 -19.25
N SER C 22 12.97 -0.49 -19.29
CA SER C 22 12.78 -1.37 -18.13
C SER C 22 14.00 -2.25 -17.89
N LEU C 23 14.58 -2.78 -18.96
CA LEU C 23 15.80 -3.57 -18.81
C LEU C 23 16.93 -2.71 -18.25
N GLY C 24 17.01 -1.45 -18.69
CA GLY C 24 18.00 -0.55 -18.13
C GLY C 24 17.78 -0.30 -16.65
N ALA C 25 16.52 -0.18 -16.23
CA ALA C 25 16.23 0.02 -14.82
C ALA C 25 16.63 -1.20 -14.00
N LEU C 26 16.37 -2.40 -14.52
CA LEU C 26 16.82 -3.61 -13.82
C LEU C 26 18.33 -3.65 -13.72
N ALA C 27 19.02 -3.26 -14.78
CA ALA C 27 20.48 -3.19 -14.73
C ALA C 27 20.93 -2.23 -13.65
N THR C 28 20.34 -1.04 -13.61
CA THR C 28 20.71 -0.03 -12.61
C THR C 28 20.47 -0.53 -11.20
N THR C 29 19.36 -1.22 -10.97
CA THR C 29 19.04 -1.65 -9.61
C THR C 29 19.97 -2.78 -9.15
N VAL C 30 20.23 -3.77 -10.00
CA VAL C 30 21.12 -4.84 -9.57
C VAL C 30 22.54 -4.31 -9.41
N GLY C 31 22.96 -3.41 -10.29
CA GLY C 31 24.25 -2.77 -10.11
C GLY C 31 24.32 -1.96 -8.83
N GLY C 32 23.23 -1.30 -8.48
CA GLY C 32 23.21 -0.54 -7.24
C GLY C 32 23.40 -1.42 -6.03
N VAL C 33 22.73 -2.57 -6.00
CA VAL C 33 22.92 -3.47 -4.86
C VAL C 33 24.34 -4.04 -4.86
N MET C 34 24.83 -4.47 -6.01
CA MET C 34 26.16 -5.06 -6.10
C MET C 34 27.28 -4.06 -5.86
N TYR C 35 27.00 -2.76 -5.91
CA TYR C 35 27.98 -1.79 -5.47
C TYR C 35 27.78 -1.38 -4.03
N MET C 36 26.55 -1.40 -3.54
CA MET C 36 26.29 -1.11 -2.13
C MET C 36 26.97 -2.13 -1.24
N HIS C 37 26.89 -3.41 -1.61
CA HIS C 37 27.67 -4.45 -0.97
C HIS C 37 28.83 -4.84 -1.89
N SER C 38 30.01 -4.99 -1.31
CA SER C 38 31.22 -5.15 -2.10
C SER C 38 31.14 -6.40 -2.97
N PHE C 39 31.26 -6.23 -4.29
CA PHE C 39 31.19 -7.34 -5.22
C PHE C 39 32.00 -6.99 -6.46
N GLN C 40 32.31 -8.02 -7.25
CA GLN C 40 33.22 -7.81 -8.38
C GLN C 40 32.58 -6.97 -9.48
N GLY C 41 31.35 -7.30 -9.86
CA GLY C 41 30.73 -6.63 -10.99
C GLY C 41 29.95 -5.39 -10.65
N GLY C 42 30.02 -4.90 -9.42
CA GLY C 42 29.16 -3.82 -8.96
C GLY C 42 29.25 -2.54 -9.75
N ALA C 43 30.42 -1.89 -9.70
CA ALA C 43 30.54 -0.54 -10.27
C ALA C 43 30.24 -0.55 -11.77
N THR C 44 30.80 -1.52 -12.50
CA THR C 44 30.60 -1.53 -13.95
C THR C 44 29.14 -1.79 -14.29
N LEU C 45 28.46 -2.68 -13.57
CA LEU C 45 27.05 -2.94 -13.83
C LEU C 45 26.20 -1.71 -13.55
N LEU C 46 26.46 -1.05 -12.42
CA LEU C 46 25.68 0.14 -12.10
C LEU C 46 25.87 1.23 -13.16
N SER C 47 27.12 1.47 -13.56
CA SER C 47 27.35 2.48 -14.58
C SER C 47 26.71 2.11 -15.91
N LEU C 48 26.80 0.83 -16.29
CA LEU C 48 26.21 0.39 -17.55
C LEU C 48 24.70 0.56 -17.53
N GLY C 49 24.05 0.18 -16.44
CA GLY C 49 22.61 0.38 -16.34
C GLY C 49 22.22 1.84 -16.36
N LEU C 50 23.00 2.68 -15.69
CA LEU C 50 22.66 4.10 -15.66
C LEU C 50 22.77 4.71 -17.04
N ILE C 51 23.83 4.37 -17.80
CA ILE C 51 23.94 4.91 -19.15
C ILE C 51 22.90 4.26 -20.07
N PHE C 52 22.47 3.03 -19.77
CA PHE C 52 21.38 2.45 -20.54
C PHE C 52 20.10 3.25 -20.38
N ILE C 53 19.77 3.61 -19.14
CA ILE C 53 18.58 4.43 -18.90
C ILE C 53 18.71 5.77 -19.59
N LEU C 54 19.89 6.39 -19.49
CA LEU C 54 20.10 7.66 -20.18
C LEU C 54 19.88 7.52 -21.68
N TYR C 55 20.41 6.46 -22.28
CA TYR C 55 20.31 6.29 -23.72
C TYR C 55 18.86 6.05 -24.16
N THR C 56 18.14 5.19 -23.44
CA THR C 56 16.75 4.94 -23.80
C THR C 56 15.91 6.19 -23.64
N MET C 57 16.16 6.96 -22.57
CA MET C 57 15.46 8.22 -22.40
C MET C 57 15.77 9.18 -23.54
N PHE C 58 17.02 9.22 -23.98
CA PHE C 58 17.40 10.09 -25.09
C PHE C 58 16.66 9.72 -26.36
N VAL C 59 16.72 8.44 -26.74
CA VAL C 59 16.05 8.05 -27.98
C VAL C 59 14.54 8.21 -27.86
N TRP C 60 13.99 8.05 -26.65
CA TRP C 60 12.56 8.24 -26.46
C TRP C 60 12.14 9.69 -26.71
N TRP C 61 12.85 10.63 -26.08
CA TRP C 61 12.54 12.04 -26.34
C TRP C 61 12.81 12.41 -27.79
N ARG C 62 13.84 11.80 -28.40
CA ARG C 62 14.10 12.05 -29.81
C ARG C 62 12.93 11.59 -30.66
N ASP C 63 12.37 10.43 -30.34
CA ASP C 63 11.23 9.91 -31.10
C ASP C 63 10.01 10.82 -30.94
N VAL C 64 9.75 11.29 -29.71
CA VAL C 64 8.61 12.18 -29.49
C VAL C 64 8.79 13.48 -30.27
N LEU C 65 10.00 14.05 -30.21
CA LEU C 65 10.28 15.26 -30.97
C LEU C 65 10.12 15.03 -32.46
N ARG C 66 10.63 13.90 -32.96
CA ARG C 66 10.54 13.58 -34.38
C ARG C 66 9.10 13.55 -34.82
N GLU C 67 8.27 12.73 -34.16
CA GLU C 67 6.86 12.69 -34.45
C GLU C 67 6.24 14.09 -34.45
N SER C 68 6.32 14.76 -33.32
CA SER C 68 5.47 15.94 -33.11
C SER C 68 5.94 17.14 -33.91
N THR C 69 7.23 17.20 -34.27
CA THR C 69 7.72 18.34 -35.04
C THR C 69 7.70 18.09 -36.54
N LEU C 70 8.04 16.88 -37.01
CA LEU C 70 8.10 16.66 -38.44
C LEU C 70 6.85 15.95 -38.97
N GLU C 71 6.41 14.88 -38.32
CA GLU C 71 5.17 14.24 -38.74
C GLU C 71 3.97 15.12 -38.44
N GLY C 72 4.00 15.85 -37.33
CA GLY C 72 2.90 16.73 -36.97
C GLY C 72 1.71 16.04 -36.36
N HIS C 73 1.93 14.93 -35.65
CA HIS C 73 0.82 14.19 -35.08
C HIS C 73 0.13 14.91 -33.93
N HIS C 74 0.78 15.87 -33.28
CA HIS C 74 0.14 16.56 -32.16
C HIS C 74 -0.96 17.46 -32.69
N THR C 75 -2.18 17.20 -32.22
CA THR C 75 -3.33 18.06 -32.45
C THR C 75 -3.58 18.81 -31.14
N LYS C 76 -4.62 19.64 -31.11
CA LYS C 76 -4.89 20.46 -29.92
C LYS C 76 -5.15 19.59 -28.70
N VAL C 77 -5.89 18.49 -28.87
CA VAL C 77 -6.32 17.70 -27.72
C VAL C 77 -5.14 16.98 -27.07
N VAL C 78 -4.26 16.36 -27.86
CA VAL C 78 -3.09 15.70 -27.27
C VAL C 78 -2.14 16.74 -26.69
N GLN C 79 -2.12 17.93 -27.30
CA GLN C 79 -1.38 19.05 -26.73
C GLN C 79 -1.85 19.34 -25.31
N LEU C 80 -3.16 19.35 -25.10
CA LEU C 80 -3.68 19.56 -23.75
C LEU C 80 -3.34 18.39 -22.84
N GLY C 81 -3.44 17.16 -23.35
CA GLY C 81 -3.18 16.00 -22.53
C GLY C 81 -1.76 15.98 -21.99
N LEU C 82 -0.80 16.45 -22.77
CA LEU C 82 0.58 16.50 -22.29
C LEU C 82 0.71 17.43 -21.08
N ARG C 83 0.05 18.58 -21.12
CA ARG C 83 0.05 19.47 -19.97
C ARG C 83 -0.57 18.78 -18.75
N TYR C 84 -1.68 18.07 -18.96
CA TYR C 84 -2.30 17.34 -17.87
C TYR C 84 -1.30 16.37 -17.22
N GLY C 85 -0.64 15.56 -18.06
CA GLY C 85 0.29 14.57 -17.53
C GLY C 85 1.43 15.20 -16.77
N PHE C 86 1.96 16.31 -17.28
CA PHE C 86 3.10 16.90 -16.59
C PHE C 86 2.71 17.57 -15.28
N ILE C 87 1.52 18.17 -15.21
CA ILE C 87 1.06 18.69 -13.93
C ILE C 87 0.93 17.56 -12.92
N LEU C 88 0.42 16.40 -13.37
CA LEU C 88 0.33 15.27 -12.45
C LEU C 88 1.71 14.83 -11.97
N PHE C 89 2.69 14.80 -12.88
CA PHE C 89 4.04 14.42 -12.47
C PHE C 89 4.59 15.38 -11.42
N ILE C 90 4.36 16.68 -11.60
CA ILE C 90 4.81 17.66 -10.61
C ILE C 90 4.13 17.42 -9.27
N VAL C 91 2.85 17.05 -9.29
CA VAL C 91 2.16 16.75 -8.03
C VAL C 91 2.82 15.57 -7.33
N SER C 92 3.19 14.54 -8.09
CA SER C 92 3.86 13.39 -7.49
C SER C 92 5.16 13.80 -6.83
N GLU C 93 5.96 14.62 -7.52
CA GLU C 93 7.22 15.07 -6.95
C GLU C 93 7.00 15.92 -5.69
N VAL C 94 5.95 16.74 -5.70
CA VAL C 94 5.61 17.51 -4.51
C VAL C 94 5.37 16.60 -3.34
N MET C 95 4.62 15.51 -3.55
CA MET C 95 4.34 14.60 -2.44
C MET C 95 5.61 13.90 -1.97
N PHE C 96 6.50 13.55 -2.89
CA PHE C 96 7.78 12.94 -2.51
C PHE C 96 8.57 13.84 -1.58
N LEU C 97 8.78 15.09 -2.00
CA LEU C 97 9.52 16.00 -1.13
C LEU C 97 8.75 16.34 0.13
N PHE C 98 7.42 16.24 0.11
CA PHE C 98 6.65 16.37 1.34
C PHE C 98 7.01 15.27 2.32
N ALA C 99 7.15 14.04 1.83
CA ALA C 99 7.55 12.95 2.71
C ALA C 99 8.91 13.22 3.34
N PHE C 100 9.85 13.74 2.55
CA PHE C 100 11.15 14.07 3.11
C PHE C 100 11.06 15.19 4.16
N PHE C 101 10.25 16.21 3.88
CA PHE C 101 10.08 17.29 4.86
C PHE C 101 9.44 16.78 6.13
N TRP C 102 8.51 15.83 6.02
CA TRP C 102 7.92 15.22 7.20
C TRP C 102 8.99 14.50 8.00
N ALA C 103 9.88 13.78 7.32
CA ALA C 103 10.97 13.14 8.05
C ALA C 103 11.77 14.15 8.85
N PHE C 104 12.15 15.26 8.20
CA PHE C 104 12.91 16.28 8.91
C PHE C 104 12.15 16.81 10.12
N PHE C 105 10.88 17.18 9.91
CA PHE C 105 10.12 17.82 10.98
C PHE C 105 9.90 16.86 12.14
N HIS C 106 9.51 15.63 11.84
CA HIS C 106 9.33 14.64 12.90
C HIS C 106 10.63 14.37 13.63
N SER C 107 11.77 14.61 13.01
CA SER C 107 13.03 14.47 13.71
C SER C 107 13.50 15.75 14.40
N SER C 108 12.89 16.90 14.12
CA SER C 108 13.42 18.15 14.62
C SER C 108 12.48 19.00 15.47
N LEU C 109 11.18 18.71 15.53
CA LEU C 109 10.33 19.44 16.46
C LEU C 109 10.64 19.09 17.91
N ALA C 110 10.51 17.81 18.26
CA ALA C 110 10.85 17.33 19.60
C ALA C 110 12.10 16.48 19.50
N PRO C 111 13.29 17.08 19.61
CA PRO C 111 14.52 16.30 19.55
C PRO C 111 14.60 15.33 20.72
N THR C 112 15.13 14.14 20.45
CA THR C 112 15.12 13.08 21.44
C THR C 112 16.02 13.44 22.61
N VAL C 113 15.95 12.61 23.66
CA VAL C 113 16.81 12.81 24.82
C VAL C 113 18.28 12.58 24.48
N GLU C 114 18.55 11.88 23.39
CA GLU C 114 19.90 11.42 23.08
C GLU C 114 20.67 12.41 22.21
N ILE C 115 20.07 13.53 21.84
CA ILE C 115 20.83 14.64 21.27
C ILE C 115 20.61 15.86 22.17
N GLY C 116 20.39 15.62 23.45
CA GLY C 116 20.27 16.68 24.42
C GLY C 116 18.90 17.32 24.51
N GLY C 117 17.89 16.77 23.82
CA GLY C 117 16.60 17.41 23.82
C GLY C 117 16.61 18.80 23.25
N ILE C 118 17.64 19.14 22.47
CA ILE C 118 17.81 20.45 21.89
C ILE C 118 18.08 20.28 20.40
N TRP C 119 17.95 21.38 19.66
CA TRP C 119 18.26 21.39 18.25
C TRP C 119 18.88 22.73 17.91
N PRO C 120 19.97 22.75 17.12
CA PRO C 120 20.67 21.62 16.50
C PRO C 120 21.53 20.87 17.51
N PRO C 121 21.89 19.62 17.21
CA PRO C 121 22.71 18.86 18.15
C PRO C 121 24.01 19.58 18.45
N LEU C 122 24.44 19.51 19.70
CA LEU C 122 25.65 20.19 20.11
C LEU C 122 26.85 19.62 19.37
N GLY C 123 27.68 20.48 18.83
CA GLY C 123 28.85 20.04 18.11
C GLY C 123 28.67 19.93 16.61
N ILE C 124 27.52 20.30 16.08
CA ILE C 124 27.32 20.40 14.63
C ILE C 124 27.29 21.89 14.30
N TRP C 125 28.33 22.35 13.60
CA TRP C 125 28.46 23.78 13.31
C TRP C 125 27.55 24.12 12.15
N VAL C 126 26.34 24.58 12.50
CA VAL C 126 25.36 24.93 11.49
C VAL C 126 25.92 26.03 10.59
N LEU C 127 25.66 25.89 9.29
CA LEU C 127 25.98 26.96 8.36
C LEU C 127 25.26 28.24 8.77
N ASP C 128 25.95 29.36 8.68
CA ASP C 128 25.26 30.63 8.75
C ASP C 128 24.21 30.63 7.64
N PRO C 129 22.95 30.87 7.94
CA PRO C 129 21.91 30.71 6.93
C PRO C 129 21.83 31.91 6.00
N TRP C 130 22.88 32.72 5.96
CA TRP C 130 22.82 33.99 5.25
C TRP C 130 23.99 34.24 4.31
N GLU C 131 25.07 33.48 4.39
CA GLU C 131 26.20 33.73 3.48
C GLU C 131 26.01 33.06 2.13
N ILE C 132 26.05 31.73 2.10
CA ILE C 132 25.85 30.97 0.86
C ILE C 132 24.36 30.69 0.58
N PRO C 133 23.58 30.18 1.53
CA PRO C 133 22.19 29.83 1.20
C PRO C 133 21.37 31.01 0.71
N PHE C 134 21.60 32.20 1.26
CA PHE C 134 20.90 33.38 0.76
C PHE C 134 21.29 33.66 -0.69
N LEU C 135 22.56 33.53 -1.02
CA LEU C 135 22.98 33.73 -2.40
C LEU C 135 22.35 32.69 -3.31
N ASN C 136 22.21 31.45 -2.85
CA ASN C 136 21.54 30.44 -3.67
C ASN C 136 20.09 30.79 -3.90
N THR C 137 19.39 31.29 -2.87
CA THR C 137 18.01 31.71 -3.06
C THR C 137 17.91 32.86 -4.04
N LEU C 138 18.80 33.85 -3.92
CA LEU C 138 18.78 34.95 -4.88
C LEU C 138 19.05 34.46 -6.30
N ILE C 139 19.97 33.52 -6.46
CA ILE C 139 20.28 33.00 -7.78
C ILE C 139 19.07 32.29 -8.38
N LEU C 140 18.39 31.46 -7.59
CA LEU C 140 17.22 30.78 -8.13
C LEU C 140 16.06 31.74 -8.38
N LEU C 141 15.94 32.80 -7.58
CA LEU C 141 14.91 33.81 -7.83
C LEU C 141 15.16 34.52 -9.15
N SER C 142 16.41 34.93 -9.39
CA SER C 142 16.73 35.53 -10.67
C SER C 142 16.54 34.56 -11.82
N SER C 143 16.81 33.26 -11.59
CA SER C 143 16.57 32.28 -12.62
C SER C 143 15.08 32.16 -12.95
N GLY C 144 14.23 32.18 -11.93
CA GLY C 144 12.80 32.16 -12.19
C GLY C 144 12.32 33.39 -12.96
N ALA C 145 12.85 34.56 -12.60
CA ALA C 145 12.51 35.76 -13.36
C ALA C 145 12.96 35.63 -14.80
N ALA C 146 14.14 35.04 -15.03
CA ALA C 146 14.61 34.86 -16.39
C ALA C 146 13.76 33.86 -17.17
N VAL C 147 13.26 32.81 -16.50
CA VAL C 147 12.36 31.88 -17.17
C VAL C 147 11.08 32.58 -17.59
N THR C 148 10.53 33.42 -16.71
CA THR C 148 9.34 34.19 -17.10
C THR C 148 9.65 35.11 -18.27
N TRP C 149 10.85 35.72 -18.27
CA TRP C 149 11.25 36.55 -19.40
C TRP C 149 11.30 35.73 -20.68
N ALA C 150 11.80 34.49 -20.60
CA ALA C 150 11.82 33.63 -21.78
C ALA C 150 10.41 33.31 -22.26
N HIS C 151 9.50 33.04 -21.32
CA HIS C 151 8.13 32.74 -21.71
C HIS C 151 7.49 33.92 -22.42
N HIS C 152 7.69 35.13 -21.90
CA HIS C 152 7.16 36.31 -22.58
C HIS C 152 7.93 36.66 -23.84
N ALA C 153 9.13 36.11 -24.01
CA ALA C 153 9.78 36.19 -25.32
C ALA C 153 9.06 35.31 -26.33
N ILE C 154 8.79 34.06 -25.96
CA ILE C 154 8.14 33.15 -26.90
C ILE C 154 6.74 33.65 -27.24
N LEU C 155 5.98 34.07 -26.23
CA LEU C 155 4.59 34.46 -26.46
C LEU C 155 4.49 35.70 -27.33
N ALA C 156 5.33 36.69 -27.09
CA ALA C 156 5.17 37.98 -27.75
C ALA C 156 5.57 37.96 -29.20
N GLY C 157 5.83 36.81 -29.81
CA GLY C 157 6.24 36.76 -31.19
C GLY C 157 7.71 37.06 -31.41
N LYS C 158 8.43 37.49 -30.39
CA LYS C 158 9.86 37.77 -30.48
C LYS C 158 10.59 36.47 -30.20
N GLU C 159 10.82 35.70 -31.25
CA GLU C 159 11.36 34.36 -31.12
C GLU C 159 12.89 34.32 -31.13
N LYS C 160 13.54 35.48 -31.13
CA LYS C 160 15.00 35.54 -31.06
C LYS C 160 15.51 35.76 -29.65
N ARG C 161 14.90 36.65 -28.88
CA ARG C 161 15.33 36.88 -27.51
C ARG C 161 15.03 35.71 -26.59
N ALA C 162 14.21 34.75 -27.04
CA ALA C 162 13.94 33.58 -26.23
C ALA C 162 15.21 32.80 -25.94
N VAL C 163 16.07 32.63 -26.94
CA VAL C 163 17.32 31.91 -26.68
C VAL C 163 18.21 32.70 -25.72
N TYR C 164 18.19 34.03 -25.80
CA TYR C 164 18.98 34.82 -24.87
C TYR C 164 18.49 34.63 -23.44
N ALA C 165 17.17 34.66 -23.24
CA ALA C 165 16.65 34.45 -21.90
C ALA C 165 16.93 33.03 -21.41
N LEU C 166 16.79 32.04 -22.28
CA LEU C 166 17.04 30.66 -21.88
C LEU C 166 18.51 30.44 -21.52
N VAL C 167 19.43 31.02 -22.29
CA VAL C 167 20.84 30.86 -21.98
C VAL C 167 21.19 31.59 -20.69
N ALA C 168 20.56 32.74 -20.44
CA ALA C 168 20.77 33.41 -19.16
C ALA C 168 20.30 32.54 -18.01
N THR C 169 19.15 31.89 -18.17
CA THR C 169 18.64 31.03 -17.11
C THR C 169 19.56 29.83 -16.89
N VAL C 170 20.06 29.23 -17.96
CA VAL C 170 20.96 28.09 -17.81
C VAL C 170 22.23 28.51 -17.09
N LEU C 171 22.76 29.70 -17.42
CA LEU C 171 23.93 30.20 -16.70
C LEU C 171 23.63 30.37 -15.22
N LEU C 172 22.48 30.92 -14.88
CA LEU C 172 22.16 31.09 -13.46
C LEU C 172 22.01 29.74 -12.76
N ALA C 173 21.39 28.76 -13.41
CA ALA C 173 21.23 27.45 -12.80
C ALA C 173 22.58 26.77 -12.60
N LEU C 174 23.50 26.93 -13.57
CA LEU C 174 24.84 26.38 -13.39
C LEU C 174 25.57 27.06 -12.25
N VAL C 175 25.44 28.39 -12.13
CA VAL C 175 26.05 29.08 -11.00
C VAL C 175 25.50 28.52 -9.69
N PHE C 176 24.20 28.25 -9.65
CA PHE C 176 23.61 27.71 -8.44
C PHE C 176 24.16 26.33 -8.11
N THR C 177 24.27 25.45 -9.11
CA THR C 177 24.78 24.12 -8.79
C THR C 177 26.26 24.17 -8.41
N GLY C 178 27.00 25.11 -8.98
CA GLY C 178 28.40 25.28 -8.57
C GLY C 178 28.52 25.72 -7.13
N PHE C 179 27.68 26.68 -6.72
CA PHE C 179 27.74 27.12 -5.33
C PHE C 179 27.25 26.04 -4.38
N GLN C 180 26.27 25.23 -4.80
CA GLN C 180 25.87 24.11 -3.96
C GLN C 180 27.02 23.11 -3.81
N GLY C 181 27.76 22.86 -4.88
CA GLY C 181 28.93 22.01 -4.77
C GLY C 181 29.97 22.58 -3.82
N MET C 182 30.20 23.90 -3.91
CA MET C 182 31.12 24.54 -2.98
C MET C 182 30.65 24.38 -1.55
N GLU C 183 29.34 24.52 -1.32
CA GLU C 183 28.81 24.33 0.02
C GLU C 183 29.02 22.90 0.51
N TYR C 184 28.79 21.91 -0.35
CA TYR C 184 29.04 20.54 0.05
C TYR C 184 30.51 20.33 0.42
N TYR C 185 31.43 20.85 -0.38
CA TYR C 185 32.84 20.64 -0.09
C TYR C 185 33.27 21.35 1.19
N GLN C 186 32.77 22.57 1.42
CA GLN C 186 33.11 23.34 2.61
C GLN C 186 32.20 23.04 3.79
N ALA C 187 31.47 21.93 3.76
CA ALA C 187 30.55 21.61 4.85
C ALA C 187 31.33 21.32 6.12
N PRO C 188 30.95 21.92 7.25
CA PRO C 188 31.60 21.57 8.52
C PRO C 188 31.00 20.33 9.18
N PHE C 189 30.23 19.54 8.43
CA PHE C 189 29.69 18.31 8.95
C PHE C 189 29.22 17.44 7.79
N THR C 190 29.35 16.13 7.95
CA THR C 190 29.11 15.19 6.86
C THR C 190 27.74 14.53 7.00
N ILE C 191 27.46 13.56 6.13
CA ILE C 191 26.17 12.89 6.15
C ILE C 191 26.06 11.94 7.33
N SER C 192 27.15 11.25 7.66
CA SER C 192 27.09 10.25 8.72
C SER C 192 27.01 10.83 10.08
N ASP C 193 26.76 12.14 10.19
CA ASP C 193 26.55 12.79 11.48
C ASP C 193 25.14 12.53 11.96
N SER C 194 24.70 13.28 12.97
CA SER C 194 23.40 13.05 13.58
C SER C 194 22.26 13.28 12.60
N ILE C 195 21.03 13.05 13.07
CA ILE C 195 19.83 13.19 12.23
C ILE C 195 19.80 14.54 11.54
N TYR C 196 20.37 15.57 12.17
CA TYR C 196 20.41 16.89 11.54
C TYR C 196 21.18 16.83 10.23
N GLY C 197 22.44 16.42 10.30
CA GLY C 197 23.23 16.29 9.08
C GLY C 197 22.59 15.33 8.09
N SER C 198 22.05 14.22 8.59
CA SER C 198 21.50 13.22 7.69
C SER C 198 20.34 13.77 6.87
N THR C 199 19.35 14.36 7.55
CA THR C 199 18.19 14.86 6.82
C THR C 199 18.56 16.06 5.97
N PHE C 200 19.44 16.93 6.48
CA PHE C 200 19.92 18.06 5.69
C PHE C 200 20.47 17.58 4.37
N PHE C 201 21.38 16.61 4.41
CA PHE C 201 22.08 16.21 3.20
C PHE C 201 21.17 15.43 2.26
N LEU C 202 20.28 14.60 2.80
CA LEU C 202 19.38 13.87 1.90
C LEU C 202 18.45 14.83 1.16
N ALA C 203 17.78 15.72 1.90
CA ALA C 203 16.85 16.64 1.26
C ALA C 203 17.58 17.54 0.28
N THR C 204 18.73 18.10 0.68
CA THR C 204 19.44 19.02 -0.20
C THR C 204 19.97 18.32 -1.43
N GLY C 205 20.41 17.07 -1.29
CA GLY C 205 20.90 16.34 -2.43
C GLY C 205 19.82 16.04 -3.45
N PHE C 206 18.65 15.60 -2.99
CA PHE C 206 17.57 15.39 -3.97
C PHE C 206 17.12 16.71 -4.59
N HIS C 207 17.12 17.81 -3.84
CA HIS C 207 16.79 19.08 -4.45
C HIS C 207 17.79 19.45 -5.53
N GLY C 208 19.09 19.23 -5.26
CA GLY C 208 20.10 19.54 -6.26
C GLY C 208 19.99 18.65 -7.49
N PHE C 209 19.64 17.38 -7.28
CA PHE C 209 19.43 16.49 -8.42
C PHE C 209 18.26 16.96 -9.28
N HIS C 210 17.18 17.42 -8.64
CA HIS C 210 16.08 18.01 -9.39
C HIS C 210 16.53 19.27 -10.12
N VAL C 211 17.43 20.05 -9.51
CA VAL C 211 17.98 21.22 -10.19
C VAL C 211 18.74 20.80 -11.45
N ILE C 212 19.54 19.74 -11.34
CA ILE C 212 20.30 19.27 -12.51
C ILE C 212 19.35 18.87 -13.63
N ILE C 213 18.31 18.11 -13.30
CA ILE C 213 17.41 17.64 -14.35
C ILE C 213 16.61 18.79 -14.94
N GLY C 214 16.17 19.73 -14.12
CA GLY C 214 15.49 20.91 -14.65
C GLY C 214 16.40 21.73 -15.54
N THR C 215 17.66 21.88 -15.15
CA THR C 215 18.61 22.62 -15.96
C THR C 215 18.80 21.95 -17.32
N LEU C 216 18.89 20.62 -17.34
CA LEU C 216 19.09 19.96 -18.61
C LEU C 216 17.84 20.01 -19.47
N PHE C 217 16.67 19.99 -18.83
CA PHE C 217 15.42 20.26 -19.55
C PHE C 217 15.48 21.62 -20.22
N LEU C 218 15.96 22.63 -19.49
CA LEU C 218 16.04 23.97 -20.03
C LEU C 218 17.05 24.04 -21.17
N ILE C 219 18.13 23.28 -21.06
CA ILE C 219 19.11 23.24 -22.15
C ILE C 219 18.48 22.66 -23.41
N ILE C 220 17.70 21.59 -23.25
CA ILE C 220 17.02 20.99 -24.40
C ILE C 220 16.07 22.00 -25.03
N CYS C 221 15.29 22.70 -24.21
CA CYS C 221 14.38 23.70 -24.76
C CYS C 221 15.13 24.84 -25.43
N GLY C 222 16.29 25.22 -24.90
CA GLY C 222 17.08 26.26 -25.54
C GLY C 222 17.58 25.84 -26.91
N ILE C 223 18.08 24.60 -27.02
CA ILE C 223 18.52 24.12 -28.32
C ILE C 223 17.35 24.07 -29.30
N ARG C 224 16.19 23.60 -28.84
CA ARG C 224 15.03 23.55 -29.71
C ARG C 224 14.62 24.95 -30.19
N GLN C 225 14.61 25.93 -29.28
CA GLN C 225 14.22 27.27 -29.66
C GLN C 225 15.22 27.89 -30.61
N TYR C 226 16.51 27.61 -30.42
CA TYR C 226 17.50 28.07 -31.39
C TYR C 226 17.26 27.44 -32.75
N LEU C 227 16.91 26.16 -32.78
CA LEU C 227 16.69 25.48 -34.05
C LEU C 227 15.35 25.82 -34.69
N GLY C 228 14.44 26.44 -33.95
CA GLY C 228 13.16 26.86 -34.49
C GLY C 228 12.00 25.92 -34.28
N HIS C 229 12.13 24.94 -33.40
CA HIS C 229 11.09 23.95 -33.21
C HIS C 229 9.88 24.48 -32.45
N LEU C 230 9.95 25.68 -31.89
CA LEU C 230 8.88 26.22 -31.06
C LEU C 230 8.24 27.41 -31.76
N THR C 231 6.93 27.55 -31.57
CA THR C 231 6.18 28.65 -32.14
C THR C 231 5.28 29.25 -31.07
N LYS C 232 4.77 30.46 -31.36
CA LYS C 232 3.98 31.19 -30.37
C LYS C 232 2.77 30.40 -29.93
N GLU C 233 2.06 29.80 -30.89
CA GLU C 233 0.83 29.08 -30.60
C GLU C 233 1.06 27.68 -30.04
N HIS C 234 2.02 26.95 -30.58
CA HIS C 234 2.20 25.53 -30.30
C HIS C 234 3.57 25.33 -29.65
N HIS C 235 3.60 25.32 -28.34
CA HIS C 235 4.83 24.99 -27.60
C HIS C 235 4.43 24.42 -26.26
N VAL C 236 4.80 23.17 -26.00
CA VAL C 236 4.48 22.55 -24.73
C VAL C 236 5.77 22.25 -23.98
N GLY C 237 6.84 21.95 -24.72
CA GLY C 237 8.11 21.65 -24.08
C GLY C 237 8.58 22.79 -23.20
N PHE C 238 8.50 24.01 -23.73
CA PHE C 238 8.88 25.17 -22.93
C PHE C 238 7.96 25.37 -21.74
N GLU C 239 6.66 25.14 -21.92
CA GLU C 239 5.75 25.32 -20.80
C GLU C 239 6.04 24.31 -19.70
N ALA C 240 6.36 23.07 -20.10
CA ALA C 240 6.77 22.07 -19.12
C ALA C 240 8.03 22.50 -18.39
N ALA C 241 9.01 23.03 -19.13
CA ALA C 241 10.25 23.48 -18.50
C ALA C 241 9.97 24.59 -17.50
N ALA C 242 9.14 25.55 -17.88
CA ALA C 242 8.85 26.67 -16.99
C ALA C 242 8.16 26.20 -15.72
N TRP C 243 7.17 25.30 -15.86
CA TRP C 243 6.50 24.81 -14.67
C TRP C 243 7.45 24.03 -13.78
N TYR C 244 8.32 23.20 -14.37
CA TYR C 244 9.24 22.42 -13.56
C TYR C 244 10.22 23.33 -12.83
N TRP C 245 10.72 24.36 -13.50
CA TRP C 245 11.66 25.26 -12.84
C TRP C 245 10.98 26.02 -11.71
N HIS C 246 9.73 26.44 -11.91
CA HIS C 246 9.00 27.11 -10.83
C HIS C 246 8.82 26.15 -9.66
N PHE C 247 8.53 24.88 -9.96
CA PHE C 247 8.50 23.88 -8.91
C PHE C 247 9.80 23.80 -8.12
N VAL C 248 10.93 23.74 -8.83
CA VAL C 248 12.21 23.63 -8.15
C VAL C 248 12.48 24.85 -7.29
N ASP C 249 12.15 26.04 -7.80
CA ASP C 249 12.35 27.25 -7.01
C ASP C 249 11.47 27.25 -5.75
N VAL C 250 10.22 26.80 -5.87
CA VAL C 250 9.34 26.80 -4.70
C VAL C 250 9.84 25.80 -3.66
N VAL C 251 10.27 24.62 -4.11
CA VAL C 251 10.83 23.64 -3.18
C VAL C 251 12.06 24.22 -2.49
N TRP C 252 12.90 24.93 -3.24
CA TRP C 252 14.07 25.54 -2.61
C TRP C 252 13.67 26.58 -1.58
N LEU C 253 12.61 27.34 -1.86
CA LEU C 253 12.18 28.35 -0.90
C LEU C 253 11.71 27.70 0.40
N PHE C 254 10.87 26.67 0.30
CA PHE C 254 10.47 25.96 1.52
C PHE C 254 11.68 25.37 2.23
N LEU C 255 12.59 24.79 1.47
CA LEU C 255 13.77 24.16 2.06
C LEU C 255 14.61 25.19 2.80
N PHE C 256 14.90 26.32 2.16
CA PHE C 256 15.69 27.36 2.79
C PHE C 256 15.03 27.79 4.07
N VAL C 257 13.76 28.20 3.99
CA VAL C 257 13.08 28.70 5.18
C VAL C 257 13.18 27.66 6.30
N SER C 258 12.56 26.50 6.11
CA SER C 258 12.51 25.53 7.19
C SER C 258 13.91 25.16 7.68
N ILE C 259 14.70 24.48 6.84
CA ILE C 259 15.98 23.96 7.32
C ILE C 259 16.89 25.11 7.76
N TYR C 260 17.25 25.99 6.82
CA TYR C 260 18.33 26.93 7.11
C TYR C 260 17.91 27.96 8.15
N TRP C 261 16.69 28.49 8.08
CA TRP C 261 16.31 29.49 9.05
C TRP C 261 15.92 28.86 10.38
N TRP C 262 14.92 27.98 10.37
CA TRP C 262 14.41 27.45 11.62
C TRP C 262 15.41 26.50 12.28
N GLY C 263 15.96 25.56 11.50
CA GLY C 263 16.86 24.57 12.08
C GLY C 263 18.06 25.21 12.76
N GLY C 264 18.58 26.29 12.19
CA GLY C 264 19.64 27.04 12.84
C GLY C 264 19.18 27.90 13.99
N ILE C 265 17.88 27.95 14.26
CA ILE C 265 17.34 28.70 15.39
C ILE C 265 16.82 27.75 16.47
N MET D 1 -30.33 -30.04 -13.31
CA MET D 1 -29.39 -29.60 -14.34
C MET D 1 -27.95 -29.95 -13.94
N SER D 2 -27.45 -29.30 -12.91
CA SER D 2 -26.08 -29.55 -12.48
C SER D 2 -25.88 -29.68 -10.98
N THR D 3 -26.92 -29.52 -10.15
CA THR D 3 -26.72 -29.62 -8.70
C THR D 3 -26.10 -30.94 -8.31
N LYS D 4 -26.45 -32.01 -9.04
CA LYS D 4 -25.77 -33.29 -8.85
C LYS D 4 -24.28 -33.14 -9.05
N TYR D 5 -23.88 -32.54 -10.17
CA TYR D 5 -22.46 -32.39 -10.47
C TYR D 5 -21.77 -31.48 -9.45
N ILE D 6 -22.41 -30.38 -9.07
CA ILE D 6 -21.78 -29.43 -8.15
C ILE D 6 -21.57 -30.08 -6.79
N VAL D 7 -22.61 -30.72 -6.25
CA VAL D 7 -22.48 -31.33 -4.93
C VAL D 7 -21.49 -32.48 -4.96
N SER D 8 -21.52 -33.30 -6.02
CA SER D 8 -20.56 -34.39 -6.14
C SER D 8 -19.14 -33.86 -6.18
N ALA D 9 -18.90 -32.77 -6.92
CA ALA D 9 -17.57 -32.22 -7.00
C ALA D 9 -17.13 -31.60 -5.67
N ILE D 10 -18.06 -31.01 -4.92
CA ILE D 10 -17.69 -30.47 -3.61
C ILE D 10 -17.25 -31.59 -2.68
N LEU D 11 -18.01 -32.69 -2.64
CA LEU D 11 -17.64 -33.81 -1.79
C LEU D 11 -16.32 -34.42 -2.24
N GLY D 12 -16.11 -34.53 -3.55
CA GLY D 12 -14.82 -35.02 -4.04
C GLY D 12 -13.69 -34.11 -3.64
N SER D 13 -13.91 -32.80 -3.64
CA SER D 13 -12.88 -31.86 -3.22
C SER D 13 -12.53 -32.05 -1.76
N PHE D 14 -13.54 -32.25 -0.91
CA PHE D 14 -13.26 -32.54 0.49
C PHE D 14 -12.45 -33.82 0.63
N GLY D 15 -12.80 -34.84 -0.16
CA GLY D 15 -12.03 -36.09 -0.10
C GLY D 15 -10.58 -35.90 -0.49
N ILE D 16 -10.34 -35.14 -1.56
CA ILE D 16 -8.96 -34.91 -2.01
C ILE D 16 -8.19 -34.09 -0.98
N ALA D 17 -8.81 -33.06 -0.42
CA ALA D 17 -8.13 -32.28 0.62
C ALA D 17 -7.78 -33.16 1.82
N TRP D 18 -8.70 -34.05 2.21
CA TRP D 18 -8.41 -34.95 3.31
C TRP D 18 -7.23 -35.86 2.99
N VAL D 19 -7.20 -36.41 1.77
CA VAL D 19 -6.09 -37.31 1.41
C VAL D 19 -4.77 -36.57 1.44
N CYS D 20 -4.73 -35.37 0.87
CA CYS D 20 -3.49 -34.59 0.87
C CYS D 20 -3.06 -34.25 2.29
N ASP D 21 -4.00 -33.86 3.15
CA ASP D 21 -3.69 -33.58 4.54
C ASP D 21 -3.11 -34.81 5.23
N TYR D 22 -3.76 -35.96 5.04
CA TYR D 22 -3.31 -37.19 5.68
C TYR D 22 -1.91 -37.57 5.23
N TYR D 23 -1.60 -37.40 3.95
CA TYR D 23 -0.25 -37.74 3.51
C TYR D 23 0.79 -36.71 3.91
N VAL D 24 0.41 -35.45 4.10
CA VAL D 24 1.42 -34.41 4.28
C VAL D 24 1.63 -34.01 5.73
N SER D 25 0.71 -34.35 6.63
CA SER D 25 0.86 -33.95 8.03
C SER D 25 0.60 -35.06 9.03
N GLU D 26 0.06 -36.20 8.61
CA GLU D 26 -0.09 -37.35 9.49
C GLU D 26 1.02 -38.39 9.28
N LYS D 27 1.45 -38.60 8.03
CA LYS D 27 2.58 -39.46 7.74
C LYS D 27 3.78 -38.71 7.17
N LYS D 28 3.62 -37.45 6.79
CA LYS D 28 4.72 -36.56 6.42
C LYS D 28 5.52 -37.13 5.26
N ILE D 29 4.87 -37.19 4.10
CA ILE D 29 5.57 -37.50 2.86
C ILE D 29 6.66 -36.47 2.59
N PHE D 30 6.59 -35.31 3.24
CA PHE D 30 7.65 -34.32 3.24
C PHE D 30 8.20 -34.22 4.65
N GLY D 31 9.50 -34.47 4.80
CA GLY D 31 10.13 -34.68 6.09
C GLY D 31 9.78 -33.69 7.18
N GLY D 32 9.74 -34.16 8.42
CA GLY D 32 9.40 -33.29 9.53
C GLY D 32 9.43 -34.06 10.84
N SER D 33 8.87 -33.43 11.87
CA SER D 33 8.90 -33.99 13.22
C SER D 33 7.58 -33.74 13.92
N THR D 34 7.45 -34.35 15.09
CA THR D 34 6.31 -34.19 15.97
C THR D 34 6.82 -33.93 17.38
N PRO D 35 6.18 -33.05 18.14
CA PRO D 35 6.71 -32.68 19.45
C PRO D 35 6.65 -33.85 20.41
N GLY D 36 7.54 -33.81 21.41
CA GLY D 36 7.44 -34.78 22.48
C GLY D 36 6.29 -34.55 23.41
N THR D 37 5.65 -33.38 23.32
CA THR D 37 4.58 -33.02 24.24
C THR D 37 3.23 -33.57 23.80
N ILE D 38 3.09 -33.96 22.53
CA ILE D 38 1.83 -34.50 22.04
C ILE D 38 1.87 -36.01 21.89
N THR D 39 3.02 -36.58 21.53
CA THR D 39 3.11 -38.02 21.37
C THR D 39 3.11 -38.76 22.70
N ASN D 40 3.46 -38.11 23.80
CA ASN D 40 3.44 -38.79 25.09
C ASN D 40 2.03 -39.17 25.50
N LYS D 41 1.05 -38.35 25.14
CA LYS D 41 -0.38 -38.67 25.27
C LYS D 41 -0.83 -38.60 26.73
N GLU D 42 0.12 -38.43 27.64
CA GLU D 42 -0.21 -38.20 29.04
C GLU D 42 0.15 -36.79 29.48
N TRP D 43 0.57 -35.94 28.55
CA TRP D 43 0.96 -34.58 28.92
C TRP D 43 -0.26 -33.72 29.20
N GLY D 44 -1.30 -33.85 28.39
CA GLY D 44 -2.52 -33.10 28.63
C GLY D 44 -3.11 -33.42 29.99
N GLU D 45 -3.11 -34.69 30.36
CA GLU D 45 -3.53 -35.14 31.68
C GLU D 45 -2.92 -34.28 32.78
N GLU D 46 -1.59 -34.27 32.84
CA GLU D 46 -0.93 -33.46 33.86
C GLU D 46 -1.15 -31.99 33.65
N THR D 47 -1.32 -31.55 32.39
CA THR D 47 -1.60 -30.13 32.17
C THR D 47 -2.93 -29.72 32.80
N ASP D 48 -3.93 -30.59 32.73
CA ASP D 48 -5.22 -30.27 33.34
C ASP D 48 -5.14 -30.38 34.87
N LYS D 49 -4.56 -31.48 35.37
CA LYS D 49 -4.39 -31.59 36.81
C LYS D 49 -3.55 -30.45 37.37
N LYS D 50 -2.74 -29.81 36.52
CA LYS D 50 -1.95 -28.67 36.96
C LYS D 50 -2.74 -27.36 36.84
N PHE D 51 -3.63 -27.23 35.86
CA PHE D 51 -4.60 -26.15 35.95
C PHE D 51 -5.37 -26.22 37.26
N GLN D 52 -5.54 -27.41 37.82
CA GLN D 52 -6.13 -27.49 39.16
C GLN D 52 -5.23 -26.82 40.20
N ALA D 53 -3.91 -27.05 40.13
CA ALA D 53 -2.98 -26.46 41.10
C ALA D 53 -1.64 -26.24 40.40
N TRP D 54 -1.44 -25.02 39.90
CA TRP D 54 -0.26 -24.67 39.11
C TRP D 54 0.91 -24.32 40.01
N PRO D 55 2.07 -24.93 39.83
CA PRO D 55 3.21 -24.65 40.72
C PRO D 55 3.70 -23.23 40.57
N ARG D 56 4.35 -22.74 41.62
CA ARG D 56 4.83 -21.36 41.66
C ARG D 56 6.15 -21.29 42.40
N THR D 57 6.89 -20.20 42.16
CA THR D 57 8.25 -20.08 42.68
C THR D 57 8.27 -19.58 44.12
N ALA D 58 7.42 -18.61 44.45
CA ALA D 58 7.39 -18.03 45.79
C ALA D 58 5.94 -18.05 46.27
N GLY D 59 5.60 -19.07 47.06
CA GLY D 59 4.25 -19.25 47.51
C GLY D 59 3.74 -20.64 47.18
N PRO D 60 2.64 -21.03 47.82
CA PRO D 60 2.08 -22.36 47.59
C PRO D 60 1.49 -22.45 46.19
N PRO D 61 1.20 -23.65 45.71
CA PRO D 61 0.62 -23.79 44.37
C PRO D 61 -0.69 -23.02 44.24
N VAL D 62 -0.90 -22.41 43.08
CA VAL D 62 -2.02 -21.51 42.85
C VAL D 62 -2.71 -21.91 41.55
N VAL D 63 -4.00 -21.59 41.45
CA VAL D 63 -4.82 -22.04 40.34
C VAL D 63 -4.69 -21.07 39.18
N VAL D 64 -5.07 -21.53 38.00
CA VAL D 64 -5.11 -20.72 36.79
C VAL D 64 -6.45 -20.94 36.12
N ASN D 65 -6.88 -19.96 35.31
CA ASN D 65 -8.23 -19.94 34.78
C ASN D 65 -9.24 -20.21 35.90
N PRO D 66 -9.43 -19.29 36.82
CA PRO D 66 -10.40 -19.54 37.89
C PRO D 66 -11.84 -19.39 37.43
N ILE D 67 -12.08 -18.40 36.58
CA ILE D 67 -13.44 -18.12 36.13
C ILE D 67 -13.87 -19.14 35.08
N THR D 68 -13.17 -19.17 33.94
CA THR D 68 -13.64 -19.97 32.82
C THR D 68 -13.55 -21.46 33.07
N ARG D 69 -12.88 -21.89 34.14
CA ARG D 69 -12.84 -23.30 34.48
C ARG D 69 -13.64 -23.63 35.73
N GLN D 70 -14.04 -22.63 36.50
CA GLN D 70 -14.77 -22.83 37.75
C GLN D 70 -14.05 -23.84 38.64
N ASN D 71 -12.83 -23.47 39.00
CA ASN D 71 -12.00 -24.28 39.88
C ASN D 71 -11.24 -23.34 40.83
N PHE D 72 -11.43 -23.56 42.12
CA PHE D 72 -10.96 -22.67 43.16
C PHE D 72 -11.17 -23.28 44.54
N VAL D 73 -10.39 -22.78 45.51
CA VAL D 73 -10.39 -23.33 46.85
C VAL D 73 -11.51 -22.65 47.64
N VAL D 74 -11.79 -23.17 48.84
CA VAL D 74 -12.93 -22.82 49.68
C VAL D 74 -12.38 -22.23 50.97
N LYS D 75 -13.23 -22.10 51.98
CA LYS D 75 -13.08 -21.16 53.09
C LYS D 75 -11.65 -20.81 53.47
N SER D 76 -10.79 -21.82 53.58
CA SER D 76 -9.37 -21.56 53.84
C SER D 76 -8.72 -20.84 52.67
N PRO E 52 2.60 29.11 -39.04
CA PRO E 52 3.94 28.77 -38.54
C PRO E 52 4.55 27.60 -39.29
N ILE E 53 4.85 26.53 -38.56
CA ILE E 53 5.30 25.27 -39.14
C ILE E 53 4.32 24.19 -38.69
N ALA E 54 3.84 23.39 -39.63
CA ALA E 54 2.88 22.34 -39.33
C ALA E 54 2.66 21.53 -40.59
N THR E 55 2.38 20.23 -40.40
CA THR E 55 2.08 19.37 -41.53
C THR E 55 1.39 18.12 -41.00
N GLY E 56 0.37 17.67 -41.72
CA GLY E 56 -0.36 16.48 -41.33
C GLY E 56 -1.59 16.84 -40.52
N HIS E 57 -1.77 16.16 -39.39
CA HIS E 57 -3.02 16.30 -38.63
C HIS E 57 -3.17 17.70 -38.07
N GLU E 58 -2.12 18.26 -37.49
CA GLU E 58 -2.23 19.63 -36.97
C GLU E 58 -2.48 20.60 -38.11
N ARG E 59 -1.87 20.35 -39.27
CA ARG E 59 -2.12 21.23 -40.41
C ARG E 59 -3.59 21.19 -40.82
N GLU E 60 -4.18 20.00 -40.88
CA GLU E 60 -5.60 19.93 -41.23
C GLU E 60 -6.46 20.62 -40.19
N GLU E 61 -6.17 20.41 -38.91
CA GLU E 61 -6.91 21.05 -37.85
C GLU E 61 -6.85 22.57 -37.97
N ILE E 62 -5.66 23.11 -38.18
CA ILE E 62 -5.50 24.56 -38.20
C ILE E 62 -6.07 25.15 -39.49
N GLN E 63 -5.98 24.43 -40.61
CA GLN E 63 -6.63 24.91 -41.83
C GLN E 63 -8.14 24.99 -41.63
N ALA E 64 -8.73 23.99 -40.97
CA ALA E 64 -10.17 24.07 -40.71
C ALA E 64 -10.51 25.21 -39.76
N SER E 65 -9.73 25.39 -38.70
CA SER E 65 -10.00 26.47 -37.76
C SER E 65 -9.69 27.84 -38.32
N LEU E 66 -8.94 27.92 -39.42
CA LEU E 66 -8.73 29.18 -40.12
C LEU E 66 -9.81 29.43 -41.17
N GLU E 67 -10.33 28.37 -41.79
CA GLU E 67 -11.42 28.50 -42.74
C GLU E 67 -12.79 28.65 -42.08
N GLY E 68 -12.89 28.38 -40.78
CA GLY E 68 -14.12 28.57 -40.04
C GLY E 68 -14.96 27.32 -39.87
N ARG E 69 -14.60 26.22 -40.50
CA ARG E 69 -15.35 24.98 -40.40
C ARG E 69 -14.86 24.15 -39.23
N ASP E 70 -15.79 23.44 -38.60
CA ASP E 70 -15.49 22.49 -37.54
C ASP E 70 -15.37 21.10 -38.14
N ILE E 71 -14.31 20.39 -37.77
CA ILE E 71 -13.95 19.16 -38.49
C ILE E 71 -14.99 18.07 -38.23
N LEU E 72 -15.36 17.88 -36.98
CA LEU E 72 -16.27 16.83 -36.54
C LEU E 72 -17.57 17.40 -35.99
N GLU E 73 -18.11 18.42 -36.65
CA GLU E 73 -19.39 18.96 -36.22
C GLU E 73 -20.53 17.99 -36.44
N ILE E 74 -20.31 16.90 -37.19
CA ILE E 74 -21.33 15.88 -37.34
C ILE E 74 -21.44 15.00 -36.11
N ASN E 75 -20.52 15.12 -35.16
CA ASN E 75 -20.47 14.24 -33.99
C ASN E 75 -21.28 14.77 -32.82
N HIS E 76 -22.04 15.85 -33.01
CA HIS E 76 -22.92 16.40 -31.97
C HIS E 76 -24.28 16.60 -32.63
N PRO E 77 -25.17 15.61 -32.55
CA PRO E 77 -26.49 15.76 -33.17
C PRO E 77 -27.26 16.98 -32.67
N GLU E 78 -27.47 17.09 -31.36
CA GLU E 78 -28.12 18.26 -30.75
C GLU E 78 -29.45 18.58 -31.45
N GLY E 79 -30.37 17.64 -31.32
CA GLY E 79 -31.66 17.80 -31.95
C GLY E 79 -32.81 17.81 -30.96
N PRO E 80 -33.94 18.40 -31.35
CA PRO E 80 -35.10 18.40 -30.47
C PRO E 80 -35.69 17.01 -30.32
N PHE E 81 -36.27 16.76 -29.15
CA PHE E 81 -36.75 15.43 -28.81
C PHE E 81 -37.94 15.02 -29.66
N GLY E 82 -37.98 13.75 -30.04
CA GLY E 82 -39.19 13.12 -30.53
C GLY E 82 -39.30 13.15 -32.05
N THR E 83 -40.29 12.41 -32.53
CA THR E 83 -40.59 12.35 -33.96
C THR E 83 -42.10 12.19 -34.13
N LYS E 84 -42.77 13.30 -34.43
CA LYS E 84 -44.19 13.28 -34.78
C LYS E 84 -44.37 13.31 -36.30
N GLU E 85 -43.84 14.35 -36.95
CA GLU E 85 -43.73 14.38 -38.40
C GLU E 85 -42.32 14.73 -38.85
N ALA E 86 -41.40 14.98 -37.93
CA ALA E 86 -40.01 15.27 -38.23
C ALA E 86 -39.12 14.31 -37.46
N PRO E 87 -38.31 13.49 -38.13
CA PRO E 87 -37.42 12.57 -37.41
C PRO E 87 -36.37 13.31 -36.62
N ALA E 88 -35.96 12.70 -35.50
CA ALA E 88 -34.87 13.21 -34.68
C ALA E 88 -33.59 12.62 -35.23
N ILE E 89 -32.82 13.44 -35.95
CA ILE E 89 -31.85 12.96 -36.92
C ILE E 89 -30.44 13.02 -36.35
N VAL E 90 -29.60 12.08 -36.80
CA VAL E 90 -28.17 12.08 -36.55
C VAL E 90 -27.43 12.14 -37.88
N LYS E 91 -26.11 12.20 -37.84
CA LYS E 91 -25.28 12.17 -39.02
C LYS E 91 -24.12 11.22 -38.80
N SER E 92 -23.72 10.52 -39.86
CA SER E 92 -22.70 9.49 -39.74
C SER E 92 -21.88 9.41 -41.02
N TYR E 93 -20.58 9.22 -40.86
CA TYR E 93 -19.69 9.12 -42.01
C TYR E 93 -19.65 7.72 -42.59
N PHE E 94 -20.16 6.73 -41.87
CA PHE E 94 -20.16 5.33 -42.27
C PHE E 94 -21.59 4.81 -42.40
N ASP E 95 -21.69 3.52 -42.74
CA ASP E 95 -22.99 2.88 -42.95
C ASP E 95 -23.81 2.87 -41.66
N ARG E 96 -23.23 2.36 -40.58
CA ARG E 96 -23.93 2.25 -39.31
C ARG E 96 -23.01 2.72 -38.18
N ARG E 97 -23.62 3.25 -37.12
CA ARG E 97 -22.85 4.01 -36.14
C ARG E 97 -23.51 3.89 -34.77
N ILE E 98 -22.72 4.06 -33.73
CA ILE E 98 -23.20 3.99 -32.35
C ILE E 98 -23.81 5.35 -31.99
N VAL E 99 -25.00 5.33 -31.39
CA VAL E 99 -25.63 6.56 -30.92
C VAL E 99 -26.18 6.33 -29.53
N GLY E 100 -26.02 7.33 -28.67
CA GLY E 100 -26.48 7.26 -27.29
C GLY E 100 -27.58 8.27 -27.03
N CYS E 101 -28.63 7.82 -26.38
CA CYS E 101 -29.73 8.68 -26.01
C CYS E 101 -29.71 8.90 -24.52
N PRO E 102 -29.68 10.16 -24.08
CA PRO E 102 -29.96 10.45 -22.67
C PRO E 102 -31.40 10.84 -22.48
N GLY E 103 -32.12 11.02 -23.59
CA GLY E 103 -33.51 11.45 -23.56
C GLY E 103 -33.70 12.81 -22.93
N GLY E 104 -34.93 13.29 -22.94
CA GLY E 104 -35.23 14.49 -22.18
C GLY E 104 -35.68 15.70 -22.97
N GLU E 105 -36.94 16.11 -22.74
CA GLU E 105 -37.40 17.39 -23.24
C GLU E 105 -36.55 18.54 -22.73
N GLY E 106 -35.91 18.35 -21.58
CA GLY E 106 -35.15 19.40 -20.92
C GLY E 106 -35.26 19.29 -19.41
N GLU E 107 -36.27 18.57 -18.94
CA GLU E 107 -36.48 18.30 -17.53
C GLU E 107 -36.29 16.84 -17.17
N ASP E 108 -37.02 15.95 -17.83
CA ASP E 108 -36.82 14.52 -17.64
C ASP E 108 -35.55 14.07 -18.35
N GLU E 109 -35.09 12.87 -18.01
CA GLU E 109 -33.99 12.23 -18.70
C GLU E 109 -33.85 10.81 -18.17
N HIS E 110 -33.38 9.92 -19.03
CA HIS E 110 -32.95 8.59 -18.62
C HIS E 110 -31.44 8.52 -18.79
N ASP E 111 -30.79 7.71 -17.95
CA ASP E 111 -29.37 7.88 -17.69
C ASP E 111 -28.55 7.90 -18.98
N VAL E 112 -28.47 6.77 -19.68
CA VAL E 112 -27.93 6.73 -21.02
C VAL E 112 -28.26 5.36 -21.62
N VAL E 113 -28.57 5.33 -22.91
CA VAL E 113 -28.74 4.05 -23.59
C VAL E 113 -27.99 4.11 -24.92
N TRP E 114 -27.10 3.15 -25.13
CA TRP E 114 -26.29 3.04 -26.34
C TRP E 114 -26.99 2.07 -27.27
N PHE E 115 -27.32 2.51 -28.48
CA PHE E 115 -27.81 1.57 -29.47
C PHE E 115 -27.00 1.71 -30.76
N TRP E 116 -26.79 0.57 -31.39
CA TRP E 116 -25.96 0.46 -32.58
C TRP E 116 -26.85 0.77 -33.78
N LEU E 117 -27.03 2.07 -34.02
CA LEU E 117 -27.95 2.51 -35.07
C LEU E 117 -27.44 2.09 -36.44
N GLU E 118 -28.36 1.73 -37.32
CA GLU E 118 -28.07 1.29 -38.67
C GLU E 118 -28.83 2.14 -39.67
N ASN E 119 -28.50 1.98 -40.96
CA ASN E 119 -29.03 2.86 -41.99
C ASN E 119 -30.47 2.54 -42.34
N GLY E 120 -30.74 1.30 -42.76
CA GLY E 120 -32.00 0.99 -43.39
C GLY E 120 -33.20 1.03 -42.45
N LYS E 121 -32.96 0.96 -41.15
CA LYS E 121 -34.03 0.83 -40.18
C LYS E 121 -33.94 1.91 -39.12
N PRO E 122 -34.89 2.83 -39.03
CA PRO E 122 -34.92 3.74 -37.89
C PRO E 122 -35.11 2.99 -36.59
N HIS E 123 -34.52 3.53 -35.52
CA HIS E 123 -34.52 2.88 -34.22
C HIS E 123 -35.06 3.86 -33.18
N GLU E 124 -35.99 3.40 -32.36
CA GLU E 124 -36.60 4.22 -31.34
C GLU E 124 -35.99 3.90 -29.98
N CYS E 125 -35.83 4.93 -29.15
CA CYS E 125 -35.18 4.75 -27.87
C CYS E 125 -36.02 3.82 -26.99
N PRO E 126 -35.43 2.82 -26.36
CA PRO E 126 -36.23 1.83 -25.62
C PRO E 126 -37.09 2.43 -24.52
N VAL E 127 -36.60 3.42 -23.80
CA VAL E 127 -37.27 3.92 -22.62
C VAL E 127 -38.05 5.21 -22.90
N CYS E 128 -37.44 6.19 -23.57
CA CYS E 128 -38.12 7.47 -23.78
C CYS E 128 -38.84 7.54 -25.12
N SER E 129 -38.68 6.54 -25.99
CA SER E 129 -39.50 6.33 -27.17
C SER E 129 -39.48 7.55 -28.11
N GLN E 130 -38.29 7.80 -28.65
CA GLN E 130 -38.11 8.78 -29.73
C GLN E 130 -37.37 8.13 -30.88
N TYR E 131 -37.65 8.58 -32.10
CA TYR E 131 -37.02 7.98 -33.27
C TYR E 131 -35.60 8.49 -33.46
N PHE E 132 -34.80 7.69 -34.17
CA PHE E 132 -33.42 8.05 -34.50
C PHE E 132 -33.16 7.64 -35.94
N GLU E 133 -33.41 8.56 -36.86
CA GLU E 133 -33.24 8.31 -38.29
C GLU E 133 -31.85 8.78 -38.71
N LEU E 134 -31.12 7.90 -39.37
CA LEU E 134 -29.73 8.17 -39.75
C LEU E 134 -29.64 8.68 -41.18
N LYS E 135 -28.62 9.48 -41.44
CA LYS E 135 -28.43 10.07 -42.76
C LYS E 135 -26.94 10.18 -43.02
N VAL E 136 -26.42 9.33 -43.90
CA VAL E 136 -24.99 9.28 -44.14
C VAL E 136 -24.52 10.55 -44.83
N VAL E 137 -23.46 11.16 -44.29
CA VAL E 137 -22.79 12.27 -44.94
C VAL E 137 -21.42 11.87 -45.46
N GLY E 138 -21.18 10.58 -45.62
CA GLY E 138 -19.96 10.09 -46.21
C GLY E 138 -20.24 8.87 -47.07
N PRO E 139 -19.21 8.05 -47.31
CA PRO E 139 -19.42 6.81 -48.05
C PRO E 139 -19.96 5.74 -47.12
N GLY E 140 -21.23 5.39 -47.31
CA GLY E 140 -21.85 4.40 -46.46
C GLY E 140 -21.24 3.04 -46.70
N GLY E 141 -20.44 2.58 -45.74
CA GLY E 141 -19.82 1.27 -45.84
C GLY E 141 -19.65 0.67 -44.47
N ASP E 142 -19.54 -0.65 -44.45
CA ASP E 142 -19.31 -1.35 -43.20
C ASP E 142 -18.09 -0.72 -42.51
N PRO E 143 -18.20 -0.37 -41.23
CA PRO E 143 -17.16 0.47 -40.62
C PRO E 143 -15.75 -0.06 -40.75
N TYR E 144 -15.58 -1.37 -40.86
CA TYR E 144 -14.28 -1.98 -41.09
C TYR E 144 -14.08 -2.43 -42.53
N GLY E 145 -14.90 -1.94 -43.44
CA GLY E 145 -14.81 -2.33 -44.83
C GLY E 145 -15.39 -3.71 -45.07
N ASP F 37 2.13 43.90 -24.94
CA ASP F 37 2.66 42.72 -25.62
C ASP F 37 4.14 42.57 -25.35
N ALA F 38 4.92 43.60 -25.70
CA ALA F 38 6.36 43.60 -25.48
C ALA F 38 6.76 44.32 -24.19
N TYR F 39 5.85 45.10 -23.61
CA TYR F 39 6.16 45.77 -22.35
C TYR F 39 6.45 44.76 -21.25
N GLU F 40 5.72 43.65 -21.23
CA GLU F 40 5.99 42.61 -20.25
C GLU F 40 7.37 42.00 -20.45
N THR F 41 7.75 41.73 -21.70
CA THR F 41 9.09 41.21 -21.95
C THR F 41 10.14 42.21 -21.49
N ALA F 42 9.95 43.50 -21.77
CA ALA F 42 10.92 44.49 -21.32
C ALA F 42 11.01 44.53 -19.80
N LYS F 43 9.87 44.44 -19.12
CA LYS F 43 9.85 44.56 -17.67
C LYS F 43 10.55 43.36 -17.01
N TRP F 44 10.23 42.15 -17.45
CA TRP F 44 10.95 41.01 -16.88
C TRP F 44 12.41 40.97 -17.30
N GLU F 45 12.74 41.49 -18.49
CA GLU F 45 14.16 41.64 -18.83
C GLU F 45 14.86 42.54 -17.82
N LYS F 46 14.24 43.66 -17.49
CA LYS F 46 14.84 44.60 -16.55
C LYS F 46 15.03 43.97 -15.19
N ILE F 47 14.01 43.25 -14.69
CA ILE F 47 14.16 42.74 -13.33
C ILE F 47 15.09 41.52 -13.30
N THR F 48 15.20 40.75 -14.39
CA THR F 48 16.20 39.69 -14.40
C THR F 48 17.61 40.26 -14.46
N TYR F 49 17.81 41.34 -15.21
CA TYR F 49 19.12 41.98 -15.21
C TYR F 49 19.48 42.51 -13.82
N LEU F 50 18.51 43.15 -13.15
CA LEU F 50 18.73 43.57 -11.77
C LEU F 50 19.10 42.38 -10.90
N GLY F 51 18.40 41.26 -11.08
CA GLY F 51 18.68 40.09 -10.27
C GLY F 51 20.10 39.58 -10.46
N ILE F 52 20.55 39.49 -11.71
CA ILE F 52 21.89 38.96 -11.92
C ILE F 52 22.95 39.95 -11.46
N VAL F 53 22.69 41.26 -11.54
CA VAL F 53 23.66 42.23 -11.04
C VAL F 53 23.81 42.10 -9.53
N SER F 54 22.67 42.05 -8.82
CA SER F 54 22.74 41.91 -7.36
C SER F 54 23.39 40.59 -6.97
N CYS F 55 23.08 39.50 -7.69
CA CYS F 55 23.67 38.22 -7.37
C CYS F 55 25.18 38.21 -7.58
N THR F 56 25.66 38.85 -8.66
CA THR F 56 27.10 38.91 -8.88
C THR F 56 27.78 39.73 -7.80
N GLY F 57 27.18 40.84 -7.40
CA GLY F 57 27.72 41.57 -6.26
C GLY F 57 27.81 40.72 -5.01
N LEU F 58 26.75 39.97 -4.72
CA LEU F 58 26.74 39.15 -3.51
C LEU F 58 27.75 38.01 -3.60
N ALA F 59 27.98 37.48 -4.81
CA ALA F 59 29.02 36.47 -4.98
C ALA F 59 30.40 37.05 -4.70
N ILE F 60 30.65 38.26 -5.17
CA ILE F 60 31.90 38.93 -4.83
C ILE F 60 32.03 39.08 -3.32
N TYR F 61 30.92 39.38 -2.65
CA TYR F 61 30.96 39.50 -1.19
C TYR F 61 31.30 38.17 -0.53
N ASN F 62 30.57 37.11 -0.90
CA ASN F 62 30.76 35.81 -0.24
C ASN F 62 32.16 35.26 -0.47
N LEU F 63 32.65 35.34 -1.70
CA LEU F 63 34.02 34.91 -1.94
C LEU F 63 34.98 35.88 -1.24
N SER F 64 36.27 35.52 -1.29
CA SER F 64 37.35 36.20 -0.58
C SER F 64 37.25 36.03 0.94
N LYS F 65 36.27 35.26 1.41
CA LYS F 65 36.21 34.87 2.82
C LYS F 65 37.12 33.67 3.05
N GLY F 66 37.94 33.74 4.10
CA GLY F 66 38.88 32.67 4.37
C GLY F 66 38.20 31.38 4.79
N HIS F 67 37.12 31.48 5.57
CA HIS F 67 36.41 30.34 6.13
C HIS F 67 37.34 29.49 6.98
N PRO F 68 37.81 29.99 8.13
CA PRO F 68 38.60 29.14 9.03
C PRO F 68 37.67 28.30 9.91
N HIS F 69 37.88 26.99 9.89
CA HIS F 69 37.05 26.10 10.69
C HIS F 69 37.41 26.21 12.16
N THR F 70 36.40 26.04 13.00
CA THR F 70 36.62 25.96 14.43
C THR F 70 37.08 24.54 14.80
N GLU F 71 37.42 24.35 16.07
CA GLU F 71 37.93 23.07 16.52
C GLU F 71 36.87 21.98 16.38
N GLU F 72 37.33 20.75 16.17
CA GLU F 72 36.42 19.63 16.10
C GLU F 72 35.68 19.46 17.42
N PRO F 73 34.40 19.13 17.38
CA PRO F 73 33.65 18.93 18.61
C PRO F 73 34.12 17.68 19.32
N PRO F 74 33.85 17.57 20.63
CA PRO F 74 34.13 16.31 21.31
C PRO F 74 33.31 15.18 20.69
N ALA F 75 33.87 13.98 20.69
CA ALA F 75 33.27 12.86 19.98
C ALA F 75 32.03 12.40 20.74
N TYR F 76 30.93 13.13 20.51
CA TYR F 76 29.67 12.70 21.07
C TYR F 76 29.28 11.36 20.46
N PRO F 77 28.45 10.58 21.15
CA PRO F 77 28.06 9.27 20.60
C PRO F 77 27.38 9.36 19.25
N TYR F 78 26.62 10.43 18.99
CA TYR F 78 25.80 10.49 17.78
C TYR F 78 26.52 11.09 16.59
N LEU F 79 27.81 11.43 16.72
CA LEU F 79 28.59 11.93 15.60
C LEU F 79 29.49 10.84 15.03
N HIS F 80 29.70 10.91 13.73
CA HIS F 80 30.65 10.05 13.04
C HIS F 80 30.34 8.57 13.27
N ILE F 81 29.07 8.22 13.11
CA ILE F 81 28.68 6.82 13.30
C ILE F 81 29.01 6.04 12.03
N ARG F 82 29.34 4.76 12.21
CA ARG F 82 29.62 3.85 11.11
C ARG F 82 28.84 2.58 11.35
N ASN F 83 27.58 2.55 10.92
CA ASN F 83 26.77 1.34 11.04
C ASN F 83 27.30 0.24 10.13
N LYS F 84 27.54 0.58 8.87
CA LYS F 84 28.14 -0.32 7.90
C LYS F 84 29.14 0.49 7.09
N GLU F 85 30.38 0.03 7.06
CA GLU F 85 31.44 0.83 6.46
C GLU F 85 31.11 1.13 5.00
N PHE F 86 31.48 2.33 4.55
CA PHE F 86 31.22 2.71 3.18
C PHE F 86 32.01 1.81 2.24
N PRO F 87 31.56 1.67 0.98
CA PRO F 87 32.39 0.95 0.01
C PRO F 87 33.79 1.54 -0.11
N TRP F 88 33.90 2.86 -0.12
CA TRP F 88 35.16 3.59 0.00
C TRP F 88 35.43 3.94 1.47
N GLY F 89 35.46 2.90 2.29
CA GLY F 89 35.20 2.97 3.71
C GLY F 89 35.75 4.12 4.53
N PRO F 90 37.08 4.25 4.61
CA PRO F 90 37.67 4.95 5.76
C PRO F 90 37.15 6.37 5.99
N ASP F 91 36.92 7.14 4.94
CA ASP F 91 36.43 8.50 5.07
C ASP F 91 35.22 8.69 4.17
N GLY F 92 34.27 9.49 4.62
CA GLY F 92 33.05 9.72 3.87
C GLY F 92 33.32 10.41 2.55
N LEU F 93 32.33 10.37 1.68
CA LEU F 93 32.43 11.06 0.41
C LEU F 93 32.50 12.57 0.66
N PHE F 94 33.11 13.29 -0.29
CA PHE F 94 33.32 14.73 -0.16
C PHE F 94 34.14 15.06 1.08
N GLU F 95 35.37 14.54 1.11
CA GLU F 95 36.29 14.84 2.19
C GLU F 95 37.73 14.80 1.73
N GLU G 107 9.90 -5.35 56.17
CA GLU G 107 10.88 -4.30 56.41
C GLU G 107 11.16 -3.52 55.14
N ILE G 108 10.94 -4.15 53.99
CA ILE G 108 11.31 -3.53 52.71
C ILE G 108 10.52 -2.24 52.49
N LYS G 109 11.03 -1.44 51.54
CA LYS G 109 10.49 -0.10 51.34
C LYS G 109 9.12 -0.13 50.68
N LEU G 110 9.05 -0.73 49.48
CA LEU G 110 7.81 -0.82 48.71
C LEU G 110 7.27 0.57 48.38
N GLU G 111 8.10 1.35 47.68
CA GLU G 111 7.73 2.66 47.16
C GLU G 111 8.69 3.00 46.04
N THR G 112 8.28 3.94 45.20
CA THR G 112 9.07 4.29 44.01
C THR G 112 8.74 5.71 43.60
N ALA G 113 9.16 6.07 42.38
CA ALA G 113 9.01 7.42 41.89
C ALA G 113 7.54 7.79 41.75
N PRO G 114 7.18 9.04 42.00
CA PRO G 114 5.77 9.44 41.98
C PRO G 114 5.31 9.67 40.55
N ALA G 115 4.01 9.98 40.42
CA ALA G 115 3.41 10.27 39.13
C ALA G 115 3.56 11.77 38.86
N ASP G 116 4.43 12.13 37.92
CA ASP G 116 4.75 13.52 37.70
C ASP G 116 3.73 14.19 36.80
N PHE G 117 3.32 15.40 37.18
CA PHE G 117 2.32 16.13 36.42
C PHE G 117 2.82 16.50 35.03
N ARG G 118 4.12 16.69 34.88
CA ARG G 118 4.65 17.21 33.62
C ARG G 118 4.57 16.20 32.49
N PHE G 119 4.57 14.91 32.79
CA PHE G 119 4.69 13.85 31.79
C PHE G 119 3.51 12.88 31.96
N PRO G 120 2.34 13.25 31.45
CA PRO G 120 1.20 12.33 31.44
C PRO G 120 1.17 11.40 30.24
N THR G 121 2.10 11.57 29.31
CA THR G 121 2.20 10.72 28.13
C THR G 121 2.90 9.41 28.48
N THR G 122 3.34 8.67 27.46
CA THR G 122 4.13 7.47 27.68
C THR G 122 5.59 7.65 27.30
N ASN G 123 6.22 8.76 27.68
CA ASN G 123 7.66 8.91 27.50
C ASN G 123 8.37 9.13 28.83
N GLN G 124 8.54 8.02 29.53
CA GLN G 124 9.40 8.06 30.68
C GLN G 124 10.85 8.15 30.22
N THR G 125 11.08 8.18 28.90
CA THR G 125 12.39 8.59 28.41
C THR G 125 12.67 10.04 28.79
N ARG G 126 11.71 10.93 28.55
CA ARG G 126 11.85 12.28 29.07
C ARG G 126 11.86 12.29 30.58
N HIS G 127 11.08 11.42 31.22
CA HIS G 127 11.08 11.42 32.69
C HIS G 127 12.46 11.04 33.23
N CYS G 128 13.06 10.01 32.64
CA CYS G 128 14.43 9.60 32.94
C CYS G 128 15.41 10.75 32.80
N PHE G 129 15.40 11.40 31.64
CA PHE G 129 16.39 12.44 31.41
C PHE G 129 16.23 13.59 32.38
N THR G 130 14.97 13.97 32.66
CA THR G 130 14.72 15.07 33.57
C THR G 130 15.24 14.75 34.96
N ARG G 131 14.94 13.55 35.47
CA ARG G 131 15.40 13.18 36.80
C ARG G 131 16.93 13.16 36.87
N TYR G 132 17.57 12.64 35.83
CA TYR G 132 19.02 12.59 35.79
C TYR G 132 19.62 14.00 35.87
N ILE G 133 19.04 14.92 35.08
CA ILE G 133 19.55 16.28 35.06
C ILE G 133 19.35 16.95 36.41
N GLU G 134 18.20 16.73 37.05
CA GLU G 134 18.01 17.34 38.36
C GLU G 134 18.99 16.80 39.39
N TYR G 135 19.26 15.50 39.37
CA TYR G 135 20.22 14.97 40.34
C TYR G 135 21.59 15.58 40.12
N HIS G 136 22.00 15.71 38.87
CA HIS G 136 23.33 16.26 38.67
C HIS G 136 23.38 17.76 38.90
N ARG G 137 22.25 18.47 38.74
CA ARG G 137 22.20 19.87 39.15
C ARG G 137 22.36 20.00 40.66
N CYS G 138 21.69 19.14 41.43
CA CYS G 138 22.08 18.98 42.84
C CYS G 138 23.58 18.85 43.04
N VAL G 139 24.14 17.78 42.48
CA VAL G 139 25.52 17.44 42.78
C VAL G 139 26.44 18.60 42.44
N ALA G 140 26.11 19.36 41.40
CA ALA G 140 26.90 20.52 41.04
C ALA G 140 26.71 21.66 42.03
N ALA G 141 25.48 22.19 42.12
CA ALA G 141 25.25 23.41 42.88
C ALA G 141 25.32 23.16 44.38
N LYS G 142 24.41 22.32 44.90
CA LYS G 142 24.32 22.15 46.35
C LYS G 142 25.39 21.19 46.85
N GLY G 143 25.36 19.95 46.38
CA GLY G 143 26.35 18.97 46.83
C GLY G 143 26.13 18.45 48.23
N GLU G 144 25.85 19.33 49.17
CA GLU G 144 25.56 18.96 50.55
C GLU G 144 24.08 19.01 50.88
N GLY G 145 23.22 19.15 49.88
CA GLY G 145 21.79 18.93 50.05
C GLY G 145 21.48 17.46 49.95
N ALA G 146 22.18 16.67 50.76
CA ALA G 146 22.20 15.23 50.62
C ALA G 146 20.80 14.64 50.65
N SER G 147 19.91 15.23 51.45
CA SER G 147 18.56 14.68 51.56
C SER G 147 17.79 14.77 50.25
N GLU G 148 17.61 16.00 49.75
CA GLU G 148 16.84 16.18 48.52
C GLU G 148 17.52 15.51 47.34
N CYS G 149 18.85 15.50 47.34
CA CYS G 149 19.52 14.91 46.20
C CYS G 149 19.58 13.39 46.25
N ASP G 150 19.56 12.78 47.44
CA ASP G 150 19.28 11.35 47.51
C ASP G 150 17.86 11.06 47.04
N LYS G 151 16.92 11.97 47.33
CA LYS G 151 15.58 11.83 46.78
C LYS G 151 15.62 11.74 45.25
N PHE G 152 16.29 12.70 44.63
CA PHE G 152 16.40 12.71 43.17
C PHE G 152 17.14 11.47 42.65
N ALA G 153 18.16 11.04 43.39
CA ALA G 153 18.92 9.87 42.98
C ALA G 153 18.05 8.61 43.00
N LYS G 154 17.29 8.42 44.08
CA LYS G 154 16.40 7.28 44.15
C LYS G 154 15.40 7.33 43.01
N TYR G 155 14.89 8.52 42.68
CA TYR G 155 13.94 8.62 41.58
C TYR G 155 14.55 8.16 40.27
N TYR G 156 15.74 8.66 39.92
CA TYR G 156 16.16 8.28 38.57
C TYR G 156 16.65 6.84 38.56
N ARG G 157 17.10 6.31 39.71
CA ARG G 157 17.44 4.90 39.77
C ARG G 157 16.22 4.05 39.51
N SER G 158 15.08 4.42 40.11
CA SER G 158 13.86 3.68 39.88
C SER G 158 13.42 3.78 38.42
N LEU G 159 13.64 4.94 37.80
CA LEU G 159 13.11 5.17 36.46
C LEU G 159 14.01 4.64 35.34
N CYS G 160 15.24 5.12 35.28
CA CYS G 160 16.11 4.86 34.14
C CYS G 160 16.65 3.44 34.15
N PRO G 161 16.69 2.77 33.01
CA PRO G 161 17.28 1.44 32.95
C PRO G 161 18.78 1.46 33.20
N GLY G 162 19.29 0.32 33.68
CA GLY G 162 20.68 0.26 34.10
C GLY G 162 21.65 0.53 32.98
N GLU G 163 21.34 0.04 31.78
CA GLU G 163 22.23 0.28 30.65
C GLU G 163 22.34 1.77 30.34
N TRP G 164 21.20 2.47 30.33
CA TRP G 164 21.22 3.91 30.10
C TRP G 164 22.02 4.63 31.17
N ILE G 165 21.78 4.26 32.44
CA ILE G 165 22.47 4.96 33.53
C ILE G 165 23.98 4.77 33.40
N ASP G 166 24.42 3.54 33.15
CA ASP G 166 25.84 3.27 33.05
C ASP G 166 26.46 3.99 31.87
N ARG G 167 25.80 3.96 30.72
CA ARG G 167 26.33 4.63 29.53
C ARG G 167 26.43 6.14 29.76
N TRP G 168 25.42 6.73 30.40
CA TRP G 168 25.44 8.17 30.62
C TRP G 168 26.50 8.55 31.65
N ASN G 169 26.69 7.73 32.69
CA ASN G 169 27.73 8.03 33.66
C ASN G 169 29.11 7.98 33.01
N GLU G 170 29.35 6.99 32.16
CA GLU G 170 30.63 6.91 31.46
C GLU G 170 30.80 8.11 30.52
N GLN G 171 29.74 8.51 29.83
CA GLN G 171 29.84 9.68 28.95
C GLN G 171 30.13 10.94 29.76
N ARG G 172 29.47 11.11 30.90
CA ARG G 172 29.71 12.27 31.74
C ARG G 172 31.16 12.32 32.19
N GLU G 173 31.72 11.16 32.55
CA GLU G 173 33.13 11.12 32.91
C GLU G 173 34.01 11.47 31.71
N ASN G 174 33.65 10.97 30.52
CA ASN G 174 34.45 11.23 29.33
C ASN G 174 34.31 12.66 28.82
N GLY G 175 33.35 13.42 29.32
CA GLY G 175 33.14 14.78 28.84
C GLY G 175 32.33 14.90 27.57
N THR G 176 31.65 13.83 27.16
CA THR G 176 30.87 13.84 25.93
C THR G 176 29.40 13.54 26.22
N PHE G 177 28.85 14.20 27.23
CA PHE G 177 27.47 13.94 27.64
C PHE G 177 26.56 14.99 27.03
N PRO G 178 25.76 14.66 26.02
CA PRO G 178 24.88 15.65 25.41
C PRO G 178 23.83 16.12 26.39
N GLY G 179 23.39 17.37 26.22
CA GLY G 179 22.47 17.98 27.15
C GLY G 179 23.21 18.54 28.34
N PRO G 180 22.49 19.25 29.22
CA PRO G 180 23.08 19.92 30.38
C PRO G 180 23.72 18.96 31.37
N PRO H 14 -42.85 -8.02 -1.16
CA PRO H 14 -42.46 -6.83 -1.93
C PRO H 14 -42.54 -5.53 -1.15
N SER H 15 -43.38 -5.45 -0.12
CA SER H 15 -43.53 -4.21 0.63
C SER H 15 -42.23 -3.81 1.29
N VAL H 16 -41.63 -2.71 0.81
CA VAL H 16 -40.29 -2.34 1.22
C VAL H 16 -40.23 -2.02 2.71
N VAL H 17 -41.21 -1.26 3.19
CA VAL H 17 -41.22 -0.90 4.60
C VAL H 17 -41.40 -2.12 5.47
N LYS H 18 -42.23 -3.08 5.05
CA LYS H 18 -42.39 -4.30 5.83
C LYS H 18 -41.09 -5.08 5.89
N GLU H 19 -40.38 -5.18 4.76
CA GLU H 19 -39.12 -5.91 4.78
C GLU H 19 -38.09 -5.24 5.68
N ILE H 20 -37.98 -3.92 5.62
CA ILE H 20 -37.02 -3.23 6.47
C ILE H 20 -37.41 -3.36 7.95
N ILE H 21 -38.72 -3.30 8.24
CA ILE H 21 -39.16 -3.44 9.63
C ILE H 21 -38.82 -4.82 10.15
N ILE H 22 -39.08 -5.85 9.36
CA ILE H 22 -38.81 -7.20 9.86
C ILE H 22 -37.31 -7.42 9.98
N GLY H 23 -36.50 -6.79 9.11
CA GLY H 23 -35.06 -6.89 9.26
C GLY H 23 -34.57 -6.24 10.54
N ILE H 24 -35.07 -5.04 10.84
CA ILE H 24 -34.69 -4.37 12.08
C ILE H 24 -35.12 -5.20 13.28
N THR H 25 -36.31 -5.79 13.23
CA THR H 25 -36.80 -6.58 14.35
C THR H 25 -35.93 -7.81 14.59
N LEU H 26 -35.53 -8.49 13.51
CA LEU H 26 -34.64 -9.65 13.66
C LEU H 26 -33.28 -9.23 14.18
N GLY H 27 -32.76 -8.10 13.71
CA GLY H 27 -31.50 -7.60 14.24
C GLY H 27 -31.58 -7.32 15.74
N LEU H 28 -32.67 -6.71 16.18
CA LEU H 28 -32.83 -6.43 17.60
C LEU H 28 -32.98 -7.72 18.40
N ALA H 29 -33.67 -8.71 17.85
CA ALA H 29 -33.80 -9.98 18.58
C ALA H 29 -32.43 -10.63 18.76
N ALA H 30 -31.63 -10.67 17.70
CA ALA H 30 -30.29 -11.25 17.82
C ALA H 30 -29.44 -10.47 18.80
N GLY H 31 -29.52 -9.15 18.76
CA GLY H 31 -28.77 -8.34 19.71
C GLY H 31 -29.22 -8.58 21.13
N SER H 32 -30.52 -8.80 21.34
CA SER H 32 -31.01 -9.05 22.69
C SER H 32 -30.51 -10.40 23.20
N VAL H 33 -30.47 -11.40 22.34
CA VAL H 33 -29.91 -12.70 22.75
C VAL H 33 -28.45 -12.53 23.16
N TRP H 34 -27.68 -11.84 22.33
CA TRP H 34 -26.26 -11.63 22.65
C TRP H 34 -26.08 -10.83 23.92
N LYS H 35 -26.95 -9.84 24.15
CA LYS H 35 -26.85 -9.03 25.36
C LYS H 35 -27.21 -9.85 26.59
N MET H 36 -28.16 -10.76 26.48
CA MET H 36 -28.47 -11.63 27.61
C MET H 36 -27.28 -12.50 27.96
N HIS H 37 -26.62 -13.06 26.93
CA HIS H 37 -25.37 -13.79 27.14
C HIS H 37 -24.35 -12.93 27.89
N HIS H 38 -24.15 -11.71 27.41
CA HIS H 38 -23.14 -10.84 28.00
C HIS H 38 -23.49 -10.49 29.44
N TRP H 39 -24.77 -10.26 29.72
CA TRP H 39 -25.19 -9.94 31.08
C TRP H 39 -24.94 -11.09 32.02
N ASN H 40 -25.24 -12.32 31.58
CA ASN H 40 -24.98 -13.46 32.45
C ASN H 40 -23.49 -13.60 32.73
N GLU H 41 -22.65 -13.40 31.71
CA GLU H 41 -21.20 -13.49 31.93
C GLU H 41 -20.73 -12.41 32.90
N GLN H 42 -21.25 -11.19 32.76
CA GLN H 42 -20.87 -10.12 33.66
C GLN H 42 -21.28 -10.42 35.09
N ARG H 43 -22.48 -11.00 35.27
CA ARG H 43 -22.91 -11.35 36.62
C ARG H 43 -21.99 -12.41 37.21
N LYS H 44 -21.57 -13.38 36.41
CA LYS H 44 -20.67 -14.41 36.93
C LYS H 44 -19.36 -13.77 37.40
N ILE H 45 -18.79 -12.88 36.59
CA ILE H 45 -17.54 -12.24 36.98
C ILE H 45 -17.73 -11.41 38.25
N ARG H 46 -18.83 -10.66 38.32
CA ARG H 46 -19.06 -9.81 39.48
C ARG H 46 -19.20 -10.62 40.75
N THR H 47 -19.96 -11.72 40.70
CA THR H 47 -20.13 -12.53 41.90
C THR H 47 -18.83 -13.24 42.28
N PHE H 48 -18.03 -13.66 41.29
CA PHE H 48 -16.76 -14.29 41.62
C PHE H 48 -15.85 -13.34 42.37
N TYR H 49 -15.68 -12.11 41.86
CA TYR H 49 -14.81 -11.17 42.58
C TYR H 49 -15.41 -10.72 43.89
N ASP H 50 -16.74 -10.53 43.94
CA ASP H 50 -17.38 -10.19 45.21
C ASP H 50 -17.05 -11.22 46.27
N LEU H 51 -17.22 -12.50 45.94
CA LEU H 51 -16.86 -13.53 46.90
C LEU H 51 -15.36 -13.51 47.18
N LEU H 52 -14.53 -13.35 46.14
CA LEU H 52 -13.08 -13.39 46.33
C LEU H 52 -12.64 -12.37 47.37
N GLU H 53 -13.36 -11.26 47.47
CA GLU H 53 -13.03 -10.38 48.57
C GLU H 53 -13.72 -10.78 49.87
N LYS H 54 -15.02 -11.04 49.84
CA LYS H 54 -15.80 -11.21 51.06
C LYS H 54 -16.37 -12.62 51.22
N GLY H 55 -15.66 -13.64 50.74
CA GLY H 55 -16.21 -14.98 50.81
C GLY H 55 -15.23 -16.10 51.04
N GLU H 56 -15.73 -17.34 51.00
CA GLU H 56 -14.91 -18.51 51.23
C GLU H 56 -13.83 -18.69 50.16
N ILE H 57 -14.08 -18.20 48.95
CA ILE H 57 -13.20 -18.47 47.83
C ILE H 57 -11.85 -17.81 48.03
N GLY H 58 -10.80 -18.62 47.98
CA GLY H 58 -9.44 -18.17 47.79
C GLY H 58 -8.93 -18.67 46.46
N VAL H 59 -7.67 -18.36 46.17
CA VAL H 59 -7.08 -18.74 44.90
C VAL H 59 -5.85 -19.62 45.05
N VAL H 60 -5.09 -19.53 46.13
CA VAL H 60 -3.95 -20.40 46.37
C VAL H 60 -4.44 -21.72 46.95
N VAL H 61 -3.97 -22.83 46.38
CA VAL H 61 -4.53 -24.13 46.74
C VAL H 61 -4.19 -24.48 48.19
N ASP H 62 -2.93 -24.36 48.57
CA ASP H 62 -2.53 -24.73 49.92
C ASP H 62 -1.56 -23.73 50.52
N SER I 2 9.90 40.48 -34.34
CA SER I 2 9.63 39.23 -35.04
C SER I 2 10.84 38.80 -35.84
N GLU I 3 11.49 37.71 -35.41
CA GLU I 3 12.66 37.23 -36.12
C GLU I 3 12.67 35.71 -36.07
N PRO I 4 12.79 35.04 -37.20
CA PRO I 4 12.99 33.58 -37.20
C PRO I 4 14.26 33.23 -36.47
N PRO I 5 14.26 32.15 -35.72
CA PRO I 5 15.37 31.85 -34.82
C PRO I 5 16.56 31.17 -35.49
N PHE I 6 17.45 31.97 -36.08
CA PHE I 6 18.79 31.51 -36.43
C PHE I 6 18.84 30.36 -37.44
N ARG I 7 17.69 29.95 -37.94
CA ARG I 7 17.68 28.99 -39.04
C ARG I 7 16.78 29.50 -40.15
N PRO I 8 17.05 29.13 -41.40
CA PRO I 8 16.13 29.52 -42.48
C PRO I 8 14.74 28.95 -42.32
N ARG I 9 14.60 27.84 -41.59
CA ARG I 9 13.34 27.13 -41.36
C ARG I 9 12.89 26.34 -42.59
N GLU I 10 13.62 26.45 -43.71
CA GLU I 10 13.35 25.55 -44.82
C GLU I 10 14.16 24.26 -44.74
N LYS I 11 15.26 24.25 -43.99
CA LYS I 11 15.90 22.98 -43.69
C LYS I 11 14.95 22.08 -42.92
N LEU I 12 14.17 22.65 -41.99
CA LEU I 12 13.18 21.88 -41.27
C LEU I 12 12.09 21.36 -42.21
N ILE I 13 11.71 22.16 -43.21
CA ILE I 13 10.69 21.71 -44.16
C ILE I 13 11.23 20.57 -45.02
N GLU I 14 12.49 20.66 -45.44
CA GLU I 14 13.13 19.55 -46.14
C GLU I 14 13.14 18.30 -45.27
N LYS I 15 13.49 18.44 -44.00
CA LYS I 15 13.48 17.28 -43.10
C LYS I 15 12.08 16.71 -42.93
N GLN I 16 11.07 17.58 -42.86
CA GLN I 16 9.69 17.11 -42.78
C GLN I 16 9.33 16.30 -44.02
N LYS I 17 9.72 16.79 -45.19
CA LYS I 17 9.47 16.05 -46.42
C LYS I 17 10.14 14.68 -46.35
N HIS I 18 11.39 14.66 -45.89
CA HIS I 18 12.13 13.39 -45.82
C HIS I 18 11.45 12.40 -44.88
N PHE I 19 11.00 12.88 -43.71
CA PHE I 19 10.39 11.96 -42.75
C PHE I 19 9.02 11.49 -43.22
N GLN I 20 8.20 12.37 -43.75
CA GLN I 20 6.90 11.93 -44.22
C GLN I 20 6.99 11.16 -45.53
N SER I 21 8.16 11.13 -46.18
CA SER I 21 8.34 10.40 -47.44
C SER I 21 9.09 9.09 -47.26
N VAL I 22 8.85 8.37 -46.16
CA VAL I 22 9.37 7.01 -45.99
C VAL I 22 8.24 6.13 -45.47
N HIS I 23 8.42 4.82 -45.62
CA HIS I 23 7.35 3.85 -45.43
C HIS I 23 7.66 2.88 -44.30
N LYS I 24 8.18 3.37 -43.18
CA LYS I 24 8.60 2.55 -42.06
C LYS I 24 7.91 3.01 -40.78
N HIS I 25 8.24 2.34 -39.68
CA HIS I 25 7.74 2.75 -38.38
C HIS I 25 8.40 4.07 -37.97
N THR I 26 8.04 4.55 -36.78
CA THR I 26 8.56 5.84 -36.35
C THR I 26 10.04 5.75 -35.97
N TYR I 27 10.43 4.69 -35.27
CA TYR I 27 11.77 4.65 -34.71
C TYR I 27 12.84 4.22 -35.71
N LEU I 28 12.46 3.79 -36.92
CA LEU I 28 13.45 3.41 -37.92
C LEU I 28 13.65 4.46 -39.01
N LYS I 29 12.93 5.57 -38.99
CA LYS I 29 13.09 6.57 -40.03
C LYS I 29 14.44 7.24 -39.92
N GLY I 30 15.06 7.48 -41.08
CA GLY I 30 16.34 8.15 -41.13
C GLY I 30 17.50 7.18 -41.16
N PRO I 31 18.63 7.61 -41.68
CA PRO I 31 19.80 6.73 -41.75
C PRO I 31 20.54 6.67 -40.42
N TYR I 32 20.47 7.76 -39.67
CA TYR I 32 21.00 7.79 -38.31
C TYR I 32 20.37 6.70 -37.45
N ASP I 33 19.05 6.55 -37.56
CA ASP I 33 18.36 5.64 -36.67
C ASP I 33 18.61 4.19 -37.00
N LYS I 34 18.97 3.86 -38.24
CA LYS I 34 19.36 2.48 -38.53
C LYS I 34 20.46 2.05 -37.58
N ILE I 35 21.63 2.69 -37.70
CA ILE I 35 22.75 2.41 -36.80
C ILE I 35 22.28 2.46 -35.37
N THR I 36 21.72 3.61 -34.96
CA THR I 36 21.39 3.81 -33.56
C THR I 36 20.49 2.71 -33.02
N SER I 37 19.24 2.67 -33.49
CA SER I 37 18.20 1.86 -32.90
C SER I 37 18.14 0.45 -33.46
N VAL I 38 19.20 -0.05 -34.10
CA VAL I 38 19.34 -1.50 -34.14
C VAL I 38 20.67 -1.99 -33.60
N ALA I 39 21.72 -1.16 -33.46
CA ALA I 39 22.96 -1.68 -32.92
C ALA I 39 23.22 -1.25 -31.49
N ILE I 40 23.01 0.01 -31.13
CA ILE I 40 23.43 0.45 -29.80
C ILE I 40 22.53 -0.18 -28.73
N PRO I 41 21.22 0.02 -28.73
CA PRO I 41 20.41 -0.62 -27.68
C PRO I 41 20.50 -2.12 -27.71
N LEU I 42 20.65 -2.73 -28.88
CA LEU I 42 20.62 -4.19 -28.96
C LEU I 42 21.83 -4.80 -28.25
N ALA I 43 23.04 -4.42 -28.68
CA ALA I 43 24.24 -4.92 -28.02
C ALA I 43 24.29 -4.48 -26.57
N LEU I 44 23.82 -3.27 -26.29
CA LEU I 44 23.85 -2.77 -24.92
C LEU I 44 22.96 -3.61 -24.01
N ALA I 45 21.76 -3.97 -24.48
CA ALA I 45 20.88 -4.82 -23.70
C ALA I 45 21.42 -6.22 -23.57
N ALA I 46 22.09 -6.74 -24.60
CA ALA I 46 22.70 -8.07 -24.47
C ALA I 46 23.75 -8.09 -23.38
N SER I 47 24.64 -7.08 -23.37
CA SER I 47 25.66 -7.00 -22.33
C SER I 47 25.02 -6.80 -20.96
N SER I 48 23.99 -5.95 -20.89
CA SER I 48 23.31 -5.73 -19.62
C SER I 48 22.69 -7.01 -19.09
N LEU I 49 22.04 -7.78 -19.97
CA LEU I 49 21.42 -9.04 -19.57
C LEU I 49 22.46 -10.02 -19.05
N TYR I 50 23.59 -10.15 -19.75
CA TYR I 50 24.62 -11.07 -19.28
C TYR I 50 25.18 -10.64 -17.92
N LEU I 51 25.47 -9.35 -17.76
CA LEU I 51 26.01 -8.90 -16.49
C LEU I 51 24.98 -9.05 -15.37
N ILE I 52 23.71 -8.80 -15.65
CA ILE I 52 22.67 -8.98 -14.64
C ILE I 52 22.61 -10.43 -14.20
N GLY I 53 22.65 -11.36 -15.16
CA GLY I 53 22.63 -12.77 -14.80
C GLY I 53 23.81 -13.17 -13.96
N ARG I 54 25.02 -12.75 -14.36
CA ARG I 54 26.19 -13.10 -13.59
C ARG I 54 26.13 -12.49 -12.19
N GLY I 55 25.64 -11.26 -12.08
CA GLY I 55 25.55 -10.63 -10.78
C GLY I 55 24.56 -11.30 -9.85
N ILE I 56 23.39 -11.66 -10.38
CA ILE I 56 22.42 -12.38 -9.56
C ILE I 56 22.99 -13.72 -9.12
N TYR I 57 23.67 -14.41 -10.03
CA TYR I 57 24.26 -15.70 -9.68
C TYR I 57 25.28 -15.55 -8.56
N ASN I 58 26.19 -14.59 -8.69
CA ASN I 58 27.22 -14.40 -7.68
C ASN I 58 26.62 -14.00 -6.35
N MET I 59 25.66 -13.06 -6.36
CA MET I 59 25.06 -12.63 -5.10
C MET I 59 24.34 -13.78 -4.41
N SER I 60 23.60 -14.58 -5.17
CA SER I 60 22.88 -15.69 -4.57
C SER I 60 23.84 -16.72 -3.98
N HIS I 61 24.92 -17.03 -4.71
CA HIS I 61 25.80 -18.08 -4.23
C HIS I 61 26.84 -17.61 -3.21
N GLY I 62 26.98 -16.30 -3.02
CA GLY I 62 27.96 -15.81 -2.07
C GLY I 62 29.38 -16.09 -2.52
N ILE I 63 29.70 -15.75 -3.76
CA ILE I 63 31.02 -15.96 -4.34
C ILE I 63 31.49 -14.65 -4.93
N GLY I 64 32.82 -14.52 -5.05
CA GLY I 64 33.39 -13.35 -5.69
C GLY I 64 33.16 -12.06 -4.95
N LYS I 65 33.32 -12.07 -3.63
CA LYS I 65 33.21 -10.85 -2.83
C LYS I 65 34.29 -9.85 -3.20
N TYR J 47 -0.30 -9.03 -41.40
CA TYR J 47 -0.64 -8.51 -40.08
C TYR J 47 -2.14 -8.31 -39.94
N TYR J 48 -2.59 -8.19 -38.69
CA TYR J 48 -4.03 -8.12 -38.44
C TYR J 48 -4.43 -6.86 -37.68
N ILE J 49 -3.88 -5.71 -38.09
CA ILE J 49 -4.47 -4.44 -37.67
C ILE J 49 -5.81 -4.22 -38.37
N HIS J 50 -5.92 -4.60 -39.64
CA HIS J 50 -7.15 -4.45 -40.40
C HIS J 50 -8.03 -5.68 -40.34
N ALA J 51 -8.06 -6.39 -39.23
CA ALA J 51 -8.85 -7.61 -39.10
C ALA J 51 -10.18 -7.32 -38.41
N LYS J 52 -11.16 -8.19 -38.69
CA LYS J 52 -12.45 -8.10 -38.02
C LYS J 52 -12.35 -8.49 -36.56
N HIS J 53 -11.33 -9.25 -36.17
CA HIS J 53 -11.13 -9.65 -34.79
C HIS J 53 -9.65 -9.51 -34.45
N MET J 54 -9.36 -8.88 -33.31
CA MET J 54 -7.98 -8.65 -32.91
C MET J 54 -7.23 -9.95 -32.71
N TYR J 55 -7.86 -10.94 -32.09
CA TYR J 55 -7.18 -12.22 -31.91
C TYR J 55 -7.36 -13.13 -33.11
N ASN J 56 -8.60 -13.40 -33.50
CA ASN J 56 -8.92 -14.42 -34.47
C ASN J 56 -8.20 -15.71 -34.05
N LEU J 57 -8.62 -16.22 -32.90
CA LEU J 57 -7.94 -17.33 -32.26
C LEU J 57 -8.20 -18.65 -32.98
N ASP J 58 -9.31 -18.75 -33.71
CA ASP J 58 -9.71 -20.02 -34.30
C ASP J 58 -8.67 -20.52 -35.30
N ARG J 59 -7.95 -19.60 -35.95
CA ARG J 59 -7.20 -19.97 -37.14
C ARG J 59 -6.06 -20.94 -36.86
N MET J 60 -5.36 -20.80 -35.73
CA MET J 60 -4.10 -21.50 -35.54
C MET J 60 -4.30 -23.01 -35.53
N LYS J 61 -3.17 -23.73 -35.55
CA LYS J 61 -3.18 -25.15 -35.85
C LYS J 61 -3.75 -25.98 -34.70
N HIS J 62 -5.08 -26.11 -34.70
CA HIS J 62 -5.85 -26.97 -33.81
C HIS J 62 -5.89 -26.43 -32.38
N ARG J 63 -5.03 -25.46 -32.06
CA ARG J 63 -5.13 -24.54 -30.94
C ARG J 63 -5.17 -25.25 -29.59
N GLY J 64 -5.38 -26.56 -29.62
CA GLY J 64 -5.70 -27.29 -28.42
C GLY J 64 -4.46 -27.65 -27.64
N LEU J 65 -3.54 -28.35 -28.31
CA LEU J 65 -2.26 -28.66 -27.69
C LEU J 65 -1.54 -27.38 -27.30
N LYS J 66 -1.60 -26.35 -28.15
CA LYS J 66 -0.90 -25.11 -27.86
C LYS J 66 -1.43 -24.45 -26.60
N MET J 67 -2.75 -24.25 -26.50
CA MET J 67 -3.28 -23.63 -25.29
C MET J 67 -3.11 -24.51 -24.06
N SER J 68 -3.25 -25.82 -24.21
CA SER J 68 -3.05 -26.70 -23.06
C SER J 68 -1.63 -26.59 -22.52
N LEU J 69 -0.63 -26.65 -23.41
CA LEU J 69 0.74 -26.48 -22.97
C LEU J 69 0.96 -25.10 -22.40
N ALA J 70 0.34 -24.07 -22.99
CA ALA J 70 0.53 -22.72 -22.47
C ALA J 70 0.07 -22.62 -21.03
N VAL J 71 -1.14 -23.07 -20.74
CA VAL J 71 -1.67 -22.94 -19.39
C VAL J 71 -0.90 -23.85 -18.43
N PHE J 72 -0.49 -25.05 -18.89
CA PHE J 72 0.23 -25.93 -17.99
C PHE J 72 1.62 -25.37 -17.67
N SER J 73 2.28 -24.73 -18.64
CA SER J 73 3.56 -24.12 -18.37
C SER J 73 3.41 -22.88 -17.49
N ALA J 74 2.31 -22.14 -17.65
CA ALA J 74 2.02 -21.06 -16.73
C ALA J 74 1.91 -21.58 -15.30
N PHE J 75 1.16 -22.67 -15.11
CA PHE J 75 1.04 -23.24 -13.78
C PHE J 75 2.38 -23.79 -13.28
N SER J 76 3.18 -24.38 -14.17
CA SER J 76 4.48 -24.89 -13.76
C SER J 76 5.40 -23.78 -13.30
N ILE J 77 5.41 -22.65 -14.00
CA ILE J 77 6.21 -21.52 -13.55
C ILE J 77 5.64 -20.90 -12.28
N GLY J 78 4.33 -21.03 -12.06
CA GLY J 78 3.76 -20.52 -10.84
C GLY J 78 3.99 -21.37 -9.61
N VAL J 79 4.15 -22.68 -9.78
CA VAL J 79 4.35 -23.57 -8.65
C VAL J 79 5.70 -24.28 -8.71
N ALA J 80 6.63 -23.76 -9.48
CA ALA J 80 7.98 -24.32 -9.51
C ALA J 80 8.99 -23.42 -8.81
N VAL J 81 8.97 -22.13 -9.11
CA VAL J 81 9.90 -21.17 -8.50
C VAL J 81 9.65 -21.03 -7.01
N PRO J 82 8.41 -20.87 -6.52
CA PRO J 82 8.23 -20.80 -5.07
C PRO J 82 8.74 -22.01 -4.32
N VAL J 83 8.56 -23.21 -4.88
CA VAL J 83 9.12 -24.40 -4.27
C VAL J 83 10.64 -24.40 -4.42
N TYR J 84 11.13 -23.99 -5.58
CA TYR J 84 12.57 -24.01 -5.82
C TYR J 84 13.33 -23.07 -4.89
N ALA J 85 12.71 -21.96 -4.49
CA ALA J 85 13.38 -21.07 -3.55
C ALA J 85 13.63 -21.76 -2.22
N VAL J 86 12.62 -22.47 -1.70
CA VAL J 86 12.80 -23.23 -0.46
C VAL J 86 13.81 -24.34 -0.64
N ILE J 87 13.75 -25.04 -1.78
CA ILE J 87 14.70 -26.12 -2.02
C ILE J 87 16.12 -25.58 -2.02
N PHE J 88 16.35 -24.43 -2.65
CA PHE J 88 17.68 -23.85 -2.66
C PHE J 88 18.11 -23.40 -1.27
N GLN J 89 17.20 -22.82 -0.51
CA GLN J 89 17.57 -22.36 0.82
C GLN J 89 17.98 -23.52 1.72
N GLN J 90 17.26 -24.64 1.67
CA GLN J 90 17.75 -25.82 2.37
C GLN J 90 19.00 -26.43 1.75
N LYS J 91 19.20 -26.29 0.44
CA LYS J 91 20.46 -26.74 -0.15
C LYS J 91 21.64 -25.92 0.36
N LYS J 92 21.37 -24.69 0.80
CA LYS J 92 22.39 -23.86 1.40
C LYS J 92 22.58 -24.30 2.86
N THR J 93 23.29 -23.50 3.64
CA THR J 93 23.50 -23.78 5.06
C THR J 93 22.18 -23.90 5.80
FE HEA K . -8.39 -2.63 7.76
CHA HEA K . -6.02 -4.08 9.65
CHB HEA K . -9.29 -0.62 10.34
CHC HEA K . -11.24 -2.03 6.19
CHD HEA K . -6.81 -3.39 4.96
NA HEA K . -7.76 -2.40 9.64
C1A HEA K . -6.76 -3.10 10.25
C2A HEA K . -6.65 -2.61 11.56
C3A HEA K . -7.58 -1.65 11.74
C4A HEA K . -8.27 -1.52 10.54
CMA HEA K . -7.82 -0.86 12.99
OMA HEA K . -7.72 0.34 12.95
CAA HEA K . -5.71 -3.07 12.65
CBA HEA K . -4.25 -2.86 12.32
CGA HEA K . -3.52 -3.42 13.50
O1A HEA K . -3.11 -4.55 13.44
O2A HEA K . -3.82 -2.92 14.70
NB HEA K . -10.02 -1.51 8.19
C1B HEA K . -10.20 -0.75 9.31
C2B HEA K . -11.47 -0.11 9.22
C3B HEA K . -12.05 -0.49 8.07
C4B HEA K . -11.11 -1.39 7.39
CMB HEA K . -12.07 0.81 10.24
NC HEA K . -8.95 -2.71 5.83
C1C HEA K . -10.21 -2.40 5.37
C2C HEA K . -10.17 -2.57 3.98
C3C HEA K . -8.92 -2.97 3.62
C4C HEA K . -8.12 -3.06 4.79
CMC HEA K . -11.33 -2.35 3.06
CAC HEA K . -8.46 -3.26 2.25
CBC HEA K . -7.97 -4.47 1.98
ND HEA K . -6.67 -3.60 7.36
C1D HEA K . -6.19 -3.81 6.13
C2D HEA K . -4.92 -4.53 6.23
C3D HEA K . -4.68 -4.74 7.52
C4D HEA K . -5.82 -4.13 8.28
CMD HEA K . -4.05 -4.96 5.08
CAD HEA K . -3.48 -5.44 8.09
CBD HEA K . -2.33 -4.43 8.19
CGD HEA K . -1.19 -5.03 8.98
O1D HEA K . -0.78 -4.47 9.96
O2D HEA K . -0.63 -6.18 8.57
C11 HEA K . -13.41 -0.04 7.59
O11 HEA K . -13.25 0.79 6.44
C12 HEA K . -14.31 -1.20 7.19
C13 HEA K . -15.53 -0.62 6.48
C14 HEA K . -16.50 -1.69 6.07
C15 HEA K . -17.65 -1.81 6.68
C16 HEA K . -18.64 -2.81 6.15
C17 HEA K . -19.79 -2.11 5.42
C18 HEA K . -20.53 -1.20 6.36
C19 HEA K . -21.80 -1.39 6.64
C20 HEA K . -22.58 -0.28 7.28
C21 HEA K . -22.80 -0.62 8.75
C22 HEA K . -21.51 -0.43 9.48
C23 HEA K . -21.44 0.50 10.40
C24 HEA K . -22.52 0.56 11.44
C25 HEA K . -20.61 1.73 10.11
C26 HEA K . -17.72 -1.45 8.14
C27 HEA K . -22.54 -2.56 6.04
FE HEA L . -2.20 -14.37 3.02
CHA HEA L . -0.29 -13.40 5.68
CHB HEA L . -2.67 -17.41 4.53
CHC HEA L . -4.09 -15.36 0.43
CHD HEA L . -2.14 -11.23 1.84
NA HEA L . -1.60 -15.22 4.73
C1A HEA L . -0.83 -14.65 5.71
C2A HEA L . -0.66 -15.57 6.75
C3A HEA L . -1.32 -16.68 6.42
C4A HEA L . -1.92 -16.47 5.17
CMA HEA L . -1.40 -17.91 7.28
OMA HEA L . -1.77 -18.97 6.82
CAA HEA L . 0.10 -15.35 8.02
CBA HEA L . 1.60 -15.50 7.87
CGA HEA L . 2.16 -15.47 9.27
O1A HEA L . 1.40 -15.25 10.18
O2A HEA L . 3.33 -16.05 9.52
NB HEA L . -3.19 -16.08 2.54
C1B HEA L . -3.27 -17.22 3.29
C2B HEA L . -4.07 -18.17 2.63
C3B HEA L . -4.47 -17.64 1.46
C4B HEA L . -3.91 -16.27 1.42
CMB HEA L . -4.39 -19.55 3.13
NC HEA L . -2.98 -13.45 1.40
C1C HEA L . -3.78 -14.03 0.43
C2C HEA L . -4.13 -13.05 -0.48
C3C HEA L . -3.57 -11.87 -0.09
C4C HEA L . -2.86 -12.10 1.10
CMC HEA L . -4.99 -13.29 -1.68
CAC HEA L . -3.68 -10.55 -0.72
CBC HEA L . -3.52 -10.35 -2.03
ND HEA L . -1.36 -12.63 3.64
C1D HEA L . -1.46 -11.45 3.01
C2D HEA L . -0.74 -10.43 3.75
C3D HEA L . -0.21 -11.00 4.82
C4D HEA L . -0.62 -12.44 4.76
CMD HEA L . -0.62 -8.99 3.36
CAD HEA L . 0.61 -10.34 5.89
CBD HEA L . 2.03 -10.90 5.94
CGD HEA L . 2.65 -10.48 7.24
O1D HEA L . 1.92 -10.19 8.17
O2D HEA L . 3.90 -10.02 7.27
C11 HEA L . -5.36 -18.29 0.43
O11 HEA L . -6.52 -17.48 0.28
C12 HEA L . -4.68 -18.42 -0.93
C13 HEA L . -5.34 -17.47 -1.94
C14 HEA L . -6.47 -18.13 -2.67
C15 HEA L . -6.97 -17.58 -3.76
C16 HEA L . -6.26 -16.47 -4.48
C17 HEA L . -5.50 -17.04 -5.68
C18 HEA L . -6.18 -16.64 -6.97
C19 HEA L . -5.64 -16.93 -8.12
C20 HEA L . -6.38 -16.67 -9.39
C21 HEA L . -5.96 -15.32 -9.96
C22 HEA L . -6.83 -14.99 -11.14
C23 HEA L . -6.38 -14.20 -12.10
C24 HEA L . -7.05 -14.24 -13.44
C25 HEA L . -5.51 -13.03 -11.74
C26 HEA L . -8.38 -17.94 -4.17
C27 HEA L . -4.23 -17.46 -8.20
CU CU M . -5.76 1.21 7.50
MG MG N . 2.62 -3.94 16.64
O12 PC1 O . 13.17 -4.48 -38.31
P PC1 O . 14.38 -5.33 -38.30
O14 PC1 O . 14.31 -6.68 -38.88
O13 PC1 O . 15.53 -4.51 -39.06
C11 PC1 O . 15.52 -3.06 -39.18
C12 PC1 O . 16.08 -2.78 -40.55
N PC1 O . 17.58 -2.96 -40.73
C13 PC1 O . 17.85 -4.30 -41.36
C14 PC1 O . 18.09 -1.89 -41.63
C15 PC1 O . 18.29 -2.89 -39.42
O11 PC1 O . 14.88 -5.44 -36.79
C1 PC1 O . 14.35 -4.54 -35.78
C2 PC1 O . 15.12 -4.74 -34.49
O21 PC1 O . 14.92 -6.10 -33.98
C21 PC1 O . 13.71 -6.53 -33.61
O22 PC1 O . 12.70 -5.87 -33.69
C22 PC1 O . 13.77 -7.94 -33.10
C23 PC1 O . 13.75 -8.02 -31.57
C24 PC1 O . 14.79 -9.00 -31.03
C25 PC1 O . 16.22 -8.51 -31.15
C26 PC1 O . 17.26 -9.60 -31.05
C27 PC1 O . 17.23 -10.39 -29.75
C28 PC1 O . 17.82 -9.68 -28.53
C29 PC1 O . 17.93 -10.58 -27.31
C2A PC1 O . 18.69 -9.97 -26.14
C3 PC1 O . 14.75 -3.74 -33.43
O31 PC1 O . 15.28 -4.20 -32.17
C31 PC1 O . 15.40 -3.30 -31.18
O32 PC1 O . 15.18 -2.14 -31.32
C32 PC1 O . 15.81 -3.95 -29.90
C33 PC1 O . 15.84 -3.00 -28.72
C34 PC1 O . 15.63 -3.68 -27.38
C35 PC1 O . 16.44 -4.95 -27.19
C36 PC1 O . 15.62 -6.23 -27.27
C37 PC1 O . 14.79 -6.52 -26.04
C38 PC1 O . 15.62 -6.75 -24.79
C39 PC1 O . 14.83 -7.26 -23.60
C3A PC1 O . 14.19 -8.63 -23.83
C3B PC1 O . 13.40 -9.15 -22.65
P 3PE P . -18.12 17.71 -12.30
N 3PE P . -18.60 19.16 -16.55
O11 3PE P . -16.53 17.52 -12.19
O12 3PE P . -18.74 16.60 -11.56
O13 3PE P . -18.44 17.49 -13.84
O14 3PE P . -18.47 19.09 -11.94
C11 3PE P . -19.55 18.11 -14.52
C12 3PE P . -19.00 19.37 -15.13
C1 3PE P . -15.85 17.86 -10.96
C2 3PE P . -15.68 16.61 -10.13
C3 3PE P . -14.68 15.67 -10.74
O31 3PE P . -13.89 15.16 -9.63
O32 3PE P . -12.04 15.17 -10.90
C31 3PE P . -12.57 15.05 -9.83
C32 3PE P . -11.86 14.81 -8.54
C33 3PE P . -11.68 13.34 -8.17
C34 3PE P . -11.13 13.18 -6.78
C35 3PE P . -10.70 11.78 -6.41
C36 3PE P . -10.14 11.68 -5.00
C37 3PE P . -9.09 12.73 -4.70
C38 3PE P . -8.53 12.66 -3.29
C39 3PE P . -7.58 13.79 -2.97
C3A 3PE P . -7.00 13.74 -1.56
O21 3PE P . -15.14 17.00 -8.84
O22 3PE P . -16.89 16.08 -7.78
C21 3PE P . -15.83 16.64 -7.74
C22 3PE P . -15.10 17.00 -6.48
C23 3PE P . -14.23 18.25 -6.63
C24 3PE P . -13.44 18.56 -5.37
C25 3PE P . -12.52 17.44 -4.93
C26 3PE P . -11.75 17.74 -3.66
C27 3PE P . -10.79 16.64 -3.25
P 3PE Q . 2.18 11.77 17.96
N 3PE Q . 0.59 13.98 19.83
O11 3PE Q . 1.74 12.40 16.55
O12 3PE Q . 0.97 11.19 18.58
O13 3PE Q . 2.59 13.02 18.86
O14 3PE Q . 3.37 10.91 17.77
C11 3PE Q . 2.77 12.92 20.29
C12 3PE Q . 1.57 13.60 20.88
C1 3PE Q . 0.70 13.39 16.50
C2 3PE Q . -0.14 13.17 15.27
C3 3PE Q . -1.47 13.86 15.38
O31 3PE Q . -2.23 13.63 14.18
O32 3PE Q . -3.56 15.36 14.63
C31 3PE Q . -3.25 14.45 13.92
C32 3PE Q . -3.93 14.09 12.64
C33 3PE Q . -4.15 15.28 11.71
C34 3PE Q . -4.89 14.90 10.44
C35 3PE Q . -5.17 16.06 9.49
C36 3PE Q . -3.94 16.69 8.89
C37 3PE Q . -4.22 17.66 7.75
C38 3PE Q . -4.93 18.94 8.14
C39 3PE Q . -4.08 19.91 8.95
C3A 3PE Q . -4.75 21.24 9.23
C3B 3PE Q . -3.91 22.22 10.03
O21 3PE Q . 0.54 13.79 14.14
O22 3PE Q . 1.72 11.91 13.77
C21 3PE Q . 1.42 13.04 13.47
C22 3PE Q . 2.00 13.79 12.30
C23 3PE Q . 0.92 14.25 11.31
C24 3PE Q . 1.48 14.67 9.97
C25 3PE Q . 0.41 14.89 8.90
C26 3PE Q . 0.92 14.85 7.47
C27 3PE Q . -0.16 14.62 6.43
C28 3PE Q . -0.96 15.86 6.05
C29 3PE Q . -2.38 15.57 5.60
C2A 3PE Q . -2.51 14.65 4.39
C2B 3PE Q . -2.03 15.24 3.08
C2C 3PE Q . -2.36 14.40 1.86
C2D 3PE Q . -1.78 14.91 0.57
C2E 3PE Q . -2.17 16.34 0.24
C1 CDL R . -2.95 -16.82 -34.96
O1 CDL R . -3.23 -15.57 -35.58
CA2 CDL R . -3.35 -16.76 -33.51
OA2 CDL R . -2.44 -15.88 -32.83
PA1 CDL R . -3.01 -14.91 -31.69
OA3 CDL R . -2.59 -13.52 -31.98
OA4 CDL R . -4.45 -15.24 -31.58
OA5 CDL R . -2.33 -15.40 -30.33
CA3 CDL R . -3.08 -15.29 -29.11
CA4 CDL R . -2.23 -15.60 -27.91
OA6 CDL R . -3.06 -15.22 -26.77
CA5 CDL R . -3.36 -16.19 -25.88
OA7 CDL R . -2.95 -17.31 -25.96
C11 CDL R . -4.27 -15.66 -24.81
C12 CDL R . -3.65 -15.72 -23.42
C13 CDL R . -3.57 -17.12 -22.84
C14 CDL R . -2.96 -17.15 -21.46
C15 CDL R . -3.09 -18.46 -20.72
C16 CDL R . -2.57 -18.42 -19.29
C17 CDL R . -3.16 -17.30 -18.45
C18 CDL R . -4.67 -17.37 -18.25
C19 CDL R . -5.26 -16.16 -17.55
CA6 CDL R . -1.02 -14.72 -27.82
OA8 CDL R . -0.54 -14.76 -26.46
CA7 CDL R . 0.69 -14.30 -26.22
OA9 CDL R . 1.41 -13.86 -27.06
C31 CDL R . 1.05 -14.40 -24.76
C32 CDL R . 2.22 -13.53 -24.36
C33 CDL R . 2.66 -13.78 -22.94
C34 CDL R . 3.79 -12.88 -22.43
C35 CDL R . 4.16 -13.14 -20.97
C36 CDL R . 4.92 -11.99 -20.31
C37 CDL R . 5.17 -12.20 -18.83
C38 CDL R . 6.23 -13.23 -18.50
C39 CDL R . 7.64 -12.80 -18.89
C40 CDL R . 8.74 -13.79 -18.53
C41 CDL R . 10.15 -13.33 -18.87
CB2 CDL R . -1.50 -17.15 -35.14
OB2 CDL R . -1.20 -18.35 -34.39
PB2 CDL R . 0.32 -18.84 -34.25
OB3 CDL R . 0.28 -20.28 -33.96
OB4 CDL R . 1.10 -18.35 -35.41
OB5 CDL R . 0.83 -18.11 -32.93
CB3 CDL R . 0.76 -18.83 -31.68
CB4 CDL R . 1.77 -18.24 -30.73
OB6 CDL R . 1.26 -18.44 -29.37
CB5 CDL R . 1.40 -19.65 -28.81
OB7 CDL R . 1.95 -20.57 -29.34
C51 CDL R . 0.78 -19.68 -27.44
C52 CDL R . 1.72 -19.17 -26.36
C53 CDL R . 1.01 -18.90 -25.05
C54 CDL R . 1.96 -18.64 -23.90
C55 CDL R . 1.29 -18.37 -22.57
C56 CDL R . 2.27 -18.31 -21.41
C57 CDL R . 3.45 -17.39 -21.65
C58 CDL R . 4.52 -17.47 -20.58
C59 CDL R . 5.70 -16.53 -20.81
CB6 CDL R . 1.91 -16.76 -30.91
OB8 CDL R . 3.29 -16.38 -30.69
CB7 CDL R . 3.70 -16.20 -29.43
OB9 CDL R . 2.98 -16.34 -28.47
C71 CDL R . 5.14 -15.82 -29.37
C72 CDL R . 5.46 -14.83 -28.26
C73 CDL R . 6.93 -14.47 -28.19
C74 CDL R . 7.29 -13.59 -27.02
C75 CDL R . 6.97 -14.20 -25.66
C76 CDL R . 7.30 -13.30 -24.48
P 3PE S . -30.40 -25.17 -11.39
N 3PE S . -27.39 -21.73 -12.66
O11 3PE S . -30.33 -24.73 -9.86
O12 3PE S . -30.22 -26.64 -11.43
O13 3PE S . -29.09 -24.50 -12.00
O14 3PE S . -31.60 -24.58 -12.02
C11 3PE S . -29.12 -23.46 -12.99
C12 3PE S . -27.69 -23.07 -13.24
C1 3PE S . -29.57 -23.58 -9.48
C2 3PE S . -29.63 -23.45 -7.98
C3 3PE S . -29.05 -24.66 -7.28
O31 3PE S . -29.52 -24.65 -5.91
O32 3PE S . -31.29 -25.91 -6.49
C31 3PE S . -30.64 -25.32 -5.66
C32 3PE S . -31.02 -25.27 -4.20
C33 3PE S . -30.80 -23.91 -3.54
C34 3PE S . -29.39 -23.68 -3.03
C35 3PE S . -29.25 -22.48 -2.11
C36 3PE S . -27.85 -22.25 -1.56
C37 3PE S . -27.78 -21.20 -0.45
C38 3PE S . -26.39 -20.76 -0.06
C39 3PE S . -25.73 -21.51 1.09
C3A 3PE S . -25.52 -23.00 0.86
C3B 3PE S . -24.54 -23.64 1.84
C3C 3PE S . -24.85 -23.35 3.29
C3D 3PE S . -23.86 -23.97 4.26
O21 3PE S . -28.98 -22.21 -7.51
O22 3PE S . -26.96 -22.76 -8.32
C21 3PE S . -27.68 -21.99 -7.73
C22 3PE S . -27.24 -20.69 -7.15
C23 3PE S . -27.65 -20.53 -5.70
C24 3PE S . -26.72 -19.64 -4.90
C25 3PE S . -26.79 -18.15 -5.23
C26 3PE S . -25.67 -17.34 -4.61
C27 3PE S . -25.44 -17.65 -3.14
C28 3PE S . -24.28 -16.89 -2.51
C29 3PE S . -24.16 -17.09 -1.00
C2A 3PE S . -23.11 -16.22 -0.36
P 3PE T . -14.29 -33.27 -22.66
N 3PE T . -15.98 -37.64 -21.42
O11 3PE T . -12.77 -33.02 -22.28
O12 3PE T . -15.08 -32.21 -21.98
O13 3PE T . -14.62 -34.65 -21.94
O14 3PE T . -14.42 -33.42 -24.12
C11 3PE T . -14.73 -35.92 -22.66
C12 3PE T . -14.66 -36.99 -21.61
C1 3PE T . -12.38 -32.85 -20.90
C2 3PE T . -12.20 -31.38 -20.64
C3 3PE T . -13.23 -30.83 -19.69
O31 3PE T . -13.02 -31.41 -18.38
O32 3PE T . -15.06 -30.74 -17.75
C31 3PE T . -14.02 -31.27 -17.50
C32 3PE T . -13.65 -31.85 -16.17
C33 3PE T . -12.90 -30.86 -15.29
C34 3PE T . -12.62 -31.39 -13.90
C35 3PE T . -11.64 -30.56 -13.09
C36 3PE T . -11.28 -31.19 -11.75
C37 3PE T . -10.00 -30.65 -11.13
C38 3PE T . -9.58 -31.43 -9.90
C39 3PE T . -8.16 -31.14 -9.41
C3A 3PE T . -7.67 -32.12 -8.38
C3B 3PE T . -6.22 -31.97 -7.97
C3C 3PE T . -5.74 -33.03 -7.01
C3D 3PE T . -4.29 -32.88 -6.58
C3E 3PE T . -3.99 -31.60 -5.83
C3F 3PE T . -4.70 -31.49 -4.49
O21 3PE T . -10.88 -31.18 -20.03
O22 3PE T . -9.90 -31.21 -22.04
C21 3PE T . -9.83 -31.08 -20.85
C22 3PE T . -8.58 -30.80 -20.08
C23 3PE T . -7.65 -29.86 -20.84
C24 3PE T . -7.04 -28.79 -19.96
C25 3PE T . -5.91 -29.25 -19.05
C26 3PE T . -5.27 -28.11 -18.29
C27 3PE T . -3.92 -28.47 -17.67
C28 3PE T . -3.20 -27.28 -17.05
C29 3PE T . -3.86 -26.74 -15.80
C2A 3PE T . -3.90 -27.74 -14.65
P 3PE U . 37.40 9.44 -3.73
N 3PE U . 40.72 12.39 -2.59
O11 3PE U . 36.22 9.13 -4.75
O12 3PE U . 36.77 9.74 -2.41
O13 3PE U . 38.02 10.82 -4.27
O14 3PE U . 38.42 8.38 -3.82
C11 3PE U . 39.44 11.11 -4.26
C12 3PE U . 39.60 12.43 -3.57
C1 3PE U . 34.95 8.63 -4.26
C2 3PE U . 34.08 8.24 -5.42
C3 3PE U . 34.70 7.16 -6.26
O31 3PE U . 33.81 6.89 -7.36
O32 3PE U . 33.99 4.68 -7.04
C31 3PE U . 33.52 5.61 -7.64
C32 3PE U . 32.55 5.50 -8.77
C33 3PE U . 31.51 4.41 -8.59
C34 3PE U . 30.41 4.45 -9.64
C35 3PE U . 29.52 5.67 -9.55
C36 3PE U . 28.56 5.82 -10.71
C37 3PE U . 27.57 6.97 -10.57
C38 3PE U . 26.62 6.81 -9.40
C39 3PE U . 25.57 7.91 -9.30
C3A 3PE U . 24.63 7.73 -8.11
C3B 3PE U . 23.56 8.81 -8.00
O21 3PE U . 32.86 7.70 -4.83
O22 3PE U . 31.61 8.50 -6.51
C21 3PE U . 31.70 7.91 -5.47
C22 3PE U . 30.54 7.33 -4.71
C23 3PE U . 29.34 6.97 -5.58
C24 3PE U . 28.27 6.22 -4.82
C25 3PE U . 27.08 5.78 -5.65
C26 3PE U . 26.14 4.82 -4.94
C27 3PE U . 24.98 4.35 -5.81
C28 3PE U . 24.04 3.36 -5.13
C29 3PE U . 22.85 2.97 -5.98
C2A 3PE U . 22.05 4.16 -6.47
C2B 3PE U . 20.90 3.80 -7.39
C2C 3PE U . 20.19 5.01 -7.98
P 3PE V . -12.37 18.76 -16.28
N 3PE V . -12.36 19.86 -20.52
O11 3PE V . -10.97 19.30 -15.76
O12 3PE V . -13.43 19.62 -15.71
O13 3PE V . -12.34 19.04 -17.85
O14 3PE V . -12.44 17.30 -16.06
C11 3PE V . -11.32 18.53 -18.73
C12 3PE V . -11.91 18.51 -20.11
C1 3PE V . -10.89 20.62 -15.17
C2 3PE V . -10.11 20.54 -13.88
C3 3PE V . -10.78 19.62 -12.89
O31 3PE V . -9.81 19.18 -11.90
O32 3PE V . -11.07 19.99 -10.24
C31 3PE V . -10.13 19.35 -10.62
C32 3PE V . -9.17 18.62 -9.71
C33 3PE V . -9.86 18.11 -8.47
C34 3PE V . -9.08 17.03 -7.74
C35 3PE V . -7.78 17.48 -7.10
C36 3PE V . -7.04 16.37 -6.36
O21 3PE V . -8.80 19.97 -14.18
O22 3PE V . -8.06 21.93 -14.98
C21 3PE V . -7.85 20.80 -14.65
C22 3PE V . -6.51 20.13 -14.67
C23 3PE V . -6.26 19.31 -13.41
C24 3PE V . -4.89 18.68 -13.37
C25 3PE V . -4.58 17.99 -12.06
C26 3PE V . -4.79 18.86 -10.84
C27 3PE V . -4.24 18.29 -9.55
C28 3PE V . -4.55 19.13 -8.32
C29 3PE V . -3.91 18.64 -7.04
C2A 3PE V . -4.35 19.36 -5.78
C2B 3PE V . -3.52 19.04 -4.55
C2C 3PE V . -2.07 19.48 -4.69
C2D 3PE V . -1.16 19.03 -3.55
C2E 3PE V . 0.30 19.34 -3.81
C2F 3PE V . 0.68 20.80 -3.67
C2G 3PE V . 0.73 21.29 -2.24
C2H 3PE V . 1.24 22.71 -2.07
C2I 3PE V . 1.39 23.12 -0.62
CU1 CUA W . 9.27 -10.90 18.57
CU2 CUA W . 10.80 -10.47 20.42
P 3PE X . -14.60 -30.66 20.75
N 3PE X . -12.85 -29.40 25.32
O11 3PE X . -14.84 -29.58 19.61
O12 3PE X . -15.84 -31.47 20.84
O13 3PE X . -14.49 -29.81 22.10
O14 3PE X . -13.31 -31.35 20.50
C11 3PE X . -13.94 -30.35 23.33
C12 3PE X . -13.94 -29.24 24.34
C1 3PE X . -15.16 -30.04 18.28
C2 3PE X . -15.54 -28.87 17.42
C3 3PE X . -16.12 -29.31 16.12
O31 3PE X . -15.47 -28.63 15.03
O32 3PE X . -17.41 -28.50 13.92
C31 3PE X . -16.22 -28.30 13.98
C32 3PE X . -15.39 -27.67 12.90
C33 3PE X . -15.76 -26.22 12.61
C34 3PE X . -17.05 -26.06 11.83
C35 3PE X . -16.98 -24.94 10.81
C36 3PE X . -16.50 -23.62 11.38
C37 3PE X . -16.27 -22.54 10.32
C38 3PE X . -17.51 -22.23 9.50
O21 3PE X . -16.62 -28.15 18.13
O22 3PE X . -16.06 -26.21 17.14
C21 3PE X . -16.78 -26.84 17.87
C22 3PE X . -17.96 -26.30 18.60
C23 3PE X . -17.96 -24.78 18.74
C24 3PE X . -18.34 -24.05 17.47
C25 3PE X . -18.72 -22.60 17.72
C26 3PE X . -19.09 -21.80 16.48
C27 3PE X . -19.61 -20.41 16.83
C28 3PE X . -19.85 -19.49 15.63
C29 3PE X . -20.47 -18.16 16.01
C2A 3PE X . -20.64 -17.20 14.85
C2B 3PE X . -21.52 -16.00 15.16
C2C 3PE X . -22.89 -16.06 14.50
C2D 3PE X . -23.71 -17.29 14.85
P 3PE Y . -43.33 2.59 -2.16
N 3PE Y . -44.76 1.98 1.98
O11 3PE Y . -41.99 2.01 -2.82
O12 3PE Y . -44.26 2.93 -3.27
O13 3PE Y . -43.91 1.30 -1.43
O14 3PE Y . -42.99 3.62 -1.16
C11 3PE Y . -44.93 1.35 -0.40
C12 3PE Y . -44.24 1.09 0.90
C1 3PE Y . -40.87 2.87 -3.08
C2 3PE Y . -39.75 2.54 -2.13
C3 3PE Y . -38.40 2.97 -2.64
O31 3PE Y . -37.73 1.81 -3.17
O32 3PE Y . -36.16 1.97 -1.59
C31 3PE Y . -36.64 1.40 -2.54
C32 3PE Y . -36.09 0.15 -3.14
C33 3PE Y . -34.72 -0.23 -2.57
C34 3PE Y . -34.78 -0.88 -1.21
C35 3PE Y . -33.46 -0.93 -0.49
C36 3PE Y . -33.37 -2.00 0.59
C37 3PE Y . -32.25 -1.82 1.59
C38 3PE Y . -32.48 -0.68 2.56
C39 3PE Y . -31.50 -0.66 3.73
C3A 3PE Y . -31.76 0.48 4.71
O21 3PE Y . -40.01 3.13 -0.81
O22 3PE Y . -39.97 5.25 -1.55
C21 3PE Y . -40.07 4.47 -0.65
C22 3PE Y . -40.25 4.82 0.79
C23 3PE Y . -39.19 4.22 1.69
C24 3PE Y . -39.31 4.68 3.14
P 3PE Z . -32.52 -19.25 -11.80
N 3PE Z . -31.84 -20.53 -16.32
O11 3PE Z . -32.89 -20.58 -11.00
O12 3PE Z . -33.68 -18.34 -11.64
O13 3PE Z . -32.48 -19.71 -13.32
O14 3PE Z . -31.19 -18.79 -11.38
C11 3PE Z . -31.58 -19.13 -14.31
C12 3PE Z . -31.04 -20.29 -15.10
C1 3PE Z . -32.41 -20.76 -9.66
C2 3PE Z . -33.54 -21.27 -8.80
C3 3PE Z . -33.92 -22.68 -9.17
O31 3PE Z . -35.23 -22.96 -8.64
O32 3PE Z . -35.90 -23.64 -10.66
C31 3PE Z . -36.13 -23.44 -9.49
C32 3PE Z . -37.45 -23.69 -8.83
C33 3PE Z . -37.40 -23.68 -7.32
C34 3PE Z . -36.79 -24.94 -6.72
C35 3PE Z . -36.51 -24.82 -5.23
C36 3PE Z . -35.49 -23.74 -4.90
C37 3PE Z . -35.25 -23.56 -3.42
C38 3PE Z . -34.17 -22.52 -3.10
C39 3PE Z . -33.99 -22.30 -1.60
C3A 3PE Z . -32.88 -21.32 -1.24
C3B 3PE Z . -32.72 -21.13 0.25
C3C 3PE Z . -31.54 -20.25 0.64
C3D 3PE Z . -31.35 -20.14 2.14
C3E 3PE Z . -30.14 -19.34 2.58
C3F 3PE Z . -29.96 -19.29 4.08
C3G 3PE Z . -28.71 -18.57 4.55
C3H 3PE Z . -28.49 -18.65 6.04
C3I 3PE Z . -29.67 -18.14 6.82
O21 3PE Z . -33.06 -21.25 -7.42
O22 3PE Z . -33.53 -19.07 -7.26
C21 3PE Z . -33.08 -20.07 -6.79
C22 3PE Z . -32.44 -20.16 -5.43
C23 3PE Z . -32.01 -18.79 -4.93
C24 3PE Z . -31.37 -18.81 -3.56
C25 3PE Z . -30.91 -17.44 -3.11
C26 3PE Z . -30.10 -17.41 -1.84
C27 3PE Z . -29.43 -16.07 -1.62
C28 3PE Z . -28.58 -15.98 -0.36
C29 3PE Z . -29.37 -16.14 0.92
C2A 3PE Z . -28.57 -15.81 2.17
P 3PE AA . 3.96 9.25 -25.01
N 3PE AA . 2.97 12.06 -28.73
O11 3PE AA . 4.82 10.22 -24.08
O12 3PE AA . 3.15 8.42 -24.08
O13 3PE AA . 2.97 10.20 -25.80
O14 3PE AA . 4.86 8.57 -25.97
C11 3PE AA . 2.78 10.11 -27.24
C12 3PE AA . 2.19 11.43 -27.64
C1 3PE AA . 5.78 9.62 -23.19
C2 3PE AA . 6.31 10.65 -22.25
C3 3PE AA . 5.20 11.47 -21.65
O31 3PE AA . 5.63 11.90 -20.34
O32 3PE AA . 3.55 12.52 -19.82
C31 3PE AA . 4.70 12.35 -19.51
C32 3PE AA . 5.27 12.60 -18.14
C33 3PE AA . 6.64 11.98 -17.97
C34 3PE AA . 6.86 11.42 -16.57
C35 3PE AA . 8.14 10.61 -16.43
C36 3PE AA . 8.24 9.78 -15.17
C37 3PE AA . 9.48 8.91 -15.08
C38 3PE AA . 9.52 7.93 -13.91
C39 3PE AA . 9.80 8.51 -12.55
C3A 3PE AA . 8.60 9.05 -11.79
O21 3PE AA . 6.90 9.92 -21.12
O22 3PE AA . 8.71 9.34 -22.33
C21 3PE AA . 8.09 9.32 -21.29
C22 3PE AA . 8.55 8.67 -20.03
C23 3PE AA . 9.91 7.99 -20.15
C24 3PE AA . 10.43 7.50 -18.80
C25 3PE AA . 11.67 6.62 -18.85
C26 3PE AA . 12.10 6.15 -17.48
C27 3PE AA . 13.18 5.07 -17.45
C28 3PE AA . 13.56 4.65 -16.05
C29 3PE AA . 12.38 4.14 -15.24
C2A 3PE AA . 12.53 4.27 -13.74
C2B 3PE AA . 13.59 3.37 -13.12
C2C 3PE AA . 13.73 3.57 -11.62
C2D 3PE AA . 14.86 2.74 -11.00
C2E 3PE AA . 15.18 3.11 -9.58
C2F 3PE AA . 16.39 2.38 -9.01
P 3PE BA . 28.88 14.10 2.57
N 3PE BA . 30.43 17.48 2.01
O11 3PE BA . 27.87 14.74 1.51
O12 3PE BA . 28.32 14.29 3.92
O13 3PE BA . 30.13 15.09 2.44
O14 3PE BA . 29.27 12.74 2.14
C11 3PE BA . 30.83 15.63 3.58
C12 3PE BA . 30.92 17.10 3.36
C1 3PE BA . 26.67 14.05 1.11
C2 3PE BA . 26.87 13.43 -0.24
C3 3PE BA . 27.23 11.97 -0.17
O31 3PE BA . 26.08 11.18 0.25
O32 3PE BA . 26.93 9.37 -0.75
C31 3PE BA . 26.05 9.91 -0.14
C32 3PE BA . 24.78 9.24 0.30
C33 3PE BA . 24.13 8.37 -0.77
C34 3PE BA . 23.37 9.15 -1.82
C35 3PE BA . 22.53 8.28 -2.74
C36 3PE BA . 21.59 7.35 -1.99
C37 3PE BA . 20.74 6.43 -2.86
C38 3PE BA . 19.70 7.16 -3.67
C39 3PE BA . 18.69 6.28 -4.36
C3A 3PE BA . 17.59 7.04 -5.07
C3B 3PE BA . 16.48 6.19 -5.64
C3C 3PE BA . 15.35 6.99 -6.26
O21 3PE BA . 25.78 13.67 -1.19
O22 3PE BA . 24.14 12.94 0.19
C21 3PE BA . 24.50 13.35 -0.89
C22 3PE BA . 23.59 13.55 -2.06
C23 3PE BA . 22.19 13.05 -1.80
C24 3PE BA . 21.34 12.98 -3.07
C25 3PE BA . 21.72 11.84 -4.00
C26 3PE BA . 20.91 11.81 -5.29
C27 3PE BA . 20.91 10.47 -5.99
C28 3PE BA . 19.98 10.44 -7.19
C29 3PE BA . 19.77 9.07 -7.83
C2A 3PE BA . 18.77 9.11 -8.98
C2B 3PE BA . 18.36 7.76 -9.54
C2C 3PE BA . 17.29 7.86 -10.62
C2D 3PE BA . 16.86 6.51 -11.17
P 3PE CA . 6.34 19.81 -28.24
N 3PE CA . 5.87 22.21 -32.72
O11 3PE CA . 7.47 18.77 -27.80
O12 3PE CA . 6.31 20.87 -27.21
O13 3PE CA . 6.86 20.50 -29.58
O14 3PE CA . 5.09 19.09 -28.54
C11 3PE CA . 5.96 21.21 -30.46
C12 3PE CA . 6.72 21.50 -31.71
C1 3PE CA . 7.11 17.56 -27.11
C2 3PE CA . 7.56 17.64 -25.68
C3 3PE CA . 6.59 16.96 -24.75
O31 3PE CA . 7.07 17.13 -23.40
O32 3PE CA . 6.69 14.98 -22.97
C31 3PE CA . 7.06 16.06 -22.61
C32 3PE CA . 7.58 16.38 -21.25
C33 3PE CA . 8.41 15.26 -20.66
C34 3PE CA . 8.99 15.58 -19.29
C35 3PE CA . 9.91 14.51 -18.76
C36 3PE CA . 10.56 14.82 -17.42
C37 3PE CA . 11.41 13.68 -16.89
C38 3PE CA . 11.92 13.88 -15.47
C39 3PE CA . 12.58 12.65 -14.89
C3A 3PE CA . 13.02 12.79 -13.44
O21 3PE CA . 8.82 16.91 -25.52
O22 3PE CA . 10.00 18.66 -26.26
C21 3PE CA . 9.96 17.57 -25.78
C22 3PE CA . 11.16 16.78 -25.35
C23 3PE CA . 11.65 17.21 -23.98
C24 3PE CA . 12.80 16.35 -23.47
C25 3PE CA . 13.19 16.64 -22.03
C26 3PE CA . 14.29 15.73 -21.52
C27 3PE CA . 14.63 15.87 -20.05
C28 3PE CA . 15.73 14.93 -19.61
C29 3PE CA . 16.02 14.89 -18.12
C2A 3PE CA . 17.04 13.84 -17.75
C2B 3PE CA . 17.23 13.67 -16.26
C2C 3PE CA . 18.22 12.58 -15.87
P 3PE DA . 7.69 12.80 19.29
N 3PE DA . 11.60 13.64 17.64
O11 3PE DA . 6.84 13.44 18.12
O12 3PE DA . 7.44 13.61 20.51
O13 3PE DA . 9.20 13.09 18.84
O14 3PE DA . 7.46 11.34 19.34
C11 3PE DA . 10.33 12.29 19.27
C12 3PE DA . 11.30 12.27 18.13
C1 3PE DA . 7.36 14.57 17.39
C2 3PE DA . 6.22 15.36 16.82
C3 3PE DA . 5.26 14.44 16.08
O31 3PE DA . 5.64 14.46 14.69
O32 3PE DA . 4.63 16.44 14.42
C31 3PE DA . 5.26 15.51 13.97
C32 3PE DA . 5.72 15.41 12.55
C33 3PE DA . 5.81 16.76 11.85
C34 3PE DA . 4.45 17.36 11.50
C35 3PE DA . 4.10 17.31 10.03
C36 3PE DA . 4.97 18.18 9.15
C37 3PE DA . 4.52 18.24 7.70
C38 3PE DA . 5.29 19.22 6.85
C39 3PE DA . 4.77 19.34 5.42
C3A 3PE DA . 5.59 20.26 4.53
C3B 3PE DA . 5.16 20.23 3.07
C3C 3PE DA . 6.11 20.95 2.13
C3D 3PE DA . 5.76 20.80 0.66
C3E 3PE DA . 6.77 21.41 -0.29
O21 3PE DA . 5.64 16.07 17.96
O22 3PE DA . 3.75 16.70 16.91
C21 3PE DA . 4.54 16.84 17.80
C22 3PE DA . 4.42 17.88 18.88
C23 3PE DA . 4.36 19.31 18.34
C24 3PE DA . 3.05 19.66 17.65
C25 3PE DA . 3.03 19.48 16.14
C26 3PE DA . 1.72 18.93 15.58
C27 3PE DA . 1.78 18.54 14.11
C28 3PE DA . 0.53 17.85 13.57
C29 3PE DA . -0.64 18.78 13.26
C2A 3PE DA . -0.42 19.68 12.06
C2B 3PE DA . -0.32 18.96 10.72
C2C 3PE DA . -0.06 19.88 9.54
C2D 3PE DA . 0.10 19.16 8.22
C2E 3PE DA . 0.40 20.07 7.03
P 3PE EA . -4.17 24.87 -19.38
N 3PE EA . -9.04 23.72 -18.68
O11 3PE EA . -3.74 25.66 -18.06
O12 3PE EA . -4.51 25.88 -20.40
O13 3PE EA . -5.52 24.14 -18.97
O14 3PE EA . -3.14 23.86 -19.68
C11 3PE EA . -6.84 24.62 -19.36
C12 3PE EA . -7.74 23.42 -19.35
C1 3PE EA . -2.95 25.01 -17.04
C2 3PE EA . -2.59 26.01 -15.97
C3 3PE EA . -3.79 26.42 -15.15
O31 3PE EA . -4.34 25.27 -14.48
O32 3PE EA . -6.26 26.38 -14.15
C31 3PE EA . -5.59 25.39 -14.01
C32 3PE EA . -6.04 24.15 -13.30
C33 3PE EA . -4.91 23.20 -12.94
C34 3PE EA . -4.01 23.70 -11.83
C35 3PE EA . -2.93 22.71 -11.40
C36 3PE EA . -2.00 23.25 -10.34
C37 3PE EA . -1.04 22.21 -9.74
C38 3PE EA . -0.16 22.73 -8.61
C39 3PE EA . -0.91 23.23 -7.37
C3A 3PE EA . -1.21 24.73 -7.36
C3B 3PE EA . 0.00 25.61 -7.18
C3C 3PE EA . -0.24 27.07 -7.53
C3D 3PE EA . 0.84 28.03 -7.06
C3E 3PE EA . 0.93 28.15 -5.54
C3F 3PE EA . 1.94 29.18 -5.06
O21 3PE EA . -1.58 25.40 -15.11
O22 3PE EA . -1.00 27.39 -14.26
C21 3PE EA . -0.80 26.21 -14.39
C22 3PE EA . 0.35 25.46 -13.80
C23 3PE EA . 0.40 25.51 -12.28
C24 3PE EA . 1.68 24.92 -11.72
C25 3PE EA . 2.93 25.75 -11.99
C26 3PE EA . 3.67 26.15 -10.72
C27 3PE EA . 4.03 24.95 -9.85
C28 3PE EA . 4.41 25.29 -8.41
C29 3PE EA . 4.62 24.07 -7.54
C2A 3PE EA . 4.79 24.39 -6.07
P 3PE FA . 12.12 -33.91 1.56
N 3PE FA . 11.17 -37.57 4.78
O11 3PE FA . 10.99 -32.80 1.50
O12 3PE FA . 11.98 -34.74 0.36
O13 3PE FA . 11.69 -34.81 2.82
O14 3PE FA . 13.42 -33.26 1.84
C11 3PE FA . 11.41 -36.22 2.74
C12 3PE FA . 12.12 -36.86 3.89
C1 3PE FA . 10.36 -32.48 0.24
C2 3PE FA . 11.13 -31.37 -0.42
C3 3PE FA . 11.50 -31.70 -1.83
O31 3PE FA . 10.43 -31.30 -2.73
O32 3PE FA . 10.36 -33.35 -3.61
C31 3PE FA . 10.01 -32.20 -3.61
C32 3PE FA . 9.09 -31.58 -4.62
C33 3PE FA . 7.61 -31.81 -4.34
C34 3PE FA . 6.73 -31.06 -5.32
C35 3PE FA . 5.24 -31.22 -5.08
C36 3PE FA . 4.38 -30.38 -6.03
C37 3PE FA . 2.88 -30.55 -5.84
C38 3PE FA . 2.06 -29.69 -6.79
C39 3PE FA . 0.56 -29.92 -6.72
O21 3PE FA . 10.31 -30.15 -0.42
O22 3PE FA . 10.93 -29.67 1.67
C21 3PE FA . 10.32 -29.39 0.68
C22 3PE FA . 9.51 -28.14 0.48
C23 3PE FA . 8.37 -28.31 -0.52
C24 3PE FA . 7.31 -29.28 -0.05
C25 3PE FA . 6.22 -29.54 -1.07
C26 3PE FA . 5.44 -28.30 -1.48
C27 3PE FA . 4.27 -28.55 -2.40
C28 3PE FA . 3.47 -27.29 -2.69
C29 3PE FA . 2.30 -27.49 -3.65
C2A 3PE FA . 1.53 -26.22 -3.92
C2B 3PE FA . 0.42 -26.37 -4.95
ZN ZN GA . -33.98 8.14 -24.80
P 3PE HA . -17.41 -17.20 24.76
N 3PE HA . -16.62 -13.68 26.70
O11 3PE HA . -17.02 -16.48 23.38
O12 3PE HA . -16.70 -18.49 24.81
O13 3PE HA . -16.73 -16.23 25.84
O14 3PE HA . -18.88 -17.17 24.91
C11 3PE HA . -15.46 -15.57 25.63
C12 3PE HA . -15.37 -14.48 26.65
C1 3PE HA . -17.74 -15.31 22.94
C2 3PE HA . -17.84 -15.34 21.44
C3 3PE HA . -16.48 -15.35 20.81
O31 3PE HA . -16.60 -15.36 19.36
O32 3PE HA . -16.41 -13.14 19.32
C31 3PE HA . -16.49 -14.19 18.74
C32 3PE HA . -16.45 -14.35 17.26
C33 3PE HA . -16.34 -13.03 16.51
C34 3PE HA . -16.46 -13.19 15.01
C35 3PE HA . -16.88 -11.92 14.30
C36 3PE HA . -17.17 -12.11 12.82
C37 3PE HA . -17.83 -10.90 12.15
C38 3PE HA . -19.20 -10.58 12.69
O21 3PE HA . -18.52 -16.60 21.13
O22 3PE HA . -19.46 -15.69 19.30
C21 3PE HA . -19.34 -16.62 20.07
C22 3PE HA . -20.09 -17.91 19.97
C23 3PE HA . -21.57 -17.72 19.70
C24 3PE HA . -22.31 -17.04 20.84
C25 3PE HA . -23.76 -16.69 20.50
C26 3PE HA . -23.89 -15.56 19.50
C27 3PE HA . -25.26 -15.43 18.84
C28 3PE HA . -25.33 -14.32 17.82
C29 3PE HA . -26.40 -14.51 16.75
C2A 3PE HA . -27.83 -14.53 17.25
C2B 3PE HA . -28.85 -14.85 16.17
C2C 3PE HA . -30.30 -14.83 16.64
C2D 3PE HA . -31.29 -15.33 15.60
C2E 3PE HA . -31.28 -14.55 14.29
C2F 3PE HA . -32.25 -15.09 13.25
O12 PC1 IA . 19.50 -19.59 -8.11
P PC1 IA . 20.26 -18.97 -9.22
O14 PC1 IA . 21.43 -18.12 -8.90
O13 PC1 IA . 20.70 -20.13 -10.20
C11 PC1 IA . 20.70 -21.52 -9.82
C12 PC1 IA . 22.05 -22.00 -10.28
N PC1 IA . 22.40 -23.44 -9.95
C13 PC1 IA . 21.64 -24.35 -10.87
C14 PC1 IA . 23.86 -23.67 -10.13
C15 PC1 IA . 22.02 -23.75 -8.54
O11 PC1 IA . 19.22 -18.12 -10.09
C1 PC1 IA . 19.64 -17.67 -11.39
C2 PC1 IA . 18.79 -16.52 -11.84
O21 PC1 IA . 17.50 -17.07 -12.24
C21 PC1 IA . 16.45 -16.90 -11.42
O22 PC1 IA . 16.50 -16.29 -10.38
C22 PC1 IA . 15.21 -17.55 -11.96
C23 PC1 IA . 14.02 -16.61 -12.01
C24 PC1 IA . 12.85 -17.13 -12.83
C25 PC1 IA . 11.73 -16.12 -12.98
C26 PC1 IA . 10.56 -16.59 -13.82
C27 PC1 IA . 9.44 -15.56 -13.93
C3 PC1 IA . 19.40 -15.85 -13.03
O31 PC1 IA . 18.50 -14.83 -13.57
C31 PC1 IA . 18.93 -14.25 -14.69
O32 PC1 IA . 19.96 -14.52 -15.23
C32 PC1 IA . 17.96 -13.23 -15.19
C33 PC1 IA . 18.39 -12.64 -16.52
C34 PC1 IA . 17.69 -11.33 -16.87
C35 PC1 IA . 16.31 -11.49 -17.48
C36 PC1 IA . 15.65 -10.15 -17.76
C37 PC1 IA . 14.30 -10.26 -18.44
C38 PC1 IA . 13.54 -8.94 -18.47
C39 PC1 IA . 12.23 -9.00 -19.23
C3A PC1 IA . 11.38 -7.75 -19.06
C3B PC1 IA . 12.09 -6.45 -19.38
N LYS JA . 37.11 -8.77 -4.27
CA LYS JA . 37.00 -7.94 -3.09
C LYS JA . 36.61 -6.51 -3.48
O LYS JA . 35.69 -6.31 -4.27
CB LYS JA . 38.30 -7.94 -2.30
CG LYS JA . 38.18 -7.39 -0.90
CD LYS JA . 37.21 -8.21 -0.06
CE LYS JA . 37.79 -9.56 0.29
NZ LYS JA . 39.01 -9.44 1.15
P 3PE KA . 27.10 -17.32 -15.96
N 3PE KA . 31.52 -18.81 -14.17
O11 3PE KA . 25.66 -17.33 -15.27
O12 3PE KA . 26.97 -18.12 -17.20
O13 3PE KA . 28.04 -18.12 -14.96
O14 3PE KA . 27.58 -15.92 -16.06
C11 3PE KA . 29.37 -17.68 -14.60
C12 3PE KA . 30.05 -18.84 -13.94
C1 3PE KA . 24.64 -18.21 -15.76
C2 3PE KA . 23.39 -17.42 -16.04
C3 3PE KA . 23.58 -16.49 -17.21
O31 3PE KA . 22.31 -15.87 -17.54
O32 3PE KA . 22.35 -16.88 -19.53
C31 3PE KA . 21.82 -16.15 -18.74
C32 3PE KA . 20.51 -15.45 -18.97
C33 3PE KA . 19.34 -16.41 -19.02
C34 3PE KA . 18.12 -15.83 -19.74
C35 3PE KA . 18.38 -15.48 -21.19
C36 3PE KA . 17.13 -15.18 -22.00
C37 3PE KA . 16.26 -14.06 -21.44
C38 3PE KA . 15.01 -13.80 -22.24
C39 3PE KA . 14.14 -12.68 -21.69
O21 3PE KA . 22.31 -18.34 -16.36
O22 3PE KA . 22.01 -18.86 -14.20
C21 3PE KA . 21.68 -18.95 -15.35
C22 3PE KA . 20.50 -19.74 -15.83
C23 3PE KA . 19.43 -19.90 -14.74
C24 3PE KA . 18.22 -20.71 -15.19
C25 3PE KA . 16.98 -19.89 -15.48
C26 3PE KA . 17.11 -18.95 -16.66
C27 3PE KA . 16.00 -17.91 -16.76
C28 3PE KA . 15.84 -17.07 -15.50
C29 3PE KA . 15.05 -15.79 -15.69
C2A 3PE KA . 13.63 -16.00 -16.18
C2B 3PE KA . 12.85 -14.71 -16.32
#